data_1U71
# 
_entry.id   1U71 
# 
_audit_conform.dict_name       mmcif_pdbx.dic 
_audit_conform.dict_version    5.389 
_audit_conform.dict_location   http://mmcif.pdb.org/dictionaries/ascii/mmcif_pdbx.dic 
# 
loop_
_database_2.database_id 
_database_2.database_code 
_database_2.pdbx_database_accession 
_database_2.pdbx_DOI 
PDB   1U71         pdb_00001u71 10.2210/pdb1u71/pdb 
RCSB  RCSB023325   ?            ?                   
WWPDB D_1000023325 ?            ?                   
# 
loop_
_pdbx_audit_revision_history.ordinal 
_pdbx_audit_revision_history.data_content_type 
_pdbx_audit_revision_history.major_revision 
_pdbx_audit_revision_history.minor_revision 
_pdbx_audit_revision_history.revision_date 
1 'Structure model' 1 0 2005-02-01 
2 'Structure model' 1 1 2008-04-30 
3 'Structure model' 1 2 2011-07-13 
4 'Structure model' 1 3 2021-10-20 
5 'Structure model' 1 4 2024-02-14 
6 'Structure model' 1 5 2024-04-03 
# 
_pdbx_audit_revision_details.ordinal             1 
_pdbx_audit_revision_details.revision_ordinal    1 
_pdbx_audit_revision_details.data_content_type   'Structure model' 
_pdbx_audit_revision_details.provider            repository 
_pdbx_audit_revision_details.type                'Initial release' 
_pdbx_audit_revision_details.description         ? 
_pdbx_audit_revision_details.details             ? 
# 
loop_
_pdbx_audit_revision_group.ordinal 
_pdbx_audit_revision_group.revision_ordinal 
_pdbx_audit_revision_group.data_content_type 
_pdbx_audit_revision_group.group 
1 2 'Structure model' 'Version format compliance' 
2 3 'Structure model' 'Version format compliance' 
3 4 'Structure model' 'Database references'       
4 4 'Structure model' 'Derived calculations'      
5 5 'Structure model' 'Data collection'           
6 6 'Structure model' 'Refinement description'    
# 
loop_
_pdbx_audit_revision_category.ordinal 
_pdbx_audit_revision_category.revision_ordinal 
_pdbx_audit_revision_category.data_content_type 
_pdbx_audit_revision_category.category 
1 4 'Structure model' database_2                    
2 4 'Structure model' struct_ref_seq_dif            
3 4 'Structure model' struct_site                   
4 5 'Structure model' chem_comp_atom                
5 5 'Structure model' chem_comp_bond                
6 6 'Structure model' pdbx_initial_refinement_model 
# 
loop_
_pdbx_audit_revision_item.ordinal 
_pdbx_audit_revision_item.revision_ordinal 
_pdbx_audit_revision_item.data_content_type 
_pdbx_audit_revision_item.item 
1 4 'Structure model' '_database_2.pdbx_DOI'                
2 4 'Structure model' '_database_2.pdbx_database_accession' 
3 4 'Structure model' '_struct_ref_seq_dif.details'         
4 4 'Structure model' '_struct_site.pdbx_auth_asym_id'      
5 4 'Structure model' '_struct_site.pdbx_auth_comp_id'      
6 4 'Structure model' '_struct_site.pdbx_auth_seq_id'       
# 
_pdbx_database_status.status_code                     REL 
_pdbx_database_status.entry_id                        1U71 
_pdbx_database_status.recvd_initial_deposition_date   2004-08-02 
_pdbx_database_status.deposit_site                    RCSB 
_pdbx_database_status.process_site                    RCSB 
_pdbx_database_status.status_code_sf                  REL 
_pdbx_database_status.status_code_mr                  ? 
_pdbx_database_status.SG_entry                        ? 
_pdbx_database_status.pdb_format_compatible           Y 
_pdbx_database_status.status_code_cs                  ? 
_pdbx_database_status.status_code_nmr_data            ? 
_pdbx_database_status.methods_development_category    ? 
# 
loop_
_audit_author.name 
_audit_author.pdbx_ordinal 
'Cody, V.'     1 
'Luft, J.R.'   2 
'Pangborn, W.' 3 
# 
_citation.id                        primary 
_citation.title                     
;Understanding the role of Leu22 variants in methotrexate resistance: comparison of wild-type and Leu22Arg variant mouse and human dihydrofolate reductase ternary crystal complexes with methotrexate and NADPH.
;
_citation.journal_abbrev            'Acta Crystallogr.,Sect.D' 
_citation.journal_volume            61 
_citation.page_first                147 
_citation.page_last                 155 
_citation.year                      2005 
_citation.journal_id_ASTM           ABCRE6 
_citation.country                   DK 
_citation.journal_id_ISSN           0907-4449 
_citation.journal_id_CSD            0766 
_citation.book_publisher            ? 
_citation.pdbx_database_id_PubMed   15681865 
_citation.pdbx_database_id_DOI      10.1107/S0907444904030422 
# 
loop_
_citation_author.citation_id 
_citation_author.name 
_citation_author.ordinal 
_citation_author.identifier_ORCID 
primary 'Cody, V.'     1 ? 
primary 'Luft, J.R.'   2 ? 
primary 'Pangborn, W.' 3 ? 
# 
loop_
_entity.id 
_entity.type 
_entity.src_method 
_entity.pdbx_description 
_entity.formula_weight 
_entity.pdbx_number_of_molecules 
_entity.pdbx_ec 
_entity.pdbx_mutation 
_entity.pdbx_fragment 
_entity.details 
1 polymer     man 'Dihydrofolate reductase'                                               21393.561 1  1.5.1.3 L22R 'human DHFR' ? 
2 non-polymer syn 'SULFATE ION'                                                           96.063    2  ?       ?    ?            ? 
3 non-polymer syn '6-(2,5-DIMETHOXY-BENZYL)-5-METHYL-PYRIDO[2,3-D]PYRIMIDINE-2,4-DIAMINE' 325.365   1  ?       ?    ?            ? 
4 water       nat water                                                                   18.015    68 ?       ?    ?            ? 
# 
_entity_poly.entity_id                      1 
_entity_poly.type                           'polypeptide(L)' 
_entity_poly.nstd_linkage                   no 
_entity_poly.nstd_monomer                   no 
_entity_poly.pdbx_seq_one_letter_code       
;VGSLNCIVAVSQNMGIGKNGDRPWPPLRNEFRYFQRMTTTSSVEGKQNLVIMGKKTWFSIPEKNRPLKGRINLVLSRELK
EPPQGAHFLSRSLDDALKLTEQPELANKVDMVWIVGGSSVYKEAMNHPGHLKLFVTRIMQDFESDTFFPEIDLEKYKLLP
EYPGVLSDVQEEKGIKYKFEVYEKND
;
_entity_poly.pdbx_seq_one_letter_code_can   
;VGSLNCIVAVSQNMGIGKNGDRPWPPLRNEFRYFQRMTTTSSVEGKQNLVIMGKKTWFSIPEKNRPLKGRINLVLSRELK
EPPQGAHFLSRSLDDALKLTEQPELANKVDMVWIVGGSSVYKEAMNHPGHLKLFVTRIMQDFESDTFFPEIDLEKYKLLP
EYPGVLSDVQEEKGIKYKFEVYEKND
;
_entity_poly.pdbx_strand_id                 A 
_entity_poly.pdbx_target_identifier         ? 
# 
loop_
_pdbx_entity_nonpoly.entity_id 
_pdbx_entity_nonpoly.name 
_pdbx_entity_nonpoly.comp_id 
2 'SULFATE ION'                                                           SO4 
3 '6-(2,5-DIMETHOXY-BENZYL)-5-METHYL-PYRIDO[2,3-D]PYRIMIDINE-2,4-DIAMINE' MXA 
4 water                                                                   HOH 
# 
loop_
_entity_poly_seq.entity_id 
_entity_poly_seq.num 
_entity_poly_seq.mon_id 
_entity_poly_seq.hetero 
1 1   VAL n 
1 2   GLY n 
1 3   SER n 
1 4   LEU n 
1 5   ASN n 
1 6   CYS n 
1 7   ILE n 
1 8   VAL n 
1 9   ALA n 
1 10  VAL n 
1 11  SER n 
1 12  GLN n 
1 13  ASN n 
1 14  MET n 
1 15  GLY n 
1 16  ILE n 
1 17  GLY n 
1 18  LYS n 
1 19  ASN n 
1 20  GLY n 
1 21  ASP n 
1 22  ARG n 
1 23  PRO n 
1 24  TRP n 
1 25  PRO n 
1 26  PRO n 
1 27  LEU n 
1 28  ARG n 
1 29  ASN n 
1 30  GLU n 
1 31  PHE n 
1 32  ARG n 
1 33  TYR n 
1 34  PHE n 
1 35  GLN n 
1 36  ARG n 
1 37  MET n 
1 38  THR n 
1 39  THR n 
1 40  THR n 
1 41  SER n 
1 42  SER n 
1 43  VAL n 
1 44  GLU n 
1 45  GLY n 
1 46  LYS n 
1 47  GLN n 
1 48  ASN n 
1 49  LEU n 
1 50  VAL n 
1 51  ILE n 
1 52  MET n 
1 53  GLY n 
1 54  LYS n 
1 55  LYS n 
1 56  THR n 
1 57  TRP n 
1 58  PHE n 
1 59  SER n 
1 60  ILE n 
1 61  PRO n 
1 62  GLU n 
1 63  LYS n 
1 64  ASN n 
1 65  ARG n 
1 66  PRO n 
1 67  LEU n 
1 68  LYS n 
1 69  GLY n 
1 70  ARG n 
1 71  ILE n 
1 72  ASN n 
1 73  LEU n 
1 74  VAL n 
1 75  LEU n 
1 76  SER n 
1 77  ARG n 
1 78  GLU n 
1 79  LEU n 
1 80  LYS n 
1 81  GLU n 
1 82  PRO n 
1 83  PRO n 
1 84  GLN n 
1 85  GLY n 
1 86  ALA n 
1 87  HIS n 
1 88  PHE n 
1 89  LEU n 
1 90  SER n 
1 91  ARG n 
1 92  SER n 
1 93  LEU n 
1 94  ASP n 
1 95  ASP n 
1 96  ALA n 
1 97  LEU n 
1 98  LYS n 
1 99  LEU n 
1 100 THR n 
1 101 GLU n 
1 102 GLN n 
1 103 PRO n 
1 104 GLU n 
1 105 LEU n 
1 106 ALA n 
1 107 ASN n 
1 108 LYS n 
1 109 VAL n 
1 110 ASP n 
1 111 MET n 
1 112 VAL n 
1 113 TRP n 
1 114 ILE n 
1 115 VAL n 
1 116 GLY n 
1 117 GLY n 
1 118 SER n 
1 119 SER n 
1 120 VAL n 
1 121 TYR n 
1 122 LYS n 
1 123 GLU n 
1 124 ALA n 
1 125 MET n 
1 126 ASN n 
1 127 HIS n 
1 128 PRO n 
1 129 GLY n 
1 130 HIS n 
1 131 LEU n 
1 132 LYS n 
1 133 LEU n 
1 134 PHE n 
1 135 VAL n 
1 136 THR n 
1 137 ARG n 
1 138 ILE n 
1 139 MET n 
1 140 GLN n 
1 141 ASP n 
1 142 PHE n 
1 143 GLU n 
1 144 SER n 
1 145 ASP n 
1 146 THR n 
1 147 PHE n 
1 148 PHE n 
1 149 PRO n 
1 150 GLU n 
1 151 ILE n 
1 152 ASP n 
1 153 LEU n 
1 154 GLU n 
1 155 LYS n 
1 156 TYR n 
1 157 LYS n 
1 158 LEU n 
1 159 LEU n 
1 160 PRO n 
1 161 GLU n 
1 162 TYR n 
1 163 PRO n 
1 164 GLY n 
1 165 VAL n 
1 166 LEU n 
1 167 SER n 
1 168 ASP n 
1 169 VAL n 
1 170 GLN n 
1 171 GLU n 
1 172 GLU n 
1 173 LYS n 
1 174 GLY n 
1 175 ILE n 
1 176 LYS n 
1 177 TYR n 
1 178 LYS n 
1 179 PHE n 
1 180 GLU n 
1 181 VAL n 
1 182 TYR n 
1 183 GLU n 
1 184 LYS n 
1 185 ASN n 
1 186 ASP n 
# 
_entity_src_gen.entity_id                          1 
_entity_src_gen.pdbx_src_id                        1 
_entity_src_gen.pdbx_alt_source_flag               sample 
_entity_src_gen.pdbx_seq_type                      ? 
_entity_src_gen.pdbx_beg_seq_num                   ? 
_entity_src_gen.pdbx_end_seq_num                   ? 
_entity_src_gen.gene_src_common_name               human 
_entity_src_gen.gene_src_genus                     Homo 
_entity_src_gen.pdbx_gene_src_gene                 DHFR 
_entity_src_gen.gene_src_species                   ? 
_entity_src_gen.gene_src_strain                    ? 
_entity_src_gen.gene_src_tissue                    ? 
_entity_src_gen.gene_src_tissue_fraction           ? 
_entity_src_gen.gene_src_details                   ? 
_entity_src_gen.pdbx_gene_src_fragment             ? 
_entity_src_gen.pdbx_gene_src_scientific_name      'Homo sapiens' 
_entity_src_gen.pdbx_gene_src_ncbi_taxonomy_id     9606 
_entity_src_gen.pdbx_gene_src_variant              ? 
_entity_src_gen.pdbx_gene_src_cell_line            ? 
_entity_src_gen.pdbx_gene_src_atcc                 ? 
_entity_src_gen.pdbx_gene_src_organ                ? 
_entity_src_gen.pdbx_gene_src_organelle            ? 
_entity_src_gen.pdbx_gene_src_cell                 ? 
_entity_src_gen.pdbx_gene_src_cellular_location    ? 
_entity_src_gen.host_org_common_name               ? 
_entity_src_gen.pdbx_host_org_scientific_name      'Escherichia coli' 
_entity_src_gen.pdbx_host_org_ncbi_taxonomy_id     562 
_entity_src_gen.host_org_genus                     Escherichia 
_entity_src_gen.pdbx_host_org_gene                 ? 
_entity_src_gen.pdbx_host_org_organ                ? 
_entity_src_gen.host_org_species                   ? 
_entity_src_gen.pdbx_host_org_tissue               ? 
_entity_src_gen.pdbx_host_org_tissue_fraction      ? 
_entity_src_gen.pdbx_host_org_strain               ? 
_entity_src_gen.pdbx_host_org_variant              ? 
_entity_src_gen.pdbx_host_org_cell_line            ? 
_entity_src_gen.pdbx_host_org_atcc                 ? 
_entity_src_gen.pdbx_host_org_culture_collection   ? 
_entity_src_gen.pdbx_host_org_cell                 ? 
_entity_src_gen.pdbx_host_org_organelle            ? 
_entity_src_gen.pdbx_host_org_cellular_location    ? 
_entity_src_gen.pdbx_host_org_vector_type          ? 
_entity_src_gen.pdbx_host_org_vector               ? 
_entity_src_gen.host_org_details                   ? 
_entity_src_gen.expression_system_id               ? 
_entity_src_gen.plasmid_name                       ? 
_entity_src_gen.plasmid_details                    ? 
_entity_src_gen.pdbx_description                   ? 
# 
loop_
_chem_comp.id 
_chem_comp.type 
_chem_comp.mon_nstd_flag 
_chem_comp.name 
_chem_comp.pdbx_synonyms 
_chem_comp.formula 
_chem_comp.formula_weight 
ALA 'L-peptide linking' y ALANINE                                                                 ? 'C3 H7 N O2'     89.093  
ARG 'L-peptide linking' y ARGININE                                                                ? 'C6 H15 N4 O2 1' 175.209 
ASN 'L-peptide linking' y ASPARAGINE                                                              ? 'C4 H8 N2 O3'    132.118 
ASP 'L-peptide linking' y 'ASPARTIC ACID'                                                         ? 'C4 H7 N O4'     133.103 
CYS 'L-peptide linking' y CYSTEINE                                                                ? 'C3 H7 N O2 S'   121.158 
GLN 'L-peptide linking' y GLUTAMINE                                                               ? 'C5 H10 N2 O3'   146.144 
GLU 'L-peptide linking' y 'GLUTAMIC ACID'                                                         ? 'C5 H9 N O4'     147.129 
GLY 'peptide linking'   y GLYCINE                                                                 ? 'C2 H5 N O2'     75.067  
HIS 'L-peptide linking' y HISTIDINE                                                               ? 'C6 H10 N3 O2 1' 156.162 
HOH non-polymer         . WATER                                                                   ? 'H2 O'           18.015  
ILE 'L-peptide linking' y ISOLEUCINE                                                              ? 'C6 H13 N O2'    131.173 
LEU 'L-peptide linking' y LEUCINE                                                                 ? 'C6 H13 N O2'    131.173 
LYS 'L-peptide linking' y LYSINE                                                                  ? 'C6 H15 N2 O2 1' 147.195 
MET 'L-peptide linking' y METHIONINE                                                              ? 'C5 H11 N O2 S'  149.211 
MXA non-polymer         . '6-(2,5-DIMETHOXY-BENZYL)-5-METHYL-PYRIDO[2,3-D]PYRIMIDINE-2,4-DIAMINE' ? 'C17 H19 N5 O2'  325.365 
PHE 'L-peptide linking' y PHENYLALANINE                                                           ? 'C9 H11 N O2'    165.189 
PRO 'L-peptide linking' y PROLINE                                                                 ? 'C5 H9 N O2'     115.130 
SER 'L-peptide linking' y SERINE                                                                  ? 'C3 H7 N O3'     105.093 
SO4 non-polymer         . 'SULFATE ION'                                                           ? 'O4 S -2'        96.063  
THR 'L-peptide linking' y THREONINE                                                               ? 'C4 H9 N O3'     119.119 
TRP 'L-peptide linking' y TRYPTOPHAN                                                              ? 'C11 H12 N2 O2'  204.225 
TYR 'L-peptide linking' y TYROSINE                                                                ? 'C9 H11 N O3'    181.189 
VAL 'L-peptide linking' y VALINE                                                                  ? 'C5 H11 N O2'    117.146 
# 
loop_
_pdbx_poly_seq_scheme.asym_id 
_pdbx_poly_seq_scheme.entity_id 
_pdbx_poly_seq_scheme.seq_id 
_pdbx_poly_seq_scheme.mon_id 
_pdbx_poly_seq_scheme.ndb_seq_num 
_pdbx_poly_seq_scheme.pdb_seq_num 
_pdbx_poly_seq_scheme.auth_seq_num 
_pdbx_poly_seq_scheme.pdb_mon_id 
_pdbx_poly_seq_scheme.auth_mon_id 
_pdbx_poly_seq_scheme.pdb_strand_id 
_pdbx_poly_seq_scheme.pdb_ins_code 
_pdbx_poly_seq_scheme.hetero 
A 1 1   VAL 1   1   1   VAL VAL A . n 
A 1 2   GLY 2   2   2   GLY GLY A . n 
A 1 3   SER 3   3   3   SER SER A . n 
A 1 4   LEU 4   4   4   LEU LEU A . n 
A 1 5   ASN 5   5   5   ASN ASN A . n 
A 1 6   CYS 6   6   6   CYS CYS A . n 
A 1 7   ILE 7   7   7   ILE ILE A . n 
A 1 8   VAL 8   8   8   VAL VAL A . n 
A 1 9   ALA 9   9   9   ALA ALA A . n 
A 1 10  VAL 10  10  10  VAL VAL A . n 
A 1 11  SER 11  11  11  SER SER A . n 
A 1 12  GLN 12  12  12  GLN GLN A . n 
A 1 13  ASN 13  13  13  ASN ASN A . n 
A 1 14  MET 14  14  14  MET MET A . n 
A 1 15  GLY 15  15  15  GLY GLY A . n 
A 1 16  ILE 16  16  16  ILE ILE A . n 
A 1 17  GLY 17  17  17  GLY GLY A . n 
A 1 18  LYS 18  18  18  LYS LYS A . n 
A 1 19  ASN 19  19  19  ASN ASN A . n 
A 1 20  GLY 20  20  20  GLY GLY A . n 
A 1 21  ASP 21  21  21  ASP ASP A . n 
A 1 22  ARG 22  22  22  ARG ARG A . n 
A 1 23  PRO 23  23  23  PRO PRO A . n 
A 1 24  TRP 24  24  24  TRP TRP A . n 
A 1 25  PRO 25  25  25  PRO PRO A . n 
A 1 26  PRO 26  26  26  PRO PRO A . n 
A 1 27  LEU 27  27  27  LEU LEU A . n 
A 1 28  ARG 28  28  28  ARG ARG A . n 
A 1 29  ASN 29  29  29  ASN ASN A . n 
A 1 30  GLU 30  30  30  GLU GLU A . n 
A 1 31  PHE 31  31  31  PHE PHE A . n 
A 1 32  ARG 32  32  32  ARG ARG A . n 
A 1 33  TYR 33  33  33  TYR TYR A . n 
A 1 34  PHE 34  34  34  PHE PHE A . n 
A 1 35  GLN 35  35  35  GLN GLN A . n 
A 1 36  ARG 36  36  36  ARG ARG A . n 
A 1 37  MET 37  37  37  MET MET A . n 
A 1 38  THR 38  38  38  THR THR A . n 
A 1 39  THR 39  39  39  THR THR A . n 
A 1 40  THR 40  40  40  THR THR A . n 
A 1 41  SER 41  41  41  SER SER A . n 
A 1 42  SER 42  42  42  SER SER A . n 
A 1 43  VAL 43  43  43  VAL VAL A . n 
A 1 44  GLU 44  44  44  GLU GLU A . n 
A 1 45  GLY 45  45  45  GLY GLY A . n 
A 1 46  LYS 46  46  46  LYS LYS A . n 
A 1 47  GLN 47  47  47  GLN GLN A . n 
A 1 48  ASN 48  48  48  ASN ASN A . n 
A 1 49  LEU 49  49  49  LEU LEU A . n 
A 1 50  VAL 50  50  50  VAL VAL A . n 
A 1 51  ILE 51  51  51  ILE ILE A . n 
A 1 52  MET 52  52  52  MET MET A . n 
A 1 53  GLY 53  53  53  GLY GLY A . n 
A 1 54  LYS 54  54  54  LYS LYS A . n 
A 1 55  LYS 55  55  55  LYS LYS A . n 
A 1 56  THR 56  56  56  THR THR A . n 
A 1 57  TRP 57  57  57  TRP TRP A . n 
A 1 58  PHE 58  58  58  PHE PHE A . n 
A 1 59  SER 59  59  59  SER SER A . n 
A 1 60  ILE 60  60  60  ILE ILE A . n 
A 1 61  PRO 61  61  61  PRO PRO A . n 
A 1 62  GLU 62  62  62  GLU GLU A . n 
A 1 63  LYS 63  63  63  LYS LYS A . n 
A 1 64  ASN 64  64  64  ASN ASN A . n 
A 1 65  ARG 65  65  65  ARG ARG A . n 
A 1 66  PRO 66  66  66  PRO PRO A . n 
A 1 67  LEU 67  67  67  LEU LEU A . n 
A 1 68  LYS 68  68  68  LYS LYS A . n 
A 1 69  GLY 69  69  69  GLY GLY A . n 
A 1 70  ARG 70  70  70  ARG ARG A . n 
A 1 71  ILE 71  71  71  ILE ILE A . n 
A 1 72  ASN 72  72  72  ASN ASN A . n 
A 1 73  LEU 73  73  73  LEU LEU A . n 
A 1 74  VAL 74  74  74  VAL VAL A . n 
A 1 75  LEU 75  75  75  LEU LEU A . n 
A 1 76  SER 76  76  76  SER SER A . n 
A 1 77  ARG 77  77  77  ARG ARG A . n 
A 1 78  GLU 78  78  78  GLU GLU A . n 
A 1 79  LEU 79  79  79  LEU LEU A . n 
A 1 80  LYS 80  80  80  LYS LYS A . n 
A 1 81  GLU 81  81  81  GLU GLU A . n 
A 1 82  PRO 82  82  82  PRO PRO A . n 
A 1 83  PRO 83  83  83  PRO PRO A . n 
A 1 84  GLN 84  84  84  GLN GLN A . n 
A 1 85  GLY 85  85  85  GLY GLY A . n 
A 1 86  ALA 86  86  86  ALA ALA A . n 
A 1 87  HIS 87  87  87  HIS HIS A . n 
A 1 88  PHE 88  88  88  PHE PHE A . n 
A 1 89  LEU 89  89  89  LEU LEU A . n 
A 1 90  SER 90  90  90  SER SER A . n 
A 1 91  ARG 91  91  91  ARG ARG A . n 
A 1 92  SER 92  92  92  SER SER A . n 
A 1 93  LEU 93  93  93  LEU LEU A . n 
A 1 94  ASP 94  94  94  ASP ASP A . n 
A 1 95  ASP 95  95  95  ASP ASP A . n 
A 1 96  ALA 96  96  96  ALA ALA A . n 
A 1 97  LEU 97  97  97  LEU LEU A . n 
A 1 98  LYS 98  98  98  LYS LYS A . n 
A 1 99  LEU 99  99  99  LEU LEU A . n 
A 1 100 THR 100 100 100 THR THR A . n 
A 1 101 GLU 101 101 101 GLU GLU A . n 
A 1 102 GLN 102 102 102 GLN GLN A . n 
A 1 103 PRO 103 103 103 PRO PRO A . n 
A 1 104 GLU 104 104 104 GLU GLU A . n 
A 1 105 LEU 105 105 105 LEU LEU A . n 
A 1 106 ALA 106 106 106 ALA ALA A . n 
A 1 107 ASN 107 107 107 ASN ASN A . n 
A 1 108 LYS 108 108 108 LYS LYS A . n 
A 1 109 VAL 109 109 109 VAL VAL A . n 
A 1 110 ASP 110 110 110 ASP ASP A . n 
A 1 111 MET 111 111 111 MET MET A . n 
A 1 112 VAL 112 112 112 VAL VAL A . n 
A 1 113 TRP 113 113 113 TRP TRP A . n 
A 1 114 ILE 114 114 114 ILE ILE A . n 
A 1 115 VAL 115 115 115 VAL VAL A . n 
A 1 116 GLY 116 116 116 GLY GLY A . n 
A 1 117 GLY 117 117 117 GLY GLY A . n 
A 1 118 SER 118 118 118 SER SER A . n 
A 1 119 SER 119 119 119 SER SER A . n 
A 1 120 VAL 120 120 120 VAL VAL A . n 
A 1 121 TYR 121 121 121 TYR TYR A . n 
A 1 122 LYS 122 122 122 LYS LYS A . n 
A 1 123 GLU 123 123 123 GLU GLU A . n 
A 1 124 ALA 124 124 124 ALA ALA A . n 
A 1 125 MET 125 125 125 MET MET A . n 
A 1 126 ASN 126 126 126 ASN ASN A . n 
A 1 127 HIS 127 127 127 HIS HIS A . n 
A 1 128 PRO 128 128 128 PRO PRO A . n 
A 1 129 GLY 129 129 129 GLY GLY A . n 
A 1 130 HIS 130 130 130 HIS HIS A . n 
A 1 131 LEU 131 131 131 LEU LEU A . n 
A 1 132 LYS 132 132 132 LYS LYS A . n 
A 1 133 LEU 133 133 133 LEU LEU A . n 
A 1 134 PHE 134 134 134 PHE PHE A . n 
A 1 135 VAL 135 135 135 VAL VAL A . n 
A 1 136 THR 136 136 136 THR THR A . n 
A 1 137 ARG 137 137 137 ARG ARG A . n 
A 1 138 ILE 138 138 138 ILE ILE A . n 
A 1 139 MET 139 139 139 MET MET A . n 
A 1 140 GLN 140 140 140 GLN GLN A . n 
A 1 141 ASP 141 141 141 ASP ASP A . n 
A 1 142 PHE 142 142 142 PHE PHE A . n 
A 1 143 GLU 143 143 143 GLU GLU A . n 
A 1 144 SER 144 144 144 SER SER A . n 
A 1 145 ASP 145 145 145 ASP ASP A . n 
A 1 146 THR 146 146 146 THR THR A . n 
A 1 147 PHE 147 147 147 PHE PHE A . n 
A 1 148 PHE 148 148 148 PHE PHE A . n 
A 1 149 PRO 149 149 149 PRO PRO A . n 
A 1 150 GLU 150 150 150 GLU GLU A . n 
A 1 151 ILE 151 151 151 ILE ILE A . n 
A 1 152 ASP 152 152 152 ASP ASP A . n 
A 1 153 LEU 153 153 153 LEU LEU A . n 
A 1 154 GLU 154 154 154 GLU GLU A . n 
A 1 155 LYS 155 155 155 LYS LYS A . n 
A 1 156 TYR 156 156 156 TYR TYR A . n 
A 1 157 LYS 157 157 157 LYS LYS A . n 
A 1 158 LEU 158 158 158 LEU LEU A . n 
A 1 159 LEU 159 159 159 LEU LEU A . n 
A 1 160 PRO 160 160 160 PRO PRO A . n 
A 1 161 GLU 161 161 161 GLU GLU A . n 
A 1 162 TYR 162 162 162 TYR TYR A . n 
A 1 163 PRO 163 163 163 PRO PRO A . n 
A 1 164 GLY 164 164 164 GLY GLY A . n 
A 1 165 VAL 165 165 165 VAL VAL A . n 
A 1 166 LEU 166 166 166 LEU LEU A . n 
A 1 167 SER 167 167 167 SER SER A . n 
A 1 168 ASP 168 168 168 ASP ASP A . n 
A 1 169 VAL 169 169 169 VAL VAL A . n 
A 1 170 GLN 170 170 170 GLN GLN A . n 
A 1 171 GLU 171 171 171 GLU GLU A . n 
A 1 172 GLU 172 172 172 GLU GLU A . n 
A 1 173 LYS 173 173 173 LYS LYS A . n 
A 1 174 GLY 174 174 174 GLY GLY A . n 
A 1 175 ILE 175 175 175 ILE ILE A . n 
A 1 176 LYS 176 176 176 LYS LYS A . n 
A 1 177 TYR 177 177 177 TYR TYR A . n 
A 1 178 LYS 178 178 178 LYS LYS A . n 
A 1 179 PHE 179 179 179 PHE PHE A . n 
A 1 180 GLU 180 180 180 GLU GLU A . n 
A 1 181 VAL 181 181 181 VAL VAL A . n 
A 1 182 TYR 182 182 182 TYR TYR A . n 
A 1 183 GLU 183 183 183 GLU GLU A . n 
A 1 184 LYS 184 184 184 LYS LYS A . n 
A 1 185 ASN 185 185 185 ASN ASN A . n 
A 1 186 ASP 186 186 186 ASP ASP A . n 
# 
loop_
_pdbx_nonpoly_scheme.asym_id 
_pdbx_nonpoly_scheme.entity_id 
_pdbx_nonpoly_scheme.mon_id 
_pdbx_nonpoly_scheme.ndb_seq_num 
_pdbx_nonpoly_scheme.pdb_seq_num 
_pdbx_nonpoly_scheme.auth_seq_num 
_pdbx_nonpoly_scheme.pdb_mon_id 
_pdbx_nonpoly_scheme.auth_mon_id 
_pdbx_nonpoly_scheme.pdb_strand_id 
_pdbx_nonpoly_scheme.pdb_ins_code 
B 2 SO4 1  188 188 SO4 SUL A . 
C 2 SO4 1  189 189 SO4 SUL A . 
D 3 MXA 1  187 187 MXA COE A . 
E 4 HOH 1  190 190 HOH WAT A . 
E 4 HOH 2  191 191 HOH WAT A . 
E 4 HOH 3  192 192 HOH WAT A . 
E 4 HOH 4  193 193 HOH WAT A . 
E 4 HOH 5  194 194 HOH WAT A . 
E 4 HOH 6  195 195 HOH WAT A . 
E 4 HOH 7  196 196 HOH WAT A . 
E 4 HOH 8  197 197 HOH WAT A . 
E 4 HOH 9  198 198 HOH WAT A . 
E 4 HOH 10 199 199 HOH WAT A . 
E 4 HOH 11 200 200 HOH WAT A . 
E 4 HOH 12 201 201 HOH WAT A . 
E 4 HOH 13 202 202 HOH WAT A . 
E 4 HOH 14 203 203 HOH WAT A . 
E 4 HOH 15 204 204 HOH WAT A . 
E 4 HOH 16 205 205 HOH WAT A . 
E 4 HOH 17 206 206 HOH WAT A . 
E 4 HOH 18 207 207 HOH WAT A . 
E 4 HOH 19 208 208 HOH WAT A . 
E 4 HOH 20 209 209 HOH WAT A . 
E 4 HOH 21 210 210 HOH WAT A . 
E 4 HOH 22 211 211 HOH WAT A . 
E 4 HOH 23 212 212 HOH WAT A . 
E 4 HOH 24 213 213 HOH WAT A . 
E 4 HOH 25 214 214 HOH WAT A . 
E 4 HOH 26 215 215 HOH WAT A . 
E 4 HOH 27 216 216 HOH WAT A . 
E 4 HOH 28 217 217 HOH WAT A . 
E 4 HOH 29 218 218 HOH WAT A . 
E 4 HOH 30 219 219 HOH WAT A . 
E 4 HOH 31 220 220 HOH WAT A . 
E 4 HOH 32 221 221 HOH WAT A . 
E 4 HOH 33 222 222 HOH WAT A . 
E 4 HOH 34 223 223 HOH WAT A . 
E 4 HOH 35 224 224 HOH WAT A . 
E 4 HOH 36 225 225 HOH WAT A . 
E 4 HOH 37 226 226 HOH WAT A . 
E 4 HOH 38 227 227 HOH WAT A . 
E 4 HOH 39 228 228 HOH WAT A . 
E 4 HOH 40 229 229 HOH WAT A . 
E 4 HOH 41 230 230 HOH WAT A . 
E 4 HOH 42 231 231 HOH WAT A . 
E 4 HOH 43 232 232 HOH WAT A . 
E 4 HOH 44 233 233 HOH WAT A . 
E 4 HOH 45 234 234 HOH WAT A . 
E 4 HOH 46 235 235 HOH WAT A . 
E 4 HOH 47 236 236 HOH WAT A . 
E 4 HOH 48 237 237 HOH WAT A . 
E 4 HOH 49 238 238 HOH WAT A . 
E 4 HOH 50 239 239 HOH WAT A . 
E 4 HOH 51 240 240 HOH WAT A . 
E 4 HOH 52 241 241 HOH WAT A . 
E 4 HOH 53 242 242 HOH WAT A . 
E 4 HOH 54 243 243 HOH WAT A . 
E 4 HOH 55 244 244 HOH WAT A . 
E 4 HOH 56 245 245 HOH WAT A . 
E 4 HOH 57 246 246 HOH WAT A . 
E 4 HOH 58 247 247 HOH WAT A . 
E 4 HOH 59 248 248 HOH WAT A . 
E 4 HOH 60 249 249 HOH WAT A . 
E 4 HOH 61 250 250 HOH WAT A . 
E 4 HOH 62 251 251 HOH WAT A . 
E 4 HOH 63 252 252 HOH WAT A . 
E 4 HOH 64 253 253 HOH WAT A . 
E 4 HOH 65 254 254 HOH WAT A . 
E 4 HOH 66 255 255 HOH WAT A . 
E 4 HOH 67 256 256 HOH WAT A . 
E 4 HOH 68 257 257 HOH WAT A . 
# 
loop_
_software.name 
_software.classification 
_software.version 
_software.citation_id 
_software.pdbx_ordinal 
DENZO     'data reduction' . ? 1 
SCALEPACK 'data scaling'   . ? 2 
PROTEIN   'model building' . ? 3 
PROLSQ    refinement       . ? 4 
PROTEIN   phasing          . ? 5 
# 
_cell.entry_id           1U71 
_cell.length_a           85.144 
_cell.length_b           85.144 
_cell.length_c           78.042 
_cell.angle_alpha        90.00 
_cell.angle_beta         90.00 
_cell.angle_gamma        120.00 
_cell.Z_PDB              9 
_cell.pdbx_unique_axis   ? 
# 
_symmetry.entry_id                         1U71 
_symmetry.space_group_name_H-M             'H 3' 
_symmetry.pdbx_full_space_group_name_H-M   ? 
_symmetry.Int_Tables_number                146 
_symmetry.cell_setting                     ? 
_symmetry.space_group_name_Hall            ? 
# 
_exptl.entry_id          1U71 
_exptl.method            'X-RAY DIFFRACTION' 
_exptl.crystals_number   1 
# 
_exptl_crystal.id                    1 
_exptl_crystal.density_meas          ? 
_exptl_crystal.density_Matthews      2.54 
_exptl_crystal.density_percent_sol   51.64 
_exptl_crystal.description           ? 
_exptl_crystal.F_000                 ? 
_exptl_crystal.preparation           ? 
# 
_exptl_crystal_grow.crystal_id      1 
_exptl_crystal_grow.method          'VAPOR DIFFUSION, HANGING DROP' 
_exptl_crystal_grow.temp            298 
_exptl_crystal_grow.temp_details    ? 
_exptl_crystal_grow.pH              7.0 
_exptl_crystal_grow.pdbx_details    '62% AS, phosphate, pH 7.0, VAPOR DIFFUSION, HANGING DROP, temperature 298K' 
_exptl_crystal_grow.pdbx_pH_range   . 
# 
_diffrn.id                     1 
_diffrn.ambient_temp           298 
_diffrn.ambient_temp_details   ? 
_diffrn.crystal_id             1 
# 
_diffrn_detector.diffrn_id              1 
_diffrn_detector.detector               'IMAGE PLATE' 
_diffrn_detector.type                   'RIGAKU RAXIS IIC' 
_diffrn_detector.pdbx_collection_date   1994-07-18 
_diffrn_detector.details                mirrors 
# 
_diffrn_radiation.diffrn_id                        1 
_diffrn_radiation.wavelength_id                    1 
_diffrn_radiation.pdbx_monochromatic_or_laue_m_l   M 
_diffrn_radiation.monochromator                    graphite 
_diffrn_radiation.pdbx_diffrn_protocol             'SINGLE WAVELENGTH' 
_diffrn_radiation.pdbx_scattering_type             x-ray 
# 
_diffrn_radiation_wavelength.id           1 
_diffrn_radiation_wavelength.wavelength   1.5418 
_diffrn_radiation_wavelength.wt           1.0 
# 
_diffrn_source.diffrn_id                   1 
_diffrn_source.source                      'ROTATING ANODE' 
_diffrn_source.type                        'RIGAKU RU200' 
_diffrn_source.pdbx_synchrotron_site       ? 
_diffrn_source.pdbx_synchrotron_beamline   ? 
_diffrn_source.pdbx_wavelength             1.5418 
_diffrn_source.pdbx_wavelength_list        ? 
# 
_reflns.entry_id                     1U71 
_reflns.observed_criterion_sigma_F   2.0 
_reflns.observed_criterion_sigma_I   2.0 
_reflns.d_resolution_high            2.20 
_reflns.d_resolution_low             50.0 
_reflns.number_all                   6909 
_reflns.number_obs                   6383 
_reflns.percent_possible_obs         87.1 
_reflns.pdbx_Rmerge_I_obs            0.058 
_reflns.pdbx_Rsym_value              ? 
_reflns.pdbx_netI_over_sigmaI        ? 
_reflns.B_iso_Wilson_estimate        ? 
_reflns.pdbx_redundancy              ? 
_reflns.R_free_details               ? 
_reflns.limit_h_max                  ? 
_reflns.limit_h_min                  ? 
_reflns.limit_k_max                  ? 
_reflns.limit_k_min                  ? 
_reflns.limit_l_max                  ? 
_reflns.limit_l_min                  ? 
_reflns.observed_criterion_F_max     ? 
_reflns.observed_criterion_F_min     ? 
_reflns.pdbx_chi_squared             ? 
_reflns.pdbx_scaling_rejects         ? 
_reflns.pdbx_diffrn_id               1 
_reflns.pdbx_ordinal                 1 
# 
_reflns_shell.d_res_high             2.20 
_reflns_shell.d_res_low              2.3 
_reflns_shell.percent_possible_all   60.5 
_reflns_shell.Rmerge_I_obs           ? 
_reflns_shell.pdbx_Rsym_value        ? 
_reflns_shell.meanI_over_sigI_obs    ? 
_reflns_shell.pdbx_redundancy        ? 
_reflns_shell.percent_possible_obs   ? 
_reflns_shell.number_unique_all      ? 
_reflns_shell.number_measured_all    ? 
_reflns_shell.number_measured_obs    ? 
_reflns_shell.number_unique_obs      ? 
_reflns_shell.pdbx_chi_squared       ? 
_reflns_shell.pdbx_diffrn_id         ? 
_reflns_shell.pdbx_ordinal           1 
# 
_refine.entry_id                                 1U71 
_refine.ls_d_res_high                            2.20 
_refine.ls_d_res_low                             50.0 
_refine.pdbx_ls_sigma_F                          2.0 
_refine.pdbx_ls_sigma_I                          ? 
_refine.ls_number_reflns_all                     6909 
_refine.ls_number_reflns_obs                     6383 
_refine.ls_number_reflns_R_free                  526 
_refine.ls_percent_reflns_obs                    87.1 
_refine.ls_R_factor_all                          ? 
_refine.ls_R_factor_obs                          ? 
_refine.ls_R_factor_R_work                       0.211 
_refine.ls_R_factor_R_free                       0.236 
_refine.ls_redundancy_reflns_obs                 ? 
_refine.pdbx_data_cutoff_high_absF               ? 
_refine.pdbx_data_cutoff_low_absF                ? 
_refine.ls_number_parameters                     ? 
_refine.ls_number_restraints                     ? 
_refine.ls_percent_reflns_R_free                 ? 
_refine.ls_R_factor_R_free_error                 ? 
_refine.ls_R_factor_R_free_error_details         ? 
_refine.pdbx_method_to_determine_struct          'MOLECULAR REPLACEMENT' 
_refine.pdbx_starting_model                      'wild type hDHFR' 
_refine.pdbx_ls_cross_valid_method               ? 
_refine.pdbx_R_Free_selection_details            '2 sigma cutoff' 
_refine.pdbx_stereochem_target_val_spec_case     ? 
_refine.pdbx_stereochemistry_target_values       ? 
_refine.solvent_model_details                    ? 
_refine.solvent_model_param_bsol                 ? 
_refine.solvent_model_param_ksol                 ? 
_refine.occupancy_max                            ? 
_refine.occupancy_min                            ? 
_refine.pdbx_isotropic_thermal_model             ? 
_refine.B_iso_mean                               ? 
_refine.aniso_B[1][1]                            ? 
_refine.aniso_B[1][2]                            ? 
_refine.aniso_B[1][3]                            ? 
_refine.aniso_B[2][2]                            ? 
_refine.aniso_B[2][3]                            ? 
_refine.aniso_B[3][3]                            ? 
_refine.details                                  ? 
_refine.B_iso_min                                ? 
_refine.B_iso_max                                ? 
_refine.correlation_coeff_Fo_to_Fc               ? 
_refine.correlation_coeff_Fo_to_Fc_free          ? 
_refine.pdbx_solvent_vdw_probe_radii             ? 
_refine.pdbx_solvent_ion_probe_radii             ? 
_refine.pdbx_solvent_shrinkage_radii             ? 
_refine.overall_SU_R_Cruickshank_DPI             ? 
_refine.overall_SU_R_free                        ? 
_refine.overall_SU_B                             ? 
_refine.overall_SU_ML                            ? 
_refine.pdbx_overall_ESU_R                       ? 
_refine.pdbx_overall_ESU_R_Free                  ? 
_refine.pdbx_data_cutoff_high_rms_absF           ? 
_refine.ls_wR_factor_R_free                      ? 
_refine.ls_wR_factor_R_work                      ? 
_refine.overall_FOM_free_R_set                   ? 
_refine.overall_FOM_work_R_set                   ? 
_refine.pdbx_refine_id                           'X-RAY DIFFRACTION' 
_refine.pdbx_diffrn_id                           1 
_refine.pdbx_TLS_residual_ADP_flag               ? 
_refine.pdbx_overall_phase_error                 ? 
_refine.pdbx_overall_SU_R_free_Cruickshank_DPI   ? 
_refine.pdbx_overall_SU_R_Blow_DPI               ? 
_refine.pdbx_overall_SU_R_free_Blow_DPI          ? 
# 
_refine_hist.pdbx_refine_id                   'X-RAY DIFFRACTION' 
_refine_hist.cycle_id                         LAST 
_refine_hist.pdbx_number_atoms_protein        1505 
_refine_hist.pdbx_number_atoms_nucleic_acid   0 
_refine_hist.pdbx_number_atoms_ligand         34 
_refine_hist.number_atoms_solvent             68 
_refine_hist.number_atoms_total               1607 
_refine_hist.d_res_high                       2.20 
_refine_hist.d_res_low                        50.0 
# 
loop_
_refine_ls_restr.type 
_refine_ls_restr.dev_ideal 
_refine_ls_restr.dev_ideal_target 
_refine_ls_restr.weight 
_refine_ls_restr.number 
_refine_ls_restr.pdbx_refine_id 
_refine_ls_restr.pdbx_restraint_function 
p_bond_d     0.018 ? ? ? 'X-RAY DIFFRACTION' ? 
p_angle_d    0.059 ? ? ? 'X-RAY DIFFRACTION' ? 
p_mcbond_it  0.064 ? ? ? 'X-RAY DIFFRACTION' ? 
p_mcangle_it 0.254 ? ? ? 'X-RAY DIFFRACTION' ? 
# 
_struct.entry_id                  1U71 
_struct.title                     
;Understanding the Role of Leu22 Variants in Methotrexate Resistance: Comparison of Wild-type and Leu22Arg Variant Mouse and Human Dihydrofolate Reductase Ternary Crystal Complexes with Methotrexate and NADPH
;
_struct.pdbx_model_details        ? 
_struct.pdbx_CASP_flag            ? 
_struct.pdbx_model_type_details   ? 
# 
_struct_keywords.entry_id        1U71 
_struct_keywords.pdbx_keywords   OXIDOREDUCTASE 
_struct_keywords.text            'human DHFR L22R variant, OXIDOREDUCTASE' 
# 
loop_
_struct_asym.id 
_struct_asym.pdbx_blank_PDB_chainid_flag 
_struct_asym.pdbx_modified 
_struct_asym.entity_id 
_struct_asym.details 
A N N 1 ? 
B N N 2 ? 
C N N 2 ? 
D N N 3 ? 
E N N 4 ? 
# 
_struct_ref.id                         1 
_struct_ref.db_name                    UNP 
_struct_ref.db_code                    DYR_HUMAN 
_struct_ref.pdbx_db_accession          P00374 
_struct_ref.entity_id                  1 
_struct_ref.pdbx_seq_one_letter_code   
;VGSLNCIVAVSQNMGIGKNGDLPWPPLRNEFRYFQRMTTTSSVEGKQNLVIMGKKTWFSIPEKNRPLKGRINLVLSRELK
EPPQGAHFLSRSLDDALKLTEQPELANKVDMVWIVGGSSVYKEAMNHPGHLKLFVTRIMQDFESDTFFPEIDLEKYKLLP
EYPGVLSDVQEEKGIKYKFEVYEKND
;
_struct_ref.pdbx_align_begin           1 
_struct_ref.pdbx_db_isoform            ? 
# 
_struct_ref_seq.align_id                      1 
_struct_ref_seq.ref_id                        1 
_struct_ref_seq.pdbx_PDB_id_code              1U71 
_struct_ref_seq.pdbx_strand_id                A 
_struct_ref_seq.seq_align_beg                 1 
_struct_ref_seq.pdbx_seq_align_beg_ins_code   ? 
_struct_ref_seq.seq_align_end                 186 
_struct_ref_seq.pdbx_seq_align_end_ins_code   ? 
_struct_ref_seq.pdbx_db_accession             P00374 
_struct_ref_seq.db_align_beg                  1 
_struct_ref_seq.pdbx_db_align_beg_ins_code    ? 
_struct_ref_seq.db_align_end                  186 
_struct_ref_seq.pdbx_db_align_end_ins_code    ? 
_struct_ref_seq.pdbx_auth_seq_align_beg       1 
_struct_ref_seq.pdbx_auth_seq_align_end       186 
# 
_struct_ref_seq_dif.align_id                     1 
_struct_ref_seq_dif.pdbx_pdb_id_code             1U71 
_struct_ref_seq_dif.mon_id                       ARG 
_struct_ref_seq_dif.pdbx_pdb_strand_id           A 
_struct_ref_seq_dif.seq_num                      22 
_struct_ref_seq_dif.pdbx_pdb_ins_code            ? 
_struct_ref_seq_dif.pdbx_seq_db_name             UNP 
_struct_ref_seq_dif.pdbx_seq_db_accession_code   P00374 
_struct_ref_seq_dif.db_mon_id                    LEU 
_struct_ref_seq_dif.pdbx_seq_db_seq_num          22 
_struct_ref_seq_dif.details                      'engineered mutation' 
_struct_ref_seq_dif.pdbx_auth_seq_num            22 
_struct_ref_seq_dif.pdbx_ordinal                 1 
# 
_pdbx_struct_assembly.id                   1 
_pdbx_struct_assembly.details              author_defined_assembly 
_pdbx_struct_assembly.method_details       ? 
_pdbx_struct_assembly.oligomeric_details   monomeric 
_pdbx_struct_assembly.oligomeric_count     1 
# 
_pdbx_struct_assembly_gen.assembly_id       1 
_pdbx_struct_assembly_gen.oper_expression   1 
_pdbx_struct_assembly_gen.asym_id_list      A,B,C,D,E 
# 
_pdbx_struct_oper_list.id                   1 
_pdbx_struct_oper_list.type                 'identity operation' 
_pdbx_struct_oper_list.name                 1_555 
_pdbx_struct_oper_list.symmetry_operation   x,y,z 
_pdbx_struct_oper_list.matrix[1][1]         1.0000000000 
_pdbx_struct_oper_list.matrix[1][2]         0.0000000000 
_pdbx_struct_oper_list.matrix[1][3]         0.0000000000 
_pdbx_struct_oper_list.vector[1]            0.0000000000 
_pdbx_struct_oper_list.matrix[2][1]         0.0000000000 
_pdbx_struct_oper_list.matrix[2][2]         1.0000000000 
_pdbx_struct_oper_list.matrix[2][3]         0.0000000000 
_pdbx_struct_oper_list.vector[2]            0.0000000000 
_pdbx_struct_oper_list.matrix[3][1]         0.0000000000 
_pdbx_struct_oper_list.matrix[3][2]         0.0000000000 
_pdbx_struct_oper_list.matrix[3][3]         1.0000000000 
_pdbx_struct_oper_list.vector[3]            0.0000000000 
# 
loop_
_struct_conf.conf_type_id 
_struct_conf.id 
_struct_conf.pdbx_PDB_helix_id 
_struct_conf.beg_label_comp_id 
_struct_conf.beg_label_asym_id 
_struct_conf.beg_label_seq_id 
_struct_conf.pdbx_beg_PDB_ins_code 
_struct_conf.end_label_comp_id 
_struct_conf.end_label_asym_id 
_struct_conf.end_label_seq_id 
_struct_conf.pdbx_end_PDB_ins_code 
_struct_conf.beg_auth_comp_id 
_struct_conf.beg_auth_asym_id 
_struct_conf.beg_auth_seq_id 
_struct_conf.end_auth_comp_id 
_struct_conf.end_auth_asym_id 
_struct_conf.end_auth_seq_id 
_struct_conf.pdbx_PDB_helix_class 
_struct_conf.details 
_struct_conf.pdbx_PDB_helix_length 
HELX_P HELX_P1 1 LEU A 27  ? THR A 40  ? LEU A 27  THR A 40  1 ? 14 
HELX_P HELX_P2 2 LYS A 54  ? SER A 59  ? LYS A 54  SER A 59  1 ? 6  
HELX_P HELX_P3 3 ILE A 60  ? ARG A 65  ? ILE A 60  ARG A 65  5 ? 6  
HELX_P HELX_P4 4 SER A 92  ? GLN A 102 ? SER A 92  GLN A 102 1 ? 11 
HELX_P HELX_P5 5 GLY A 117 ? MET A 125 ? GLY A 117 MET A 125 1 ? 9  
# 
_struct_conf_type.id          HELX_P 
_struct_conf_type.criteria    ? 
_struct_conf_type.reference   ? 
# 
loop_
_struct_mon_prot_cis.pdbx_id 
_struct_mon_prot_cis.label_comp_id 
_struct_mon_prot_cis.label_seq_id 
_struct_mon_prot_cis.label_asym_id 
_struct_mon_prot_cis.label_alt_id 
_struct_mon_prot_cis.pdbx_PDB_ins_code 
_struct_mon_prot_cis.auth_comp_id 
_struct_mon_prot_cis.auth_seq_id 
_struct_mon_prot_cis.auth_asym_id 
_struct_mon_prot_cis.pdbx_label_comp_id_2 
_struct_mon_prot_cis.pdbx_label_seq_id_2 
_struct_mon_prot_cis.pdbx_label_asym_id_2 
_struct_mon_prot_cis.pdbx_PDB_ins_code_2 
_struct_mon_prot_cis.pdbx_auth_comp_id_2 
_struct_mon_prot_cis.pdbx_auth_seq_id_2 
_struct_mon_prot_cis.pdbx_auth_asym_id_2 
_struct_mon_prot_cis.pdbx_PDB_model_num 
_struct_mon_prot_cis.pdbx_omega_angle 
1 ARG 65  A . ? ARG 65  A PRO 66  A ? PRO 66  A 1 -0.66 
2 GLY 116 A . ? GLY 116 A GLY 117 A ? GLY 117 A 1 2.26  
# 
loop_
_struct_sheet.id 
_struct_sheet.type 
_struct_sheet.number_strands 
_struct_sheet.details 
A ? 8 ? 
B ? 8 ? 
C ? 2 ? 
# 
loop_
_struct_sheet_order.sheet_id 
_struct_sheet_order.range_id_1 
_struct_sheet_order.range_id_2 
_struct_sheet_order.offset 
_struct_sheet_order.sense 
A 1 2 ? parallel      
A 2 3 ? parallel      
A 3 4 ? parallel      
A 4 5 ? parallel      
A 5 6 ? parallel      
A 6 7 ? anti-parallel 
A 7 8 ? anti-parallel 
B 1 2 ? parallel      
B 2 3 ? parallel      
B 3 4 ? parallel      
B 4 5 ? parallel      
B 5 6 ? parallel      
B 6 7 ? anti-parallel 
B 7 8 ? anti-parallel 
C 1 2 ? anti-parallel 
# 
loop_
_struct_sheet_range.sheet_id 
_struct_sheet_range.id 
_struct_sheet_range.beg_label_comp_id 
_struct_sheet_range.beg_label_asym_id 
_struct_sheet_range.beg_label_seq_id 
_struct_sheet_range.pdbx_beg_PDB_ins_code 
_struct_sheet_range.end_label_comp_id 
_struct_sheet_range.end_label_asym_id 
_struct_sheet_range.end_label_seq_id 
_struct_sheet_range.pdbx_end_PDB_ins_code 
_struct_sheet_range.beg_auth_comp_id 
_struct_sheet_range.beg_auth_asym_id 
_struct_sheet_range.beg_auth_seq_id 
_struct_sheet_range.end_auth_comp_id 
_struct_sheet_range.end_auth_asym_id 
_struct_sheet_range.end_auth_seq_id 
A 1 PHE A 88  ? SER A 90  ? PHE A 88  SER A 90  
A 2 ILE A 71  ? LEU A 75  ? ILE A 71  LEU A 75  
A 3 GLN A 47  ? GLY A 53  ? GLN A 47  GLY A 53  
A 4 VAL A 109 ? ILE A 114 ? VAL A 109 ILE A 114 
A 5 LEU A 4   ? VAL A 10  ? LEU A 4   VAL A 10  
A 6 HIS A 130 ? ILE A 138 ? HIS A 130 ILE A 138 
A 7 ILE A 175 ? ASN A 185 ? ILE A 175 ASN A 185 
A 8 LYS A 157 ? LEU A 158 ? LYS A 157 LEU A 158 
B 1 PHE A 88  ? SER A 90  ? PHE A 88  SER A 90  
B 2 ILE A 71  ? LEU A 75  ? ILE A 71  LEU A 75  
B 3 GLN A 47  ? GLY A 53  ? GLN A 47  GLY A 53  
B 4 VAL A 109 ? ILE A 114 ? VAL A 109 ILE A 114 
B 5 LEU A 4   ? VAL A 10  ? LEU A 4   VAL A 10  
B 6 HIS A 130 ? ILE A 138 ? HIS A 130 ILE A 138 
B 7 ILE A 175 ? ASN A 185 ? ILE A 175 ASN A 185 
B 8 GLN A 170 ? GLU A 172 ? GLN A 170 GLU A 172 
C 1 GLY A 15  ? GLY A 17  ? GLY A 15  GLY A 17  
C 2 THR A 146 ? PHE A 147 ? THR A 146 PHE A 147 
# 
loop_
_pdbx_struct_sheet_hbond.sheet_id 
_pdbx_struct_sheet_hbond.range_id_1 
_pdbx_struct_sheet_hbond.range_id_2 
_pdbx_struct_sheet_hbond.range_1_label_atom_id 
_pdbx_struct_sheet_hbond.range_1_label_comp_id 
_pdbx_struct_sheet_hbond.range_1_label_asym_id 
_pdbx_struct_sheet_hbond.range_1_label_seq_id 
_pdbx_struct_sheet_hbond.range_1_PDB_ins_code 
_pdbx_struct_sheet_hbond.range_1_auth_atom_id 
_pdbx_struct_sheet_hbond.range_1_auth_comp_id 
_pdbx_struct_sheet_hbond.range_1_auth_asym_id 
_pdbx_struct_sheet_hbond.range_1_auth_seq_id 
_pdbx_struct_sheet_hbond.range_2_label_atom_id 
_pdbx_struct_sheet_hbond.range_2_label_comp_id 
_pdbx_struct_sheet_hbond.range_2_label_asym_id 
_pdbx_struct_sheet_hbond.range_2_label_seq_id 
_pdbx_struct_sheet_hbond.range_2_PDB_ins_code 
_pdbx_struct_sheet_hbond.range_2_auth_atom_id 
_pdbx_struct_sheet_hbond.range_2_auth_comp_id 
_pdbx_struct_sheet_hbond.range_2_auth_asym_id 
_pdbx_struct_sheet_hbond.range_2_auth_seq_id 
A 1 2 O PHE A 88  ? O PHE A 88  N VAL A 74  ? N VAL A 74  
A 2 3 O ILE A 71  ? O ILE A 71  N VAL A 50  ? N VAL A 50  
A 3 4 N LEU A 49  ? N LEU A 49  O TRP A 113 ? O TRP A 113 
A 4 5 O VAL A 112 ? O VAL A 112 N ASN A 5   ? N ASN A 5   
A 5 6 N VAL A 10  ? N VAL A 10  O ILE A 138 ? O ILE A 138 
A 6 7 N VAL A 135 ? N VAL A 135 O GLU A 180 ? O GLU A 180 
A 7 8 O GLU A 183 ? O GLU A 183 N LYS A 157 ? N LYS A 157 
B 1 2 O PHE A 88  ? O PHE A 88  N VAL A 74  ? N VAL A 74  
B 2 3 O ILE A 71  ? O ILE A 71  N VAL A 50  ? N VAL A 50  
B 3 4 N LEU A 49  ? N LEU A 49  O TRP A 113 ? O TRP A 113 
B 4 5 O VAL A 112 ? O VAL A 112 N ASN A 5   ? N ASN A 5   
B 5 6 N VAL A 10  ? N VAL A 10  O ILE A 138 ? O ILE A 138 
B 6 7 N VAL A 135 ? N VAL A 135 O GLU A 180 ? O GLU A 180 
B 7 8 O TYR A 177 ? O TYR A 177 N GLN A 170 ? N GLN A 170 
C 1 2 N ILE A 16  ? N ILE A 16  O THR A 146 ? O THR A 146 
# 
loop_
_struct_site.id 
_struct_site.pdbx_evidence_code 
_struct_site.pdbx_auth_asym_id 
_struct_site.pdbx_auth_comp_id 
_struct_site.pdbx_auth_seq_id 
_struct_site.pdbx_auth_ins_code 
_struct_site.pdbx_num_residues 
_struct_site.details 
AC1 Software A SO4 188 ? 8  'BINDING SITE FOR RESIDUE SO4 A 188' 
AC2 Software A SO4 189 ? 4  'BINDING SITE FOR RESIDUE SO4 A 189' 
AC3 Software A MXA 187 ? 15 'BINDING SITE FOR RESIDUE MXA A 187' 
# 
loop_
_struct_site_gen.id 
_struct_site_gen.site_id 
_struct_site_gen.pdbx_num_res 
_struct_site_gen.label_comp_id 
_struct_site_gen.label_asym_id 
_struct_site_gen.label_seq_id 
_struct_site_gen.pdbx_auth_ins_code 
_struct_site_gen.auth_comp_id 
_struct_site_gen.auth_asym_id 
_struct_site_gen.auth_seq_id 
_struct_site_gen.label_atom_id 
_struct_site_gen.label_alt_id 
_struct_site_gen.symmetry 
_struct_site_gen.details 
1  AC1 8  GLY A 53  ? GLY A 53  . ? 1_555 ? 
2  AC1 8  LYS A 54  ? LYS A 54  . ? 1_555 ? 
3  AC1 8  LYS A 55  ? LYS A 55  . ? 1_555 ? 
4  AC1 8  THR A 56  ? THR A 56  . ? 1_555 ? 
5  AC1 8  GLY A 117 ? GLY A 117 . ? 1_555 ? 
6  AC1 8  SER A 119 ? SER A 119 . ? 1_555 ? 
7  AC1 8  VAL A 120 ? VAL A 120 . ? 1_555 ? 
8  AC1 8  HOH E .   ? HOH A 239 . ? 1_555 ? 
9  AC2 4  LYS A 54  ? LYS A 54  . ? 1_555 ? 
10 AC2 4  SER A 76  ? SER A 76  . ? 1_555 ? 
11 AC2 4  ARG A 77  ? ARG A 77  . ? 1_555 ? 
12 AC2 4  GLU A 78  ? GLU A 78  . ? 1_555 ? 
13 AC3 15 ILE A 7   ? ILE A 7   . ? 1_555 ? 
14 AC3 15 VAL A 8   ? VAL A 8   . ? 1_555 ? 
15 AC3 15 ALA A 9   ? ALA A 9   . ? 1_555 ? 
16 AC3 15 GLY A 20  ? GLY A 20  . ? 1_555 ? 
17 AC3 15 ASP A 21  ? ASP A 21  . ? 1_555 ? 
18 AC3 15 ARG A 22  ? ARG A 22  . ? 1_555 ? 
19 AC3 15 GLU A 30  ? GLU A 30  . ? 1_555 ? 
20 AC3 15 PHE A 31  ? PHE A 31  . ? 1_555 ? 
21 AC3 15 PHE A 34  ? PHE A 34  . ? 1_555 ? 
22 AC3 15 SER A 59  ? SER A 59  . ? 1_555 ? 
23 AC3 15 PRO A 61  ? PRO A 61  . ? 1_555 ? 
24 AC3 15 ASN A 64  ? ASN A 64  . ? 1_555 ? 
25 AC3 15 VAL A 115 ? VAL A 115 . ? 1_555 ? 
26 AC3 15 TYR A 121 ? TYR A 121 . ? 1_555 ? 
27 AC3 15 THR A 136 ? THR A 136 . ? 1_555 ? 
# 
loop_
_pdbx_validate_close_contact.id 
_pdbx_validate_close_contact.PDB_model_num 
_pdbx_validate_close_contact.auth_atom_id_1 
_pdbx_validate_close_contact.auth_asym_id_1 
_pdbx_validate_close_contact.auth_comp_id_1 
_pdbx_validate_close_contact.auth_seq_id_1 
_pdbx_validate_close_contact.PDB_ins_code_1 
_pdbx_validate_close_contact.label_alt_id_1 
_pdbx_validate_close_contact.auth_atom_id_2 
_pdbx_validate_close_contact.auth_asym_id_2 
_pdbx_validate_close_contact.auth_comp_id_2 
_pdbx_validate_close_contact.auth_seq_id_2 
_pdbx_validate_close_contact.PDB_ins_code_2 
_pdbx_validate_close_contact.label_alt_id_2 
_pdbx_validate_close_contact.dist 
1 1 O   A GLN 35  ? ? OG1 A THR 39  ? ? 2.12 
2 1 OE2 A GLU 154 ? ? O   A HOH 222 ? ? 2.12 
3 1 O   A GLU 161 ? ? O   A HOH 228 ? ? 2.17 
# 
loop_
_pdbx_validate_rmsd_bond.id 
_pdbx_validate_rmsd_bond.PDB_model_num 
_pdbx_validate_rmsd_bond.auth_atom_id_1 
_pdbx_validate_rmsd_bond.auth_asym_id_1 
_pdbx_validate_rmsd_bond.auth_comp_id_1 
_pdbx_validate_rmsd_bond.auth_seq_id_1 
_pdbx_validate_rmsd_bond.PDB_ins_code_1 
_pdbx_validate_rmsd_bond.label_alt_id_1 
_pdbx_validate_rmsd_bond.auth_atom_id_2 
_pdbx_validate_rmsd_bond.auth_asym_id_2 
_pdbx_validate_rmsd_bond.auth_comp_id_2 
_pdbx_validate_rmsd_bond.auth_seq_id_2 
_pdbx_validate_rmsd_bond.PDB_ins_code_2 
_pdbx_validate_rmsd_bond.label_alt_id_2 
_pdbx_validate_rmsd_bond.bond_value 
_pdbx_validate_rmsd_bond.bond_target_value 
_pdbx_validate_rmsd_bond.bond_deviation 
_pdbx_validate_rmsd_bond.bond_standard_deviation 
_pdbx_validate_rmsd_bond.linker_flag 
1 1 CB A SER 119 ? ? OG  A SER 119 ? ? 1.520 1.418 0.102  0.013 N 
2 1 CD A GLU 183 ? ? OE1 A GLU 183 ? ? 1.179 1.252 -0.073 0.011 N 
# 
loop_
_pdbx_validate_rmsd_angle.id 
_pdbx_validate_rmsd_angle.PDB_model_num 
_pdbx_validate_rmsd_angle.auth_atom_id_1 
_pdbx_validate_rmsd_angle.auth_asym_id_1 
_pdbx_validate_rmsd_angle.auth_comp_id_1 
_pdbx_validate_rmsd_angle.auth_seq_id_1 
_pdbx_validate_rmsd_angle.PDB_ins_code_1 
_pdbx_validate_rmsd_angle.label_alt_id_1 
_pdbx_validate_rmsd_angle.auth_atom_id_2 
_pdbx_validate_rmsd_angle.auth_asym_id_2 
_pdbx_validate_rmsd_angle.auth_comp_id_2 
_pdbx_validate_rmsd_angle.auth_seq_id_2 
_pdbx_validate_rmsd_angle.PDB_ins_code_2 
_pdbx_validate_rmsd_angle.label_alt_id_2 
_pdbx_validate_rmsd_angle.auth_atom_id_3 
_pdbx_validate_rmsd_angle.auth_asym_id_3 
_pdbx_validate_rmsd_angle.auth_comp_id_3 
_pdbx_validate_rmsd_angle.auth_seq_id_3 
_pdbx_validate_rmsd_angle.PDB_ins_code_3 
_pdbx_validate_rmsd_angle.label_alt_id_3 
_pdbx_validate_rmsd_angle.angle_value 
_pdbx_validate_rmsd_angle.angle_target_value 
_pdbx_validate_rmsd_angle.angle_deviation 
_pdbx_validate_rmsd_angle.angle_standard_deviation 
_pdbx_validate_rmsd_angle.linker_flag 
1  1 O   A SER 3   ? ? C   A SER 3   ? ? N   A LEU 4   ? ? 132.52 122.70 9.82   1.60 Y 
2  1 CA  A ALA 9   ? ? C   A ALA 9   ? ? N   A VAL 10  ? ? 131.26 117.20 14.06  2.20 Y 
3  1 CB  A VAL 10  ? ? CA  A VAL 10  ? ? C   A VAL 10  ? ? 99.75  111.40 -11.65 1.90 N 
4  1 CA  A VAL 10  ? ? CB  A VAL 10  ? ? CG1 A VAL 10  ? ? 125.71 110.90 14.81  1.50 N 
5  1 N   A GLN 12  ? ? CA  A GLN 12  ? ? CB  A GLN 12  ? ? 123.26 110.60 12.66  1.80 N 
6  1 CA  A GLN 12  ? ? CB  A GLN 12  ? ? CG  A GLN 12  ? ? 100.12 113.40 -13.28 2.20 N 
7  1 CB  A ASP 21  ? ? CG  A ASP 21  ? ? OD1 A ASP 21  ? ? 127.82 118.30 9.52   0.90 N 
8  1 CB  A ASP 21  ? ? CG  A ASP 21  ? ? OD2 A ASP 21  ? ? 109.93 118.30 -8.37  0.90 N 
9  1 NE  A ARG 22  ? ? CZ  A ARG 22  ? ? NH1 A ARG 22  ? ? 124.43 120.30 4.13   0.50 N 
10 1 OE1 A GLU 30  ? ? CD  A GLU 30  ? ? OE2 A GLU 30  ? ? 115.08 123.30 -8.22  1.20 N 
11 1 CB  A GLU 44  ? ? CG  A GLU 44  ? ? CD  A GLU 44  ? ? 132.55 114.20 18.35  2.70 N 
12 1 O   A PHE 58  ? ? C   A PHE 58  ? ? N   A SER 59  ? ? 132.59 122.70 9.89   1.60 Y 
13 1 NE  A ARG 65  ? ? CZ  A ARG 65  ? ? NH2 A ARG 65  ? ? 114.41 120.30 -5.89  0.50 N 
14 1 NE  A ARG 77  ? ? CZ  A ARG 77  ? ? NH1 A ARG 77  ? ? 126.00 120.30 5.70   0.50 N 
15 1 NE  A ARG 77  ? ? CZ  A ARG 77  ? ? NH2 A ARG 77  ? ? 116.05 120.30 -4.25  0.50 N 
16 1 CG  A GLU 81  ? ? CD  A GLU 81  ? ? OE1 A GLU 81  ? ? 130.88 118.30 12.58  2.00 N 
17 1 CE1 A HIS 87  ? ? NE2 A HIS 87  ? ? CD2 A HIS 87  ? ? 113.64 109.00 4.64   0.70 N 
18 1 O   A PHE 88  ? ? C   A PHE 88  ? ? N   A LEU 89  ? ? 134.23 122.70 11.53  1.60 Y 
19 1 CG  A ARG 91  ? ? CD  A ARG 91  ? ? NE  A ARG 91  ? ? 125.08 111.80 13.28  2.10 N 
20 1 CD  A ARG 91  ? ? NE  A ARG 91  ? ? CZ  A ARG 91  ? ? 165.43 123.60 41.83  1.40 N 
21 1 CB  A ASP 110 ? ? CG  A ASP 110 ? ? OD1 A ASP 110 ? ? 125.41 118.30 7.11   0.90 N 
22 1 CB  A ASP 110 ? ? CG  A ASP 110 ? ? OD2 A ASP 110 ? ? 111.10 118.30 -7.20  0.90 N 
23 1 CA  A GLU 123 ? ? CB  A GLU 123 ? ? CG  A GLU 123 ? ? 127.56 113.40 14.16  2.20 N 
24 1 CB  A PHE 134 ? ? CG  A PHE 134 ? ? CD2 A PHE 134 ? ? 116.45 120.80 -4.35  0.70 N 
25 1 NE  A ARG 137 ? ? CZ  A ARG 137 ? ? NH1 A ARG 137 ? ? 114.06 120.30 -6.24  0.50 N 
26 1 NE  A ARG 137 ? ? CZ  A ARG 137 ? ? NH2 A ARG 137 ? ? 123.46 120.30 3.16   0.50 N 
27 1 O   A ILE 138 ? ? C   A ILE 138 ? ? N   A MET 139 ? ? 133.55 122.70 10.85  1.60 Y 
28 1 OE1 A GLN 140 ? ? CD  A GLN 140 ? ? NE2 A GLN 140 ? ? 141.55 121.90 19.65  2.30 N 
29 1 CG  A GLN 140 ? ? CD  A GLN 140 ? ? OE1 A GLN 140 ? ? 109.44 121.60 -12.16 2.00 N 
30 1 CB  A ASP 141 ? ? CG  A ASP 141 ? ? OD1 A ASP 141 ? ? 125.11 118.30 6.81   0.90 N 
31 1 CB  A ASP 145 ? ? CA  A ASP 145 ? ? C   A ASP 145 ? ? 125.10 110.40 14.70  2.00 N 
32 1 CB  A ASP 145 ? ? CG  A ASP 145 ? ? OD1 A ASP 145 ? ? 124.13 118.30 5.83   0.90 N 
33 1 CB  A ASP 152 ? ? CG  A ASP 152 ? ? OD1 A ASP 152 ? ? 124.02 118.30 5.72   0.90 N 
34 1 CG  A GLU 161 ? ? CD  A GLU 161 ? ? OE2 A GLU 161 ? ? 105.75 118.30 -12.55 2.00 N 
35 1 CB  A TYR 162 ? ? CG  A TYR 162 ? ? CD2 A TYR 162 ? ? 116.39 121.00 -4.61  0.60 N 
36 1 OE1 A GLU 171 ? ? CD  A GLU 171 ? ? OE2 A GLU 171 ? ? 134.24 123.30 10.94  1.20 N 
37 1 O   A GLU 171 ? ? C   A GLU 171 ? ? N   A GLU 172 ? ? 133.83 122.70 11.13  1.60 Y 
38 1 CG  A GLU 172 ? ? CD  A GLU 172 ? ? OE1 A GLU 172 ? ? 135.74 118.30 17.44  2.00 N 
39 1 C   A GLY 174 ? ? N   A ILE 175 ? ? CA  A ILE 175 ? ? 138.60 121.70 16.90  2.50 Y 
40 1 CB  A TYR 177 ? ? CG  A TYR 177 ? ? CD2 A TYR 177 ? ? 126.25 121.00 5.25   0.60 N 
41 1 OE1 A GLU 180 ? ? CD  A GLU 180 ? ? OE2 A GLU 180 ? ? 113.85 123.30 -9.45  1.20 N 
42 1 CG  A GLU 180 ? ? CD  A GLU 180 ? ? OE1 A GLU 180 ? ? 131.87 118.30 13.57  2.00 N 
# 
loop_
_pdbx_validate_torsion.id 
_pdbx_validate_torsion.PDB_model_num 
_pdbx_validate_torsion.auth_comp_id 
_pdbx_validate_torsion.auth_asym_id 
_pdbx_validate_torsion.auth_seq_id 
_pdbx_validate_torsion.PDB_ins_code 
_pdbx_validate_torsion.label_alt_id 
_pdbx_validate_torsion.phi 
_pdbx_validate_torsion.psi 
1 1 VAL A 43  ? ? -161.73 99.63  
2 1 GLU A 44  ? ? -31.35  142.90 
3 1 PRO A 103 ? ? -59.36  -5.85  
4 1 GLU A 104 ? ? -53.71  -76.45 
5 1 ALA A 106 ? ? -26.02  -63.21 
6 1 ASP A 110 ? ? -87.28  -97.68 
7 1 ASN A 185 ? ? -165.42 108.33 
# 
loop_
_chem_comp_atom.comp_id 
_chem_comp_atom.atom_id 
_chem_comp_atom.type_symbol 
_chem_comp_atom.pdbx_aromatic_flag 
_chem_comp_atom.pdbx_stereo_config 
_chem_comp_atom.pdbx_ordinal 
ALA N     N N N 1   
ALA CA    C N S 2   
ALA C     C N N 3   
ALA O     O N N 4   
ALA CB    C N N 5   
ALA OXT   O N N 6   
ALA H     H N N 7   
ALA H2    H N N 8   
ALA HA    H N N 9   
ALA HB1   H N N 10  
ALA HB2   H N N 11  
ALA HB3   H N N 12  
ALA HXT   H N N 13  
ARG N     N N N 14  
ARG CA    C N S 15  
ARG C     C N N 16  
ARG O     O N N 17  
ARG CB    C N N 18  
ARG CG    C N N 19  
ARG CD    C N N 20  
ARG NE    N N N 21  
ARG CZ    C N N 22  
ARG NH1   N N N 23  
ARG NH2   N N N 24  
ARG OXT   O N N 25  
ARG H     H N N 26  
ARG H2    H N N 27  
ARG HA    H N N 28  
ARG HB2   H N N 29  
ARG HB3   H N N 30  
ARG HG2   H N N 31  
ARG HG3   H N N 32  
ARG HD2   H N N 33  
ARG HD3   H N N 34  
ARG HE    H N N 35  
ARG HH11  H N N 36  
ARG HH12  H N N 37  
ARG HH21  H N N 38  
ARG HH22  H N N 39  
ARG HXT   H N N 40  
ASN N     N N N 41  
ASN CA    C N S 42  
ASN C     C N N 43  
ASN O     O N N 44  
ASN CB    C N N 45  
ASN CG    C N N 46  
ASN OD1   O N N 47  
ASN ND2   N N N 48  
ASN OXT   O N N 49  
ASN H     H N N 50  
ASN H2    H N N 51  
ASN HA    H N N 52  
ASN HB2   H N N 53  
ASN HB3   H N N 54  
ASN HD21  H N N 55  
ASN HD22  H N N 56  
ASN HXT   H N N 57  
ASP N     N N N 58  
ASP CA    C N S 59  
ASP C     C N N 60  
ASP O     O N N 61  
ASP CB    C N N 62  
ASP CG    C N N 63  
ASP OD1   O N N 64  
ASP OD2   O N N 65  
ASP OXT   O N N 66  
ASP H     H N N 67  
ASP H2    H N N 68  
ASP HA    H N N 69  
ASP HB2   H N N 70  
ASP HB3   H N N 71  
ASP HD2   H N N 72  
ASP HXT   H N N 73  
CYS N     N N N 74  
CYS CA    C N R 75  
CYS C     C N N 76  
CYS O     O N N 77  
CYS CB    C N N 78  
CYS SG    S N N 79  
CYS OXT   O N N 80  
CYS H     H N N 81  
CYS H2    H N N 82  
CYS HA    H N N 83  
CYS HB2   H N N 84  
CYS HB3   H N N 85  
CYS HG    H N N 86  
CYS HXT   H N N 87  
GLN N     N N N 88  
GLN CA    C N S 89  
GLN C     C N N 90  
GLN O     O N N 91  
GLN CB    C N N 92  
GLN CG    C N N 93  
GLN CD    C N N 94  
GLN OE1   O N N 95  
GLN NE2   N N N 96  
GLN OXT   O N N 97  
GLN H     H N N 98  
GLN H2    H N N 99  
GLN HA    H N N 100 
GLN HB2   H N N 101 
GLN HB3   H N N 102 
GLN HG2   H N N 103 
GLN HG3   H N N 104 
GLN HE21  H N N 105 
GLN HE22  H N N 106 
GLN HXT   H N N 107 
GLU N     N N N 108 
GLU CA    C N S 109 
GLU C     C N N 110 
GLU O     O N N 111 
GLU CB    C N N 112 
GLU CG    C N N 113 
GLU CD    C N N 114 
GLU OE1   O N N 115 
GLU OE2   O N N 116 
GLU OXT   O N N 117 
GLU H     H N N 118 
GLU H2    H N N 119 
GLU HA    H N N 120 
GLU HB2   H N N 121 
GLU HB3   H N N 122 
GLU HG2   H N N 123 
GLU HG3   H N N 124 
GLU HE2   H N N 125 
GLU HXT   H N N 126 
GLY N     N N N 127 
GLY CA    C N N 128 
GLY C     C N N 129 
GLY O     O N N 130 
GLY OXT   O N N 131 
GLY H     H N N 132 
GLY H2    H N N 133 
GLY HA2   H N N 134 
GLY HA3   H N N 135 
GLY HXT   H N N 136 
HIS N     N N N 137 
HIS CA    C N S 138 
HIS C     C N N 139 
HIS O     O N N 140 
HIS CB    C N N 141 
HIS CG    C Y N 142 
HIS ND1   N Y N 143 
HIS CD2   C Y N 144 
HIS CE1   C Y N 145 
HIS NE2   N Y N 146 
HIS OXT   O N N 147 
HIS H     H N N 148 
HIS H2    H N N 149 
HIS HA    H N N 150 
HIS HB2   H N N 151 
HIS HB3   H N N 152 
HIS HD1   H N N 153 
HIS HD2   H N N 154 
HIS HE1   H N N 155 
HIS HE2   H N N 156 
HIS HXT   H N N 157 
HOH O     O N N 158 
HOH H1    H N N 159 
HOH H2    H N N 160 
ILE N     N N N 161 
ILE CA    C N S 162 
ILE C     C N N 163 
ILE O     O N N 164 
ILE CB    C N S 165 
ILE CG1   C N N 166 
ILE CG2   C N N 167 
ILE CD1   C N N 168 
ILE OXT   O N N 169 
ILE H     H N N 170 
ILE H2    H N N 171 
ILE HA    H N N 172 
ILE HB    H N N 173 
ILE HG12  H N N 174 
ILE HG13  H N N 175 
ILE HG21  H N N 176 
ILE HG22  H N N 177 
ILE HG23  H N N 178 
ILE HD11  H N N 179 
ILE HD12  H N N 180 
ILE HD13  H N N 181 
ILE HXT   H N N 182 
LEU N     N N N 183 
LEU CA    C N S 184 
LEU C     C N N 185 
LEU O     O N N 186 
LEU CB    C N N 187 
LEU CG    C N N 188 
LEU CD1   C N N 189 
LEU CD2   C N N 190 
LEU OXT   O N N 191 
LEU H     H N N 192 
LEU H2    H N N 193 
LEU HA    H N N 194 
LEU HB2   H N N 195 
LEU HB3   H N N 196 
LEU HG    H N N 197 
LEU HD11  H N N 198 
LEU HD12  H N N 199 
LEU HD13  H N N 200 
LEU HD21  H N N 201 
LEU HD22  H N N 202 
LEU HD23  H N N 203 
LEU HXT   H N N 204 
LYS N     N N N 205 
LYS CA    C N S 206 
LYS C     C N N 207 
LYS O     O N N 208 
LYS CB    C N N 209 
LYS CG    C N N 210 
LYS CD    C N N 211 
LYS CE    C N N 212 
LYS NZ    N N N 213 
LYS OXT   O N N 214 
LYS H     H N N 215 
LYS H2    H N N 216 
LYS HA    H N N 217 
LYS HB2   H N N 218 
LYS HB3   H N N 219 
LYS HG2   H N N 220 
LYS HG3   H N N 221 
LYS HD2   H N N 222 
LYS HD3   H N N 223 
LYS HE2   H N N 224 
LYS HE3   H N N 225 
LYS HZ1   H N N 226 
LYS HZ2   H N N 227 
LYS HZ3   H N N 228 
LYS HXT   H N N 229 
MET N     N N N 230 
MET CA    C N S 231 
MET C     C N N 232 
MET O     O N N 233 
MET CB    C N N 234 
MET CG    C N N 235 
MET SD    S N N 236 
MET CE    C N N 237 
MET OXT   O N N 238 
MET H     H N N 239 
MET H2    H N N 240 
MET HA    H N N 241 
MET HB2   H N N 242 
MET HB3   H N N 243 
MET HG2   H N N 244 
MET HG3   H N N 245 
MET HE1   H N N 246 
MET HE2   H N N 247 
MET HE3   H N N 248 
MET HXT   H N N 249 
MXA N1    N Y N 250 
MXA C2    C Y N 251 
MXA N2    N N N 252 
MXA N3    N Y N 253 
MXA C4    C Y N 254 
MXA N4    N N N 255 
MXA C4A   C Y N 256 
MXA C5    C Y N 257 
MXA C5M   C N N 258 
MXA C6    C Y N 259 
MXA C7    C Y N 260 
MXA N8    N Y N 261 
MXA C8A   C Y N 262 
MXA C9    C N N 263 
MXA "C1'" C Y N 264 
MXA "C2'" C Y N 265 
MXA "O2'" O N N 266 
MXA C21   C N N 267 
MXA "C3'" C Y N 268 
MXA "C4'" C Y N 269 
MXA "C5'" C Y N 270 
MXA "O5'" O N N 271 
MXA C51   C N N 272 
MXA "C6'" C Y N 273 
MXA HN21  H N N 274 
MXA HN22  H N N 275 
MXA HN41  H N N 276 
MXA HN42  H N N 277 
MXA H5M1  H N N 278 
MXA H5M2  H N N 279 
MXA H5M3  H N N 280 
MXA H7    H N N 281 
MXA H91   H N N 282 
MXA H92   H N N 283 
MXA H211  H N N 284 
MXA H212  H N N 285 
MXA H213  H N N 286 
MXA "H3'" H N N 287 
MXA "H4'" H N N 288 
MXA H511  H N N 289 
MXA H512  H N N 290 
MXA H513  H N N 291 
MXA "H6'" H N N 292 
PHE N     N N N 293 
PHE CA    C N S 294 
PHE C     C N N 295 
PHE O     O N N 296 
PHE CB    C N N 297 
PHE CG    C Y N 298 
PHE CD1   C Y N 299 
PHE CD2   C Y N 300 
PHE CE1   C Y N 301 
PHE CE2   C Y N 302 
PHE CZ    C Y N 303 
PHE OXT   O N N 304 
PHE H     H N N 305 
PHE H2    H N N 306 
PHE HA    H N N 307 
PHE HB2   H N N 308 
PHE HB3   H N N 309 
PHE HD1   H N N 310 
PHE HD2   H N N 311 
PHE HE1   H N N 312 
PHE HE2   H N N 313 
PHE HZ    H N N 314 
PHE HXT   H N N 315 
PRO N     N N N 316 
PRO CA    C N S 317 
PRO C     C N N 318 
PRO O     O N N 319 
PRO CB    C N N 320 
PRO CG    C N N 321 
PRO CD    C N N 322 
PRO OXT   O N N 323 
PRO H     H N N 324 
PRO HA    H N N 325 
PRO HB2   H N N 326 
PRO HB3   H N N 327 
PRO HG2   H N N 328 
PRO HG3   H N N 329 
PRO HD2   H N N 330 
PRO HD3   H N N 331 
PRO HXT   H N N 332 
SER N     N N N 333 
SER CA    C N S 334 
SER C     C N N 335 
SER O     O N N 336 
SER CB    C N N 337 
SER OG    O N N 338 
SER OXT   O N N 339 
SER H     H N N 340 
SER H2    H N N 341 
SER HA    H N N 342 
SER HB2   H N N 343 
SER HB3   H N N 344 
SER HG    H N N 345 
SER HXT   H N N 346 
SO4 S     S N N 347 
SO4 O1    O N N 348 
SO4 O2    O N N 349 
SO4 O3    O N N 350 
SO4 O4    O N N 351 
THR N     N N N 352 
THR CA    C N S 353 
THR C     C N N 354 
THR O     O N N 355 
THR CB    C N R 356 
THR OG1   O N N 357 
THR CG2   C N N 358 
THR OXT   O N N 359 
THR H     H N N 360 
THR H2    H N N 361 
THR HA    H N N 362 
THR HB    H N N 363 
THR HG1   H N N 364 
THR HG21  H N N 365 
THR HG22  H N N 366 
THR HG23  H N N 367 
THR HXT   H N N 368 
TRP N     N N N 369 
TRP CA    C N S 370 
TRP C     C N N 371 
TRP O     O N N 372 
TRP CB    C N N 373 
TRP CG    C Y N 374 
TRP CD1   C Y N 375 
TRP CD2   C Y N 376 
TRP NE1   N Y N 377 
TRP CE2   C Y N 378 
TRP CE3   C Y N 379 
TRP CZ2   C Y N 380 
TRP CZ3   C Y N 381 
TRP CH2   C Y N 382 
TRP OXT   O N N 383 
TRP H     H N N 384 
TRP H2    H N N 385 
TRP HA    H N N 386 
TRP HB2   H N N 387 
TRP HB3   H N N 388 
TRP HD1   H N N 389 
TRP HE1   H N N 390 
TRP HE3   H N N 391 
TRP HZ2   H N N 392 
TRP HZ3   H N N 393 
TRP HH2   H N N 394 
TRP HXT   H N N 395 
TYR N     N N N 396 
TYR CA    C N S 397 
TYR C     C N N 398 
TYR O     O N N 399 
TYR CB    C N N 400 
TYR CG    C Y N 401 
TYR CD1   C Y N 402 
TYR CD2   C Y N 403 
TYR CE1   C Y N 404 
TYR CE2   C Y N 405 
TYR CZ    C Y N 406 
TYR OH    O N N 407 
TYR OXT   O N N 408 
TYR H     H N N 409 
TYR H2    H N N 410 
TYR HA    H N N 411 
TYR HB2   H N N 412 
TYR HB3   H N N 413 
TYR HD1   H N N 414 
TYR HD2   H N N 415 
TYR HE1   H N N 416 
TYR HE2   H N N 417 
TYR HH    H N N 418 
TYR HXT   H N N 419 
VAL N     N N N 420 
VAL CA    C N S 421 
VAL C     C N N 422 
VAL O     O N N 423 
VAL CB    C N N 424 
VAL CG1   C N N 425 
VAL CG2   C N N 426 
VAL OXT   O N N 427 
VAL H     H N N 428 
VAL H2    H N N 429 
VAL HA    H N N 430 
VAL HB    H N N 431 
VAL HG11  H N N 432 
VAL HG12  H N N 433 
VAL HG13  H N N 434 
VAL HG21  H N N 435 
VAL HG22  H N N 436 
VAL HG23  H N N 437 
VAL HXT   H N N 438 
# 
loop_
_chem_comp_bond.comp_id 
_chem_comp_bond.atom_id_1 
_chem_comp_bond.atom_id_2 
_chem_comp_bond.value_order 
_chem_comp_bond.pdbx_aromatic_flag 
_chem_comp_bond.pdbx_stereo_config 
_chem_comp_bond.pdbx_ordinal 
ALA N     CA    sing N N 1   
ALA N     H     sing N N 2   
ALA N     H2    sing N N 3   
ALA CA    C     sing N N 4   
ALA CA    CB    sing N N 5   
ALA CA    HA    sing N N 6   
ALA C     O     doub N N 7   
ALA C     OXT   sing N N 8   
ALA CB    HB1   sing N N 9   
ALA CB    HB2   sing N N 10  
ALA CB    HB3   sing N N 11  
ALA OXT   HXT   sing N N 12  
ARG N     CA    sing N N 13  
ARG N     H     sing N N 14  
ARG N     H2    sing N N 15  
ARG CA    C     sing N N 16  
ARG CA    CB    sing N N 17  
ARG CA    HA    sing N N 18  
ARG C     O     doub N N 19  
ARG C     OXT   sing N N 20  
ARG CB    CG    sing N N 21  
ARG CB    HB2   sing N N 22  
ARG CB    HB3   sing N N 23  
ARG CG    CD    sing N N 24  
ARG CG    HG2   sing N N 25  
ARG CG    HG3   sing N N 26  
ARG CD    NE    sing N N 27  
ARG CD    HD2   sing N N 28  
ARG CD    HD3   sing N N 29  
ARG NE    CZ    sing N N 30  
ARG NE    HE    sing N N 31  
ARG CZ    NH1   sing N N 32  
ARG CZ    NH2   doub N N 33  
ARG NH1   HH11  sing N N 34  
ARG NH1   HH12  sing N N 35  
ARG NH2   HH21  sing N N 36  
ARG NH2   HH22  sing N N 37  
ARG OXT   HXT   sing N N 38  
ASN N     CA    sing N N 39  
ASN N     H     sing N N 40  
ASN N     H2    sing N N 41  
ASN CA    C     sing N N 42  
ASN CA    CB    sing N N 43  
ASN CA    HA    sing N N 44  
ASN C     O     doub N N 45  
ASN C     OXT   sing N N 46  
ASN CB    CG    sing N N 47  
ASN CB    HB2   sing N N 48  
ASN CB    HB3   sing N N 49  
ASN CG    OD1   doub N N 50  
ASN CG    ND2   sing N N 51  
ASN ND2   HD21  sing N N 52  
ASN ND2   HD22  sing N N 53  
ASN OXT   HXT   sing N N 54  
ASP N     CA    sing N N 55  
ASP N     H     sing N N 56  
ASP N     H2    sing N N 57  
ASP CA    C     sing N N 58  
ASP CA    CB    sing N N 59  
ASP CA    HA    sing N N 60  
ASP C     O     doub N N 61  
ASP C     OXT   sing N N 62  
ASP CB    CG    sing N N 63  
ASP CB    HB2   sing N N 64  
ASP CB    HB3   sing N N 65  
ASP CG    OD1   doub N N 66  
ASP CG    OD2   sing N N 67  
ASP OD2   HD2   sing N N 68  
ASP OXT   HXT   sing N N 69  
CYS N     CA    sing N N 70  
CYS N     H     sing N N 71  
CYS N     H2    sing N N 72  
CYS CA    C     sing N N 73  
CYS CA    CB    sing N N 74  
CYS CA    HA    sing N N 75  
CYS C     O     doub N N 76  
CYS C     OXT   sing N N 77  
CYS CB    SG    sing N N 78  
CYS CB    HB2   sing N N 79  
CYS CB    HB3   sing N N 80  
CYS SG    HG    sing N N 81  
CYS OXT   HXT   sing N N 82  
GLN N     CA    sing N N 83  
GLN N     H     sing N N 84  
GLN N     H2    sing N N 85  
GLN CA    C     sing N N 86  
GLN CA    CB    sing N N 87  
GLN CA    HA    sing N N 88  
GLN C     O     doub N N 89  
GLN C     OXT   sing N N 90  
GLN CB    CG    sing N N 91  
GLN CB    HB2   sing N N 92  
GLN CB    HB3   sing N N 93  
GLN CG    CD    sing N N 94  
GLN CG    HG2   sing N N 95  
GLN CG    HG3   sing N N 96  
GLN CD    OE1   doub N N 97  
GLN CD    NE2   sing N N 98  
GLN NE2   HE21  sing N N 99  
GLN NE2   HE22  sing N N 100 
GLN OXT   HXT   sing N N 101 
GLU N     CA    sing N N 102 
GLU N     H     sing N N 103 
GLU N     H2    sing N N 104 
GLU CA    C     sing N N 105 
GLU CA    CB    sing N N 106 
GLU CA    HA    sing N N 107 
GLU C     O     doub N N 108 
GLU C     OXT   sing N N 109 
GLU CB    CG    sing N N 110 
GLU CB    HB2   sing N N 111 
GLU CB    HB3   sing N N 112 
GLU CG    CD    sing N N 113 
GLU CG    HG2   sing N N 114 
GLU CG    HG3   sing N N 115 
GLU CD    OE1   doub N N 116 
GLU CD    OE2   sing N N 117 
GLU OE2   HE2   sing N N 118 
GLU OXT   HXT   sing N N 119 
GLY N     CA    sing N N 120 
GLY N     H     sing N N 121 
GLY N     H2    sing N N 122 
GLY CA    C     sing N N 123 
GLY CA    HA2   sing N N 124 
GLY CA    HA3   sing N N 125 
GLY C     O     doub N N 126 
GLY C     OXT   sing N N 127 
GLY OXT   HXT   sing N N 128 
HIS N     CA    sing N N 129 
HIS N     H     sing N N 130 
HIS N     H2    sing N N 131 
HIS CA    C     sing N N 132 
HIS CA    CB    sing N N 133 
HIS CA    HA    sing N N 134 
HIS C     O     doub N N 135 
HIS C     OXT   sing N N 136 
HIS CB    CG    sing N N 137 
HIS CB    HB2   sing N N 138 
HIS CB    HB3   sing N N 139 
HIS CG    ND1   sing Y N 140 
HIS CG    CD2   doub Y N 141 
HIS ND1   CE1   doub Y N 142 
HIS ND1   HD1   sing N N 143 
HIS CD2   NE2   sing Y N 144 
HIS CD2   HD2   sing N N 145 
HIS CE1   NE2   sing Y N 146 
HIS CE1   HE1   sing N N 147 
HIS NE2   HE2   sing N N 148 
HIS OXT   HXT   sing N N 149 
HOH O     H1    sing N N 150 
HOH O     H2    sing N N 151 
ILE N     CA    sing N N 152 
ILE N     H     sing N N 153 
ILE N     H2    sing N N 154 
ILE CA    C     sing N N 155 
ILE CA    CB    sing N N 156 
ILE CA    HA    sing N N 157 
ILE C     O     doub N N 158 
ILE C     OXT   sing N N 159 
ILE CB    CG1   sing N N 160 
ILE CB    CG2   sing N N 161 
ILE CB    HB    sing N N 162 
ILE CG1   CD1   sing N N 163 
ILE CG1   HG12  sing N N 164 
ILE CG1   HG13  sing N N 165 
ILE CG2   HG21  sing N N 166 
ILE CG2   HG22  sing N N 167 
ILE CG2   HG23  sing N N 168 
ILE CD1   HD11  sing N N 169 
ILE CD1   HD12  sing N N 170 
ILE CD1   HD13  sing N N 171 
ILE OXT   HXT   sing N N 172 
LEU N     CA    sing N N 173 
LEU N     H     sing N N 174 
LEU N     H2    sing N N 175 
LEU CA    C     sing N N 176 
LEU CA    CB    sing N N 177 
LEU CA    HA    sing N N 178 
LEU C     O     doub N N 179 
LEU C     OXT   sing N N 180 
LEU CB    CG    sing N N 181 
LEU CB    HB2   sing N N 182 
LEU CB    HB3   sing N N 183 
LEU CG    CD1   sing N N 184 
LEU CG    CD2   sing N N 185 
LEU CG    HG    sing N N 186 
LEU CD1   HD11  sing N N 187 
LEU CD1   HD12  sing N N 188 
LEU CD1   HD13  sing N N 189 
LEU CD2   HD21  sing N N 190 
LEU CD2   HD22  sing N N 191 
LEU CD2   HD23  sing N N 192 
LEU OXT   HXT   sing N N 193 
LYS N     CA    sing N N 194 
LYS N     H     sing N N 195 
LYS N     H2    sing N N 196 
LYS CA    C     sing N N 197 
LYS CA    CB    sing N N 198 
LYS CA    HA    sing N N 199 
LYS C     O     doub N N 200 
LYS C     OXT   sing N N 201 
LYS CB    CG    sing N N 202 
LYS CB    HB2   sing N N 203 
LYS CB    HB3   sing N N 204 
LYS CG    CD    sing N N 205 
LYS CG    HG2   sing N N 206 
LYS CG    HG3   sing N N 207 
LYS CD    CE    sing N N 208 
LYS CD    HD2   sing N N 209 
LYS CD    HD3   sing N N 210 
LYS CE    NZ    sing N N 211 
LYS CE    HE2   sing N N 212 
LYS CE    HE3   sing N N 213 
LYS NZ    HZ1   sing N N 214 
LYS NZ    HZ2   sing N N 215 
LYS NZ    HZ3   sing N N 216 
LYS OXT   HXT   sing N N 217 
MET N     CA    sing N N 218 
MET N     H     sing N N 219 
MET N     H2    sing N N 220 
MET CA    C     sing N N 221 
MET CA    CB    sing N N 222 
MET CA    HA    sing N N 223 
MET C     O     doub N N 224 
MET C     OXT   sing N N 225 
MET CB    CG    sing N N 226 
MET CB    HB2   sing N N 227 
MET CB    HB3   sing N N 228 
MET CG    SD    sing N N 229 
MET CG    HG2   sing N N 230 
MET CG    HG3   sing N N 231 
MET SD    CE    sing N N 232 
MET CE    HE1   sing N N 233 
MET CE    HE2   sing N N 234 
MET CE    HE3   sing N N 235 
MET OXT   HXT   sing N N 236 
MXA N1    C2    doub Y N 237 
MXA N1    C8A   sing Y N 238 
MXA C2    N2    sing N N 239 
MXA C2    N3    sing Y N 240 
MXA N2    HN21  sing N N 241 
MXA N2    HN22  sing N N 242 
MXA N3    C4    doub Y N 243 
MXA C4    N4    sing N N 244 
MXA C4    C4A   sing Y N 245 
MXA N4    HN41  sing N N 246 
MXA N4    HN42  sing N N 247 
MXA C4A   C5    sing Y N 248 
MXA C4A   C8A   doub Y N 249 
MXA C5    C5M   sing N N 250 
MXA C5    C6    doub Y N 251 
MXA C5M   H5M1  sing N N 252 
MXA C5M   H5M2  sing N N 253 
MXA C5M   H5M3  sing N N 254 
MXA C6    C7    sing Y N 255 
MXA C6    C9    sing N N 256 
MXA C7    N8    doub Y N 257 
MXA C7    H7    sing N N 258 
MXA N8    C8A   sing Y N 259 
MXA C9    "C1'" sing N N 260 
MXA C9    H91   sing N N 261 
MXA C9    H92   sing N N 262 
MXA "C1'" "C2'" doub Y N 263 
MXA "C1'" "C6'" sing Y N 264 
MXA "C2'" "O2'" sing N N 265 
MXA "C2'" "C3'" sing Y N 266 
MXA "O2'" C21   sing N N 267 
MXA C21   H211  sing N N 268 
MXA C21   H212  sing N N 269 
MXA C21   H213  sing N N 270 
MXA "C3'" "C4'" doub Y N 271 
MXA "C3'" "H3'" sing N N 272 
MXA "C4'" "C5'" sing Y N 273 
MXA "C4'" "H4'" sing N N 274 
MXA "C5'" "O5'" sing N N 275 
MXA "C5'" "C6'" doub Y N 276 
MXA "O5'" C51   sing N N 277 
MXA C51   H511  sing N N 278 
MXA C51   H512  sing N N 279 
MXA C51   H513  sing N N 280 
MXA "C6'" "H6'" sing N N 281 
PHE N     CA    sing N N 282 
PHE N     H     sing N N 283 
PHE N     H2    sing N N 284 
PHE CA    C     sing N N 285 
PHE CA    CB    sing N N 286 
PHE CA    HA    sing N N 287 
PHE C     O     doub N N 288 
PHE C     OXT   sing N N 289 
PHE CB    CG    sing N N 290 
PHE CB    HB2   sing N N 291 
PHE CB    HB3   sing N N 292 
PHE CG    CD1   doub Y N 293 
PHE CG    CD2   sing Y N 294 
PHE CD1   CE1   sing Y N 295 
PHE CD1   HD1   sing N N 296 
PHE CD2   CE2   doub Y N 297 
PHE CD2   HD2   sing N N 298 
PHE CE1   CZ    doub Y N 299 
PHE CE1   HE1   sing N N 300 
PHE CE2   CZ    sing Y N 301 
PHE CE2   HE2   sing N N 302 
PHE CZ    HZ    sing N N 303 
PHE OXT   HXT   sing N N 304 
PRO N     CA    sing N N 305 
PRO N     CD    sing N N 306 
PRO N     H     sing N N 307 
PRO CA    C     sing N N 308 
PRO CA    CB    sing N N 309 
PRO CA    HA    sing N N 310 
PRO C     O     doub N N 311 
PRO C     OXT   sing N N 312 
PRO CB    CG    sing N N 313 
PRO CB    HB2   sing N N 314 
PRO CB    HB3   sing N N 315 
PRO CG    CD    sing N N 316 
PRO CG    HG2   sing N N 317 
PRO CG    HG3   sing N N 318 
PRO CD    HD2   sing N N 319 
PRO CD    HD3   sing N N 320 
PRO OXT   HXT   sing N N 321 
SER N     CA    sing N N 322 
SER N     H     sing N N 323 
SER N     H2    sing N N 324 
SER CA    C     sing N N 325 
SER CA    CB    sing N N 326 
SER CA    HA    sing N N 327 
SER C     O     doub N N 328 
SER C     OXT   sing N N 329 
SER CB    OG    sing N N 330 
SER CB    HB2   sing N N 331 
SER CB    HB3   sing N N 332 
SER OG    HG    sing N N 333 
SER OXT   HXT   sing N N 334 
SO4 S     O1    doub N N 335 
SO4 S     O2    doub N N 336 
SO4 S     O3    sing N N 337 
SO4 S     O4    sing N N 338 
THR N     CA    sing N N 339 
THR N     H     sing N N 340 
THR N     H2    sing N N 341 
THR CA    C     sing N N 342 
THR CA    CB    sing N N 343 
THR CA    HA    sing N N 344 
THR C     O     doub N N 345 
THR C     OXT   sing N N 346 
THR CB    OG1   sing N N 347 
THR CB    CG2   sing N N 348 
THR CB    HB    sing N N 349 
THR OG1   HG1   sing N N 350 
THR CG2   HG21  sing N N 351 
THR CG2   HG22  sing N N 352 
THR CG2   HG23  sing N N 353 
THR OXT   HXT   sing N N 354 
TRP N     CA    sing N N 355 
TRP N     H     sing N N 356 
TRP N     H2    sing N N 357 
TRP CA    C     sing N N 358 
TRP CA    CB    sing N N 359 
TRP CA    HA    sing N N 360 
TRP C     O     doub N N 361 
TRP C     OXT   sing N N 362 
TRP CB    CG    sing N N 363 
TRP CB    HB2   sing N N 364 
TRP CB    HB3   sing N N 365 
TRP CG    CD1   doub Y N 366 
TRP CG    CD2   sing Y N 367 
TRP CD1   NE1   sing Y N 368 
TRP CD1   HD1   sing N N 369 
TRP CD2   CE2   doub Y N 370 
TRP CD2   CE3   sing Y N 371 
TRP NE1   CE2   sing Y N 372 
TRP NE1   HE1   sing N N 373 
TRP CE2   CZ2   sing Y N 374 
TRP CE3   CZ3   doub Y N 375 
TRP CE3   HE3   sing N N 376 
TRP CZ2   CH2   doub Y N 377 
TRP CZ2   HZ2   sing N N 378 
TRP CZ3   CH2   sing Y N 379 
TRP CZ3   HZ3   sing N N 380 
TRP CH2   HH2   sing N N 381 
TRP OXT   HXT   sing N N 382 
TYR N     CA    sing N N 383 
TYR N     H     sing N N 384 
TYR N     H2    sing N N 385 
TYR CA    C     sing N N 386 
TYR CA    CB    sing N N 387 
TYR CA    HA    sing N N 388 
TYR C     O     doub N N 389 
TYR C     OXT   sing N N 390 
TYR CB    CG    sing N N 391 
TYR CB    HB2   sing N N 392 
TYR CB    HB3   sing N N 393 
TYR CG    CD1   doub Y N 394 
TYR CG    CD2   sing Y N 395 
TYR CD1   CE1   sing Y N 396 
TYR CD1   HD1   sing N N 397 
TYR CD2   CE2   doub Y N 398 
TYR CD2   HD2   sing N N 399 
TYR CE1   CZ    doub Y N 400 
TYR CE1   HE1   sing N N 401 
TYR CE2   CZ    sing Y N 402 
TYR CE2   HE2   sing N N 403 
TYR CZ    OH    sing N N 404 
TYR OH    HH    sing N N 405 
TYR OXT   HXT   sing N N 406 
VAL N     CA    sing N N 407 
VAL N     H     sing N N 408 
VAL N     H2    sing N N 409 
VAL CA    C     sing N N 410 
VAL CA    CB    sing N N 411 
VAL CA    HA    sing N N 412 
VAL C     O     doub N N 413 
VAL C     OXT   sing N N 414 
VAL CB    CG1   sing N N 415 
VAL CB    CG2   sing N N 416 
VAL CB    HB    sing N N 417 
VAL CG1   HG11  sing N N 418 
VAL CG1   HG12  sing N N 419 
VAL CG1   HG13  sing N N 420 
VAL CG2   HG21  sing N N 421 
VAL CG2   HG22  sing N N 422 
VAL CG2   HG23  sing N N 423 
VAL OXT   HXT   sing N N 424 
# 
_pdbx_initial_refinement_model.accession_code   ? 
_pdbx_initial_refinement_model.id               1 
_pdbx_initial_refinement_model.entity_id_list   ? 
_pdbx_initial_refinement_model.type             'experimental model' 
_pdbx_initial_refinement_model.source_name      Other 
_pdbx_initial_refinement_model.details          'WILD TYPE P450BM-3 HEME DOMAIN' 
# 
_atom_sites.entry_id                    1U71 
_atom_sites.fract_transf_matrix[1][1]   -0.00710067 
_atom_sites.fract_transf_matrix[1][2]   0.01055545 
_atom_sites.fract_transf_matrix[1][3]   0.00470000 
_atom_sites.fract_transf_matrix[2][1]   0.00642068 
_atom_sites.fract_transf_matrix[2][2]   0.01127759 
_atom_sites.fract_transf_matrix[2][3]   0.00393938 
_atom_sites.fract_transf_matrix[3][1]   -0.00091892 
_atom_sites.fract_transf_matrix[3][2]   0.00467793 
_atom_sites.fract_transf_matrix[3][3]   -0.01189417 
_atom_sites.fract_transf_vector[1]      0.351767 
_atom_sites.fract_transf_vector[2]      0.178570 
_atom_sites.fract_transf_vector[3]      -0.007484 
# 
loop_
_atom_type.symbol 
C 
N 
O 
S 
# 
loop_
_atom_site.group_PDB 
_atom_site.id 
_atom_site.type_symbol 
_atom_site.label_atom_id 
_atom_site.label_alt_id 
_atom_site.label_comp_id 
_atom_site.label_asym_id 
_atom_site.label_entity_id 
_atom_site.label_seq_id 
_atom_site.pdbx_PDB_ins_code 
_atom_site.Cartn_x 
_atom_site.Cartn_y 
_atom_site.Cartn_z 
_atom_site.occupancy 
_atom_site.B_iso_or_equiv 
_atom_site.pdbx_formal_charge 
_atom_site.auth_seq_id 
_atom_site.auth_comp_id 
_atom_site.auth_asym_id 
_atom_site.auth_atom_id 
_atom_site.pdbx_PDB_model_num 
ATOM   1    N N     . VAL A 1 1   ? 16.775  3.155   -2.610  1.00 31.13 ? 1   VAL A N     1 
ATOM   2    C CA    . VAL A 1 1   ? 15.618  2.382   -2.156  1.00 30.60 ? 1   VAL A CA    1 
ATOM   3    C C     . VAL A 1 1   ? 16.009  1.186   -1.267  1.00 29.63 ? 1   VAL A C     1 
ATOM   4    O O     . VAL A 1 1   ? 16.866  0.318   -1.581  1.00 29.68 ? 1   VAL A O     1 
ATOM   5    C CB    . VAL A 1 1   ? 14.802  1.905   -3.387  1.00 31.01 ? 1   VAL A CB    1 
ATOM   6    C CG1   . VAL A 1 1   ? 14.102  3.047   -4.087  1.00 30.93 ? 1   VAL A CG1   1 
ATOM   7    C CG2   . VAL A 1 1   ? 15.774  1.149   -4.301  1.00 31.14 ? 1   VAL A CG2   1 
ATOM   8    N N     . GLY A 1 2   ? 15.293  1.206   -0.156  1.00 27.81 ? 2   GLY A N     1 
ATOM   9    C CA    . GLY A 1 2   ? 15.470  0.101   0.829   1.00 26.19 ? 2   GLY A CA    1 
ATOM   10   C C     . GLY A 1 2   ? 14.433  -0.943  0.249   1.00 25.65 ? 2   GLY A C     1 
ATOM   11   O O     . GLY A 1 2   ? 14.386  -1.358  -0.944  1.00 25.07 ? 2   GLY A O     1 
ATOM   12   N N     . SER A 1 3   ? 13.571  -1.229  1.218   1.00 23.71 ? 3   SER A N     1 
ATOM   13   C CA    . SER A 1 3   ? 12.505  -2.204  1.025   1.00 22.89 ? 3   SER A CA    1 
ATOM   14   C C     . SER A 1 3   ? 11.304  -1.995  0.121   1.00 21.02 ? 3   SER A C     1 
ATOM   15   O O     . SER A 1 3   ? 10.972  -0.821  0.108   1.00 19.45 ? 3   SER A O     1 
ATOM   16   C CB    . SER A 1 3   ? 11.996  -2.470  2.503   1.00 22.99 ? 3   SER A CB    1 
ATOM   17   O OG    . SER A 1 3   ? 12.852  -3.602  2.760   1.00 24.96 ? 3   SER A OG    1 
ATOM   18   N N     . LEU A 1 4   ? 10.777  -3.091  -0.443  1.00 19.00 ? 4   LEU A N     1 
ATOM   19   C CA    . LEU A 1 4   ? 9.556   -3.038  -1.250  1.00 18.31 ? 4   LEU A CA    1 
ATOM   20   C C     . LEU A 1 4   ? 8.409   -3.643  -0.406  1.00 17.35 ? 4   LEU A C     1 
ATOM   21   O O     . LEU A 1 4   ? 8.419   -4.794  -0.072  1.00 16.25 ? 4   LEU A O     1 
ATOM   22   C CB    . LEU A 1 4   ? 9.719   -3.818  -2.581  1.00 18.84 ? 4   LEU A CB    1 
ATOM   23   C CG    . LEU A 1 4   ? 8.582   -3.574  -3.592  1.00 18.68 ? 4   LEU A CG    1 
ATOM   24   C CD1   . LEU A 1 4   ? 8.733   -2.156  -4.133  1.00 17.99 ? 4   LEU A CD1   1 
ATOM   25   C CD2   . LEU A 1 4   ? 8.624   -4.567  -4.734  1.00 17.75 ? 4   LEU A CD2   1 
ATOM   26   N N     . ASN A 1 5   ? 7.322   -2.970  -0.109  1.00 16.53 ? 5   ASN A N     1 
ATOM   27   C CA    . ASN A 1 5   ? 6.209   -3.361  0.720   1.00 15.52 ? 5   ASN A CA    1 
ATOM   28   C C     . ASN A 1 5   ? 4.892   -2.951  0.047   1.00 15.30 ? 5   ASN A C     1 
ATOM   29   O O     . ASN A 1 5   ? 4.920   -1.959  -0.659  1.00 14.08 ? 5   ASN A O     1 
ATOM   30   C CB    . ASN A 1 5   ? 6.367   -2.517  2.052   1.00 14.12 ? 5   ASN A CB    1 
ATOM   31   C CG    . ASN A 1 5   ? 7.781   -2.625  2.623   1.00 15.14 ? 5   ASN A CG    1 
ATOM   32   O OD1   . ASN A 1 5   ? 8.175   -3.639  3.276   1.00 14.94 ? 5   ASN A OD1   1 
ATOM   33   N ND2   . ASN A 1 5   ? 8.652   -1.652  2.405   1.00 14.41 ? 5   ASN A ND2   1 
ATOM   34   N N     . CYS A 1 6   ? 3.869   -3.652  0.423   1.00 15.07 ? 6   CYS A N     1 
ATOM   35   C CA    . CYS A 1 6   ? 2.475   -3.477  0.039   1.00 14.86 ? 6   CYS A CA    1 
ATOM   36   C C     . CYS A 1 6   ? 1.746   -3.393  1.407   1.00 13.35 ? 6   CYS A C     1 
ATOM   37   O O     . CYS A 1 6   ? 2.145   -4.138  2.277   1.00 12.80 ? 6   CYS A O     1 
ATOM   38   C CB    . CYS A 1 6   ? 1.814   -4.660  -0.656  1.00 14.86 ? 6   CYS A CB    1 
ATOM   39   S SG    . CYS A 1 6   ? 2.638   -5.118  -2.216  1.00 16.86 ? 6   CYS A SG    1 
ATOM   40   N N     . ILE A 1 7   ? 0.770   -2.517  1.489   1.00 12.41 ? 7   ILE A N     1 
ATOM   41   C CA    . ILE A 1 7   ? -0.040  -2.339  2.686   1.00 11.56 ? 7   ILE A CA    1 
ATOM   42   C C     . ILE A 1 7   ? -1.452  -2.306  2.129   1.00 11.40 ? 7   ILE A C     1 
ATOM   43   O O     . ILE A 1 7   ? -1.626  -1.637  1.110   1.00 11.60 ? 7   ILE A O     1 
ATOM   44   C CB    . ILE A 1 7   ? 0.447   -1.160  3.587   1.00 11.65 ? 7   ILE A CB    1 
ATOM   45   C CG1   . ILE A 1 7   ? -0.386  -1.068  4.931   1.00 10.39 ? 7   ILE A CG1   1 
ATOM   46   C CG2   . ILE A 1 7   ? 0.431   0.164   2.762   1.00 11.12 ? 7   ILE A CG2   1 
ATOM   47   C CD1   . ILE A 1 7   ? 0.291   0.017   5.854   1.00 8.71  ? 7   ILE A CD1   1 
ATOM   48   N N     . VAL A 1 8   ? -2.387  -3.015  2.745   1.00 11.20 ? 8   VAL A N     1 
ATOM   49   C CA    . VAL A 1 8   ? -3.791  -3.129  2.415   1.00 10.80 ? 8   VAL A CA    1 
ATOM   50   C C     . VAL A 1 8   ? -4.711  -3.409  3.623   1.00 10.82 ? 8   VAL A C     1 
ATOM   51   O O     . VAL A 1 8   ? -4.297  -4.101  4.560   1.00 9.53  ? 8   VAL A O     1 
ATOM   52   C CB    . VAL A 1 8   ? -3.933  -4.285  1.355   1.00 11.03 ? 8   VAL A CB    1 
ATOM   53   C CG1   . VAL A 1 8   ? -3.737  -5.659  1.931   1.00 10.47 ? 8   VAL A CG1   1 
ATOM   54   C CG2   . VAL A 1 8   ? -5.277  -4.411  0.611   1.00 10.55 ? 8   VAL A CG2   1 
ATOM   55   N N     . ALA A 1 9   ? -5.982  -2.950  3.568   1.00 11.25 ? 9   ALA A N     1 
ATOM   56   C CA    . ALA A 1 9   ? -6.967  -3.317  4.622   1.00 12.05 ? 9   ALA A CA    1 
ATOM   57   C C     . ALA A 1 9   ? -7.840  -4.222  3.791   1.00 12.71 ? 9   ALA A C     1 
ATOM   58   O O     . ALA A 1 9   ? -8.001  -3.733  2.665   1.00 12.00 ? 9   ALA A O     1 
ATOM   59   C CB    . ALA A 1 9   ? -7.600  -2.026  5.140   1.00 12.07 ? 9   ALA A CB    1 
ATOM   60   N N     . VAL A 1 10  ? -8.378  -5.378  4.058   1.00 14.90 ? 10  VAL A N     1 
ATOM   61   C CA    . VAL A 1 10  ? -9.162  -6.332  3.329   1.00 15.99 ? 10  VAL A CA    1 
ATOM   62   C C     . VAL A 1 10  ? -10.252 -6.911  4.256   1.00 17.66 ? 10  VAL A C     1 
ATOM   63   O O     . VAL A 1 10  ? -9.913  -7.239  5.379   1.00 17.08 ? 10  VAL A O     1 
ATOM   64   C CB    . VAL A 1 10  ? -8.483  -7.626  2.890   1.00 16.64 ? 10  VAL A CB    1 
ATOM   65   C CG1   . VAL A 1 10  ? -8.188  -8.017  1.488   1.00 15.94 ? 10  VAL A CG1   1 
ATOM   66   C CG2   . VAL A 1 10  ? -7.161  -7.889  3.670   1.00 17.97 ? 10  VAL A CG2   1 
ATOM   67   N N     . SER A 1 11  ? -11.454 -7.059  3.742   1.00 19.15 ? 11  SER A N     1 
ATOM   68   C CA    . SER A 1 11  ? -12.590 -7.633  4.520   1.00 19.88 ? 11  SER A CA    1 
ATOM   69   C C     . SER A 1 11  ? -12.560 -9.138  4.480   1.00 19.96 ? 11  SER A C     1 
ATOM   70   O O     . SER A 1 11  ? -11.661 -9.626  3.721   1.00 19.89 ? 11  SER A O     1 
ATOM   71   C CB    . SER A 1 11  ? -13.936 -7.114  3.965   1.00 19.15 ? 11  SER A CB    1 
ATOM   72   O OG    . SER A 1 11  ? -13.987 -7.474  2.592   1.00 18.02 ? 11  SER A OG    1 
ATOM   73   N N     . GLN A 1 12  ? -13.412 -9.857  5.234   1.00 21.08 ? 12  GLN A N     1 
ATOM   74   C CA    . GLN A 1 12  ? -13.261 -11.321 5.073   1.00 22.85 ? 12  GLN A CA    1 
ATOM   75   C C     . GLN A 1 12  ? -13.555 -11.841 3.667   1.00 22.88 ? 12  GLN A C     1 
ATOM   76   O O     . GLN A 1 12  ? -13.063 -12.991 3.471   1.00 23.28 ? 12  GLN A O     1 
ATOM   77   C CB    . GLN A 1 12  ? -13.986 -12.358 5.977   1.00 25.32 ? 12  GLN A CB    1 
ATOM   78   C CG    . GLN A 1 12  ? -12.884 -12.599 7.057   1.00 27.88 ? 12  GLN A CG    1 
ATOM   79   C CD    . GLN A 1 12  ? -13.581 -12.978 8.343   1.00 29.24 ? 12  GLN A CD    1 
ATOM   80   O OE1   . GLN A 1 12  ? -12.836 -12.967 9.332   1.00 29.68 ? 12  GLN A OE1   1 
ATOM   81   N NE2   . GLN A 1 12  ? -14.872 -13.278 8.122   1.00 29.95 ? 12  GLN A NE2   1 
ATOM   82   N N     . ASN A 1 13  ? -14.274 -11.105 2.842   1.00 22.70 ? 13  ASN A N     1 
ATOM   83   C CA    . ASN A 1 13  ? -14.511 -11.601 1.436   1.00 23.61 ? 13  ASN A CA    1 
ATOM   84   C C     . ASN A 1 13  ? -13.310 -11.228 0.537   1.00 23.34 ? 13  ASN A C     1 
ATOM   85   O O     . ASN A 1 13  ? -13.251 -11.470 -0.706  1.00 25.35 ? 13  ASN A O     1 
ATOM   86   C CB    . ASN A 1 13  ? -15.843 -11.104 0.912   1.00 22.55 ? 13  ASN A CB    1 
ATOM   87   C CG    . ASN A 1 13  ? -16.392 -9.777  1.320   1.00 22.31 ? 13  ASN A CG    1 
ATOM   88   O OD1   . ASN A 1 13  ? -16.089 -9.090  2.307   1.00 22.61 ? 13  ASN A OD1   1 
ATOM   89   N ND2   . ASN A 1 13  ? -17.328 -9.220  0.555   1.00 21.48 ? 13  ASN A ND2   1 
ATOM   90   N N     . MET A 1 14  ? -12.314 -10.589 1.083   1.00 21.87 ? 14  MET A N     1 
ATOM   91   C CA    . MET A 1 14  ? -11.103 -10.139 0.347   1.00 21.28 ? 14  MET A CA    1 
ATOM   92   C C     . MET A 1 14  ? -11.399 -8.879  -0.431  1.00 18.65 ? 14  MET A C     1 
ATOM   93   O O     . MET A 1 14  ? -10.722 -8.556  -1.401  1.00 19.43 ? 14  MET A O     1 
ATOM   94   C CB    . MET A 1 14  ? -10.539 -11.205 -0.602  1.00 22.66 ? 14  MET A CB    1 
ATOM   95   C CG    . MET A 1 14  ? -10.331 -12.520 0.095   1.00 23.92 ? 14  MET A CG    1 
ATOM   96   S SD    . MET A 1 14  ? -8.930  -12.147 1.199   1.00 26.31 ? 14  MET A SD    1 
ATOM   97   C CE    . MET A 1 14  ? -7.481  -12.278 0.165   1.00 24.08 ? 14  MET A CE    1 
ATOM   98   N N     . GLY A 1 15  ? -12.358 -8.132  -0.016  1.00 17.41 ? 15  GLY A N     1 
ATOM   99   C CA    . GLY A 1 15  ? -12.841 -6.883  -0.554  1.00 15.72 ? 15  GLY A CA    1 
ATOM   100  C C     . GLY A 1 15  ? -11.958 -5.735  -0.194  1.00 14.43 ? 15  GLY A C     1 
ATOM   101  O O     . GLY A 1 15  ? -11.676 -5.537  1.015   1.00 15.66 ? 15  GLY A O     1 
ATOM   102  N N     . ILE A 1 16  ? -11.475 -4.974  -1.168  1.00 12.95 ? 16  ILE A N     1 
ATOM   103  C CA    . ILE A 1 16  ? -10.671 -3.788  -0.868  1.00 11.34 ? 16  ILE A CA    1 
ATOM   104  C C     . ILE A 1 16  ? -11.409 -2.514  -1.301  1.00 12.53 ? 16  ILE A C     1 
ATOM   105  O O     . ILE A 1 16  ? -10.881 -1.442  -0.935  1.00 12.83 ? 16  ILE A O     1 
ATOM   106  C CB    . ILE A 1 16  ? -9.215  -3.838  -1.420  1.00 12.00 ? 16  ILE A CB    1 
ATOM   107  C CG1   . ILE A 1 16  ? -9.201  -3.862  -3.006  1.00 11.49 ? 16  ILE A CG1   1 
ATOM   108  C CG2   . ILE A 1 16  ? -8.431  -5.033  -0.869  1.00 11.91 ? 16  ILE A CG2   1 
ATOM   109  C CD1   . ILE A 1 16  ? -7.782  -3.915  -3.530  1.00 12.62 ? 16  ILE A CD1   1 
ATOM   110  N N     . GLY A 1 17  ? -12.512 -2.530  -2.059  1.00 11.78 ? 17  GLY A N     1 
ATOM   111  C CA    . GLY A 1 17  ? -13.044 -1.193  -2.441  1.00 12.10 ? 17  GLY A CA    1 
ATOM   112  C C     . GLY A 1 17  ? -14.489 -1.483  -2.920  1.00 11.98 ? 17  GLY A C     1 
ATOM   113  O O     . GLY A 1 17  ? -14.735 -2.610  -3.208  1.00 11.59 ? 17  GLY A O     1 
ATOM   114  N N     . LYS A 1 18  ? -15.256 -0.484  -2.932  1.00 13.57 ? 18  LYS A N     1 
ATOM   115  C CA    . LYS A 1 18  ? -16.642 -0.447  -3.389  1.00 15.65 ? 18  LYS A CA    1 
ATOM   116  C C     . LYS A 1 18  ? -16.832 0.924   -4.106  1.00 16.30 ? 18  LYS A C     1 
ATOM   117  O O     . LYS A 1 18  ? -16.904 1.919   -3.420  1.00 15.71 ? 18  LYS A O     1 
ATOM   118  C CB    . LYS A 1 18  ? -17.789 -0.553  -2.413  1.00 15.34 ? 18  LYS A CB    1 
ATOM   119  C CG    . LYS A 1 18  ? -18.928 -1.193  -3.227  1.00 16.24 ? 18  LYS A CG    1 
ATOM   120  C CD    . LYS A 1 18  ? -20.228 -1.096  -2.441  1.00 17.03 ? 18  LYS A CD    1 
ATOM   121  C CE    . LYS A 1 18  ? -20.207 -0.034  -1.384  1.00 17.73 ? 18  LYS A CE    1 
ATOM   122  N NZ    . LYS A 1 18  ? -21.566 -0.175  -0.665  1.00 18.84 ? 18  LYS A NZ    1 
ATOM   123  N N     . ASN A 1 19  ? -16.861 0.916   -5.452  1.00 18.23 ? 19  ASN A N     1 
ATOM   124  C CA    . ASN A 1 19  ? -17.059 2.221   -6.162  1.00 19.32 ? 19  ASN A CA    1 
ATOM   125  C C     . ASN A 1 19  ? -16.001 3.241   -5.787  1.00 20.19 ? 19  ASN A C     1 
ATOM   126  O O     . ASN A 1 19  ? -16.341 4.416   -5.485  1.00 21.41 ? 19  ASN A O     1 
ATOM   127  C CB    . ASN A 1 19  ? -18.441 2.794   -5.908  1.00 19.79 ? 19  ASN A CB    1 
ATOM   128  C CG    . ASN A 1 19  ? -19.502 1.972   -6.654  1.00 20.02 ? 19  ASN A CG    1 
ATOM   129  O OD1   . ASN A 1 19  ? -19.196 1.531   -7.764  1.00 21.14 ? 19  ASN A OD1   1 
ATOM   130  N ND2   . ASN A 1 19  ? -20.639 1.739   -6.052  1.00 20.50 ? 19  ASN A ND2   1 
ATOM   131  N N     . GLY A 1 20  ? -14.803 2.745   -5.840  1.00 21.02 ? 20  GLY A N     1 
ATOM   132  C CA    . GLY A 1 20  ? -13.607 3.535   -5.488  1.00 23.07 ? 20  GLY A CA    1 
ATOM   133  C C     . GLY A 1 20  ? -13.579 3.806   -3.982  1.00 24.63 ? 20  GLY A C     1 
ATOM   134  O O     . GLY A 1 20  ? -12.478 4.192   -3.448  1.00 26.76 ? 20  GLY A O     1 
ATOM   135  N N     . ASP A 1 21  ? -14.614 3.587   -3.199  1.00 24.27 ? 21  ASP A N     1 
ATOM   136  C CA    . ASP A 1 21  ? -14.498 3.898   -1.757  1.00 24.43 ? 21  ASP A CA    1 
ATOM   137  C C     . ASP A 1 21  ? -14.173 2.651   -0.951  1.00 23.20 ? 21  ASP A C     1 
ATOM   138  O O     . ASP A 1 21  ? -14.283 1.530   -1.461  1.00 22.43 ? 21  ASP A O     1 
ATOM   139  C CB    . ASP A 1 21  ? -15.884 4.424   -1.331  1.00 26.29 ? 21  ASP A CB    1 
ATOM   140  C CG    . ASP A 1 21  ? -15.896 5.481   -0.231  1.00 27.84 ? 21  ASP A CG    1 
ATOM   141  O OD1   . ASP A 1 21  ? -14.917 6.096   0.256   1.00 28.20 ? 21  ASP A OD1   1 
ATOM   142  O OD2   . ASP A 1 21  ? -17.079 5.683   0.159   1.00 29.08 ? 21  ASP A OD2   1 
ATOM   143  N N     . ARG A 1 22  ? -13.917 2.928   0.302   1.00 23.21 ? 22  ARG A N     1 
ATOM   144  C CA    . ARG A 1 22  ? -13.721 1.860   1.324   1.00 22.90 ? 22  ARG A CA    1 
ATOM   145  C C     . ARG A 1 22  ? -15.109 1.197   1.504   1.00 22.01 ? 22  ARG A C     1 
ATOM   146  O O     . ARG A 1 22  ? -16.161 1.848   1.770   1.00 21.96 ? 22  ARG A O     1 
ATOM   147  C CB    . ARG A 1 22  ? -13.366 2.323   2.736   0.50 22.90 ? 22  ARG A CB    1 
ATOM   148  C CG    . ARG A 1 22  ? -12.147 3.170   3.013   0.50 24.20 ? 22  ARG A CG    1 
ATOM   149  C CD    . ARG A 1 22  ? -12.243 3.829   4.369   0.50 25.61 ? 22  ARG A CD    1 
ATOM   150  N NE    . ARG A 1 22  ? -11.936 5.249   4.442   0.50 26.60 ? 22  ARG A NE    1 
ATOM   151  C CZ    . ARG A 1 22  ? -11.352 5.922   5.434   0.50 27.31 ? 22  ARG A CZ    1 
ATOM   152  N NH1   . ARG A 1 22  ? -10.822 5.357   6.518   0.50 27.68 ? 22  ARG A NH1   1 
ATOM   153  N NH2   . ARG A 1 22  ? -11.392 7.274   5.455   0.50 27.67 ? 22  ARG A NH2   1 
ATOM   154  N N     . PRO A 1 23  ? -15.152 -0.118  1.473   1.00 21.08 ? 23  PRO A N     1 
ATOM   155  C CA    . PRO A 1 23  ? -16.431 -0.794  1.738   1.00 20.98 ? 23  PRO A CA    1 
ATOM   156  C C     . PRO A 1 23  ? -16.901 -0.775  3.184   1.00 21.72 ? 23  PRO A C     1 
ATOM   157  O O     . PRO A 1 23  ? -18.026 -1.275  3.435   1.00 22.81 ? 23  PRO A O     1 
ATOM   158  C CB    . PRO A 1 23  ? -16.166 -2.218  1.297   1.00 21.25 ? 23  PRO A CB    1 
ATOM   159  C CG    . PRO A 1 23  ? -14.766 -2.332  0.837   1.00 20.42 ? 23  PRO A CG    1 
ATOM   160  C CD    . PRO A 1 23  ? -14.074 -1.028  1.189   1.00 20.85 ? 23  PRO A CD    1 
ATOM   161  N N     . TRP A 1 24  ? -16.215 -0.218  4.165   1.00 21.90 ? 24  TRP A N     1 
ATOM   162  C CA    . TRP A 1 24  ? -16.543 -0.154  5.583   1.00 21.93 ? 24  TRP A CA    1 
ATOM   163  C C     . TRP A 1 24  ? -16.492 1.296   6.038   1.00 23.42 ? 24  TRP A C     1 
ATOM   164  O O     . TRP A 1 24  ? -15.909 2.102   5.347   1.00 24.56 ? 24  TRP A O     1 
ATOM   165  C CB    . TRP A 1 24  ? -15.491 -0.891  6.474   1.00 19.34 ? 24  TRP A CB    1 
ATOM   166  C CG    . TRP A 1 24  ? -14.101 -0.802  5.935   1.00 16.71 ? 24  TRP A CG    1 
ATOM   167  C CD1   . TRP A 1 24  ? -13.202 0.215   6.218   1.00 15.74 ? 24  TRP A CD1   1 
ATOM   168  C CD2   . TRP A 1 24  ? -13.453 -1.694  5.031   1.00 15.45 ? 24  TRP A CD2   1 
ATOM   169  N NE1   . TRP A 1 24  ? -12.033 -0.075  5.578   1.00 15.62 ? 24  TRP A NE1   1 
ATOM   170  C CE2   . TRP A 1 24  ? -12.130 -1.232  4.851   1.00 14.85 ? 24  TRP A CE2   1 
ATOM   171  C CE3   . TRP A 1 24  ? -13.827 -2.918  4.431   1.00 15.00 ? 24  TRP A CE3   1 
ATOM   172  C CZ2   . TRP A 1 24  ? -11.233 -1.815  3.984   1.00 13.91 ? 24  TRP A CZ2   1 
ATOM   173  C CZ3   . TRP A 1 24  ? -12.887 -3.502  3.567   1.00 14.43 ? 24  TRP A CZ3   1 
ATOM   174  C CH2   . TRP A 1 24  ? -11.627 -2.978  3.341   1.00 13.64 ? 24  TRP A CH2   1 
ATOM   175  N N     . PRO A 1 25  ? -17.028 1.606   7.186   1.00 25.30 ? 25  PRO A N     1 
ATOM   176  C CA    . PRO A 1 25  ? -16.974 2.995   7.668   1.00 26.25 ? 25  PRO A CA    1 
ATOM   177  C C     . PRO A 1 25  ? -15.505 3.293   7.954   1.00 27.42 ? 25  PRO A C     1 
ATOM   178  O O     . PRO A 1 25  ? -14.742 2.355   8.092   1.00 27.69 ? 25  PRO A O     1 
ATOM   179  C CB    . PRO A 1 25  ? -17.864 2.959   8.878   1.00 25.64 ? 25  PRO A CB    1 
ATOM   180  C CG    . PRO A 1 25  ? -17.930 1.535   9.335   1.00 25.74 ? 25  PRO A CG    1 
ATOM   181  C CD    . PRO A 1 25  ? -17.750 0.693   8.086   1.00 25.71 ? 25  PRO A CD    1 
ATOM   182  N N     . PRO A 1 26  ? -15.161 4.558   8.142   1.00 28.33 ? 26  PRO A N     1 
ATOM   183  C CA    . PRO A 1 26  ? -13.806 5.007   8.462   1.00 28.38 ? 26  PRO A CA    1 
ATOM   184  C C     . PRO A 1 26  ? -13.319 4.382   9.737   1.00 29.12 ? 26  PRO A C     1 
ATOM   185  O O     . PRO A 1 26  ? -14.115 4.085   10.680  1.00 29.98 ? 26  PRO A O     1 
ATOM   186  C CB    . PRO A 1 26  ? -13.960 6.508   8.532   1.00 29.12 ? 26  PRO A CB    1 
ATOM   187  C CG    . PRO A 1 26  ? -15.110 6.764   7.543   1.00 28.79 ? 26  PRO A CG    1 
ATOM   188  C CD    . PRO A 1 26  ? -16.116 5.685   7.989   1.00 28.62 ? 26  PRO A CD    1 
ATOM   189  N N     . LEU A 1 27  ? -12.015 4.144   9.763   1.00 27.98 ? 27  LEU A N     1 
ATOM   190  C CA    . LEU A 1 27  ? -11.242 3.523   10.837  1.00 26.39 ? 27  LEU A CA    1 
ATOM   191  C C     . LEU A 1 27  ? -9.962  4.345   10.977  1.00 26.80 ? 27  LEU A C     1 
ATOM   192  O O     . LEU A 1 27  ? -8.866  4.116   10.424  1.00 25.63 ? 27  LEU A O     1 
ATOM   193  C CB    . LEU A 1 27  ? -11.050 2.058   10.558  1.00 25.50 ? 27  LEU A CB    1 
ATOM   194  C CG    . LEU A 1 27  ? -12.265 1.196   10.263  1.00 25.42 ? 27  LEU A CG    1 
ATOM   195  C CD1   . LEU A 1 27  ? -11.702 -0.047  9.569   1.00 24.98 ? 27  LEU A CD1   1 
ATOM   196  C CD2   . LEU A 1 27  ? -13.030 0.844   11.506  1.00 24.43 ? 27  LEU A CD2   1 
ATOM   197  N N     . ARG A 1 28  ? -10.236 5.376   11.737  1.00 27.52 ? 28  ARG A N     1 
ATOM   198  C CA    . ARG A 1 28  ? -9.322  6.461   12.108  1.00 28.12 ? 28  ARG A CA    1 
ATOM   199  C C     . ARG A 1 28  ? -8.028  5.961   12.631  1.00 26.80 ? 28  ARG A C     1 
ATOM   200  O O     . ARG A 1 28  ? -6.951  6.458   12.259  1.00 27.83 ? 28  ARG A O     1 
ATOM   201  C CB    . ARG A 1 28  ? -10.246 7.352   12.991  1.00 30.94 ? 28  ARG A CB    1 
ATOM   202  C CG    . ARG A 1 28  ? -11.368 7.831   12.060  1.00 34.22 ? 28  ARG A CG    1 
ATOM   203  C CD    . ARG A 1 28  ? -12.432 8.763   12.524  1.00 36.45 ? 28  ARG A CD    1 
ATOM   204  N NE    . ARG A 1 28  ? -13.505 8.846   11.534  1.00 39.32 ? 28  ARG A NE    1 
ATOM   205  C CZ    . ARG A 1 28  ? -14.565 9.682   11.462  1.00 41.27 ? 28  ARG A CZ    1 
ATOM   206  N NH1   . ARG A 1 28  ? -15.504 9.605   10.478  1.00 41.61 ? 28  ARG A NH1   1 
ATOM   207  N NH2   . ARG A 1 28  ? -14.787 10.665  12.371  1.00 41.71 ? 28  ARG A NH2   1 
ATOM   208  N N     . ASN A 1 29  ? -8.012  4.926   13.425  1.00 25.35 ? 29  ASN A N     1 
ATOM   209  C CA    . ASN A 1 29  ? -6.803  4.297   14.006  1.00 24.54 ? 29  ASN A CA    1 
ATOM   210  C C     . ASN A 1 29  ? -6.172  3.340   12.983  1.00 22.66 ? 29  ASN A C     1 
ATOM   211  O O     . ASN A 1 29  ? -4.957  3.086   12.973  1.00 22.83 ? 29  ASN A O     1 
ATOM   212  C CB    . ASN A 1 29  ? -7.251  3.547   15.262  1.00 25.50 ? 29  ASN A CB    1 
ATOM   213  C CG    . ASN A 1 29  ? -7.493  4.279   16.548  1.00 25.73 ? 29  ASN A CG    1 
ATOM   214  O OD1   . ASN A 1 29  ? -7.475  5.498   16.739  1.00 25.85 ? 29  ASN A OD1   1 
ATOM   215  N ND2   . ASN A 1 29  ? -7.731  3.404   17.563  1.00 25.58 ? 29  ASN A ND2   1 
ATOM   216  N N     . GLU A 1 30  ? -7.006  2.738   12.168  1.00 20.38 ? 30  GLU A N     1 
ATOM   217  C CA    . GLU A 1 30  ? -6.483  1.867   11.099  1.00 20.14 ? 30  GLU A CA    1 
ATOM   218  C C     . GLU A 1 30  ? -5.783  2.857   10.145  1.00 19.46 ? 30  GLU A C     1 
ATOM   219  O O     . GLU A 1 30  ? -4.683  2.641   9.603   1.00 19.04 ? 30  GLU A O     1 
ATOM   220  C CB    . GLU A 1 30  ? -7.557  1.072   10.375  1.00 19.58 ? 30  GLU A CB    1 
ATOM   221  C CG    . GLU A 1 30  ? -7.337  -0.158  9.519   1.00 18.93 ? 30  GLU A CG    1 
ATOM   222  C CD    . GLU A 1 30  ? -6.257  0.070   8.471   1.00 18.91 ? 30  GLU A CD    1 
ATOM   223  O OE1   . GLU A 1 30  ? -5.351  -0.632  8.152   1.00 17.29 ? 30  GLU A OE1   1 
ATOM   224  O OE2   . GLU A 1 30  ? -6.317  1.167   7.867   1.00 19.43 ? 30  GLU A OE2   1 
ATOM   225  N N     . PHE A 1 31  ? -6.385  4.035   9.989   1.00 19.83 ? 31  PHE A N     1 
ATOM   226  C CA    . PHE A 1 31  ? -5.888  5.105   9.081   1.00 20.09 ? 31  PHE A CA    1 
ATOM   227  C C     . PHE A 1 31  ? -4.586  5.697   9.533   1.00 20.31 ? 31  PHE A C     1 
ATOM   228  O O     . PHE A 1 31  ? -3.655  5.958   8.749   1.00 20.52 ? 31  PHE A O     1 
ATOM   229  C CB    . PHE A 1 31  ? -6.965  6.167   8.724   1.00 20.19 ? 31  PHE A CB    1 
ATOM   230  C CG    . PHE A 1 31  ? -6.386  7.172   7.781   1.00 21.15 ? 31  PHE A CG    1 
ATOM   231  C CD1   . PHE A 1 31  ? -6.182  6.780   6.437   1.00 20.74 ? 31  PHE A CD1   1 
ATOM   232  C CD2   . PHE A 1 31  ? -6.004  8.448   8.221   1.00 20.98 ? 31  PHE A CD2   1 
ATOM   233  C CE1   . PHE A 1 31  ? -5.646  7.671   5.537   1.00 20.60 ? 31  PHE A CE1   1 
ATOM   234  C CE2   . PHE A 1 31  ? -5.530  9.325   7.213   1.00 21.74 ? 31  PHE A CE2   1 
ATOM   235  C CZ    . PHE A 1 31  ? -5.283  8.969   5.868   1.00 20.04 ? 31  PHE A CZ    1 
ATOM   236  N N     . ARG A 1 32  ? -4.482  5.928   10.833  1.00 21.47 ? 32  ARG A N     1 
ATOM   237  C CA    . ARG A 1 32  ? -3.276  6.446   11.500  1.00 21.52 ? 32  ARG A CA    1 
ATOM   238  C C     . ARG A 1 32  ? -2.073  5.543   11.420  1.00 19.50 ? 32  ARG A C     1 
ATOM   239  O O     . ARG A 1 32  ? -0.901  5.928   11.360  1.00 19.49 ? 32  ARG A O     1 
ATOM   240  C CB    . ARG A 1 32  ? -3.550  6.696   12.989  1.00 23.67 ? 32  ARG A CB    1 
ATOM   241  C CG    . ARG A 1 32  ? -4.746  7.667   13.097  1.00 27.51 ? 32  ARG A CG    1 
ATOM   242  C CD    . ARG A 1 32  ? -4.534  8.576   14.278  1.00 31.13 ? 32  ARG A CD    1 
ATOM   243  N NE    . ARG A 1 32  ? -5.743  8.954   14.993  1.00 34.13 ? 32  ARG A NE    1 
ATOM   244  C CZ    . ARG A 1 32  ? -6.238  8.179   15.982  1.00 35.76 ? 32  ARG A CZ    1 
ATOM   245  N NH1   . ARG A 1 32  ? -5.572  7.062   16.310  1.00 37.35 ? 32  ARG A NH1   1 
ATOM   246  N NH2   . ARG A 1 32  ? -7.344  8.491   16.654  1.00 35.83 ? 32  ARG A NH2   1 
ATOM   247  N N     . TYR A 1 33  ? -2.317  4.301   11.383  1.00 19.01 ? 33  TYR A N     1 
ATOM   248  C CA    . TYR A 1 33  ? -1.347  3.163   11.300  1.00 18.03 ? 33  TYR A CA    1 
ATOM   249  C C     . TYR A 1 33  ? -0.804  3.091   9.871   1.00 17.81 ? 33  TYR A C     1 
ATOM   250  O O     . TYR A 1 33  ? 0.377   2.767   9.585   1.00 18.65 ? 33  TYR A O     1 
ATOM   251  C CB    . TYR A 1 33  ? -2.262  1.977   11.689  1.00 18.18 ? 33  TYR A CB    1 
ATOM   252  C CG    . TYR A 1 33  ? -1.616  0.720   11.161  1.00 18.95 ? 33  TYR A CG    1 
ATOM   253  C CD1   . TYR A 1 33  ? -2.011  0.192   9.937   1.00 18.70 ? 33  TYR A CD1   1 
ATOM   254  C CD2   . TYR A 1 33  ? -0.575  0.163   11.915  1.00 19.39 ? 33  TYR A CD2   1 
ATOM   255  C CE1   . TYR A 1 33  ? -1.347  -0.896  9.415   1.00 19.24 ? 33  TYR A CE1   1 
ATOM   256  C CE2   . TYR A 1 33  ? 0.076   -0.961  11.389  1.00 20.31 ? 33  TYR A CE2   1 
ATOM   257  C CZ    . TYR A 1 33  ? -0.371  -1.454  10.179  1.00 19.74 ? 33  TYR A CZ    1 
ATOM   258  O OH    . TYR A 1 33  ? 0.277   -2.533  9.746   1.00 22.54 ? 33  TYR A OH    1 
ATOM   259  N N     . PHE A 1 34  ? -1.676  3.427   8.940   1.00 16.04 ? 34  PHE A N     1 
ATOM   260  C CA    . PHE A 1 34  ? -1.430  3.445   7.485   1.00 16.55 ? 34  PHE A CA    1 
ATOM   261  C C     . PHE A 1 34  ? -0.506  4.643   7.228   1.00 16.50 ? 34  PHE A C     1 
ATOM   262  O O     . PHE A 1 34  ? 0.461   4.426   6.526   1.00 16.78 ? 34  PHE A O     1 
ATOM   263  C CB    . PHE A 1 34  ? -2.628  3.334   6.554   1.00 15.76 ? 34  PHE A CB    1 
ATOM   264  C CG    . PHE A 1 34  ? -2.392  3.833   5.153   1.00 16.11 ? 34  PHE A CG    1 
ATOM   265  C CD1   . PHE A 1 34  ? -1.952  2.962   4.135   1.00 15.37 ? 34  PHE A CD1   1 
ATOM   266  C CD2   . PHE A 1 34  ? -2.583  5.180   4.885   1.00 16.23 ? 34  PHE A CD2   1 
ATOM   267  C CE1   . PHE A 1 34  ? -1.676  3.384   2.859   1.00 15.24 ? 34  PHE A CE1   1 
ATOM   268  C CE2   . PHE A 1 34  ? -2.348  5.659   3.552   1.00 17.18 ? 34  PHE A CE2   1 
ATOM   269  C CZ    . PHE A 1 34  ? -1.878  4.748   2.565   1.00 16.25 ? 34  PHE A CZ    1 
ATOM   270  N N     . GLN A 1 35  ? -0.800  5.788   7.762   1.00 17.07 ? 35  GLN A N     1 
ATOM   271  C CA    . GLN A 1 35  ? -0.043  7.031   7.668   1.00 17.45 ? 35  GLN A CA    1 
ATOM   272  C C     . GLN A 1 35  ? 1.288   6.786   8.360   1.00 18.40 ? 35  GLN A C     1 
ATOM   273  O O     . GLN A 1 35  ? 2.337   6.970   7.754   1.00 18.39 ? 35  GLN A O     1 
ATOM   274  C CB    . GLN A 1 35  ? -0.882  8.162   8.274   1.00 17.75 ? 35  GLN A CB    1 
ATOM   275  C CG    . GLN A 1 35  ? -2.106  8.522   7.449   1.00 19.69 ? 35  GLN A CG    1 
ATOM   276  C CD    . GLN A 1 35  ? -1.900  9.565   6.402   1.00 20.98 ? 35  GLN A CD    1 
ATOM   277  O OE1   . GLN A 1 35  ? -2.704  10.514  6.398   1.00 21.28 ? 35  GLN A OE1   1 
ATOM   278  N NE2   . GLN A 1 35  ? -0.850  9.569   5.548   1.00 21.73 ? 35  GLN A NE2   1 
ATOM   279  N N     . ARG A 1 36  ? 1.274   6.287   9.599   1.00 19.46 ? 36  ARG A N     1 
ATOM   280  C CA    . ARG A 1 36  ? 2.517   5.935   10.323  1.00 20.58 ? 36  ARG A CA    1 
ATOM   281  C C     . ARG A 1 36  ? 3.375   4.941   9.592   1.00 19.97 ? 36  ARG A C     1 
ATOM   282  O O     . ARG A 1 36  ? 4.563   5.249   9.414   1.00 20.00 ? 36  ARG A O     1 
ATOM   283  C CB    . ARG A 1 36  ? 2.139   5.494   11.753  1.00 22.39 ? 36  ARG A CB    1 
ATOM   284  C CG    . ARG A 1 36  ? 3.209   4.762   12.500  1.00 25.12 ? 36  ARG A CG    1 
ATOM   285  C CD    . ARG A 1 36  ? 3.001   4.800   14.009  1.00 25.52 ? 36  ARG A CD    1 
ATOM   286  N NE    . ARG A 1 36  ? 2.146   3.666   14.392  1.00 26.47 ? 36  ARG A NE    1 
ATOM   287  C CZ    . ARG A 1 36  ? 2.683   2.403   14.234  1.00 27.24 ? 36  ARG A CZ    1 
ATOM   288  N NH1   . ARG A 1 36  ? 3.903   2.221   13.763  1.00 26.60 ? 36  ARG A NH1   1 
ATOM   289  N NH2   . ARG A 1 36  ? 1.964   1.304   14.575  1.00 27.40 ? 36  ARG A NH2   1 
ATOM   290  N N     . MET A 1 37  ? 2.891   3.776   9.113   1.00 19.73 ? 37  MET A N     1 
ATOM   291  C CA    . MET A 1 37  ? 3.705   2.795   8.404   1.00 18.19 ? 37  MET A CA    1 
ATOM   292  C C     . MET A 1 37  ? 4.366   3.357   7.145   1.00 18.25 ? 37  MET A C     1 
ATOM   293  O O     . MET A 1 37  ? 5.563   3.168   6.884   1.00 17.63 ? 37  MET A O     1 
ATOM   294  C CB    . MET A 1 37  ? 3.007   1.489   8.075   1.00 19.00 ? 37  MET A CB    1 
ATOM   295  C CG    . MET A 1 37  ? 2.566   0.663   9.236   1.00 20.54 ? 37  MET A CG    1 
ATOM   296  S SD    . MET A 1 37  ? 4.037   0.213   10.274  1.00 22.27 ? 37  MET A SD    1 
ATOM   297  C CE    . MET A 1 37  ? 4.839   -0.865  9.109   1.00 21.67 ? 37  MET A CE    1 
ATOM   298  N N     . THR A 1 38  ? 3.574   4.039   6.320   1.00 18.25 ? 38  THR A N     1 
ATOM   299  C CA    . THR A 1 38  ? 4.034   4.622   5.055   1.00 18.30 ? 38  THR A CA    1 
ATOM   300  C C     . THR A 1 38  ? 4.897   5.847   5.146   1.00 19.99 ? 38  THR A C     1 
ATOM   301  O O     . THR A 1 38  ? 5.802   6.068   4.251   1.00 21.08 ? 38  THR A O     1 
ATOM   302  C CB    . THR A 1 38  ? 2.823   4.793   4.038   1.00 16.73 ? 38  THR A CB    1 
ATOM   303  O OG1   . THR A 1 38  ? 1.864   5.802   4.554   1.00 16.45 ? 38  THR A OG1   1 
ATOM   304  C CG2   . THR A 1 38  ? 2.204   3.429   3.716   1.00 15.94 ? 38  THR A CG2   1 
ATOM   305  N N     . THR A 1 39  ? 4.657   6.700   6.157   1.00 20.58 ? 39  THR A N     1 
ATOM   306  C CA    . THR A 1 39  ? 5.495   7.863   6.231   1.00 21.87 ? 39  THR A CA    1 
ATOM   307  C C     . THR A 1 39  ? 6.868   7.726   6.858   1.00 23.20 ? 39  THR A C     1 
ATOM   308  O O     . THR A 1 39  ? 7.785   8.478   6.429   1.00 24.05 ? 39  THR A O     1 
ATOM   309  C CB    . THR A 1 39  ? 4.764   8.943   7.134   1.00 22.58 ? 39  THR A CB    1 
ATOM   310  O OG1   . THR A 1 39  ? 3.387   8.615   6.921   1.00 23.43 ? 39  THR A OG1   1 
ATOM   311  C CG2   . THR A 1 39  ? 5.258   10.363  6.853   1.00 22.71 ? 39  THR A CG2   1 
ATOM   312  N N     . THR A 1 40  ? 7.001   6.899   7.860   1.00 23.49 ? 40  THR A N     1 
ATOM   313  C CA    . THR A 1 40  ? 8.233   6.718   8.631   1.00 24.31 ? 40  THR A CA    1 
ATOM   314  C C     . THR A 1 40  ? 9.443   6.143   7.935   1.00 25.10 ? 40  THR A C     1 
ATOM   315  O O     . THR A 1 40  ? 9.452   4.987   7.569   1.00 23.98 ? 40  THR A O     1 
ATOM   316  C CB    . THR A 1 40  ? 7.925   5.798   9.901   1.00 23.86 ? 40  THR A CB    1 
ATOM   317  O OG1   . THR A 1 40  ? 6.743   6.296   10.566  1.00 22.32 ? 40  THR A OG1   1 
ATOM   318  C CG2   . THR A 1 40  ? 9.152   5.695   10.824  1.00 24.40 ? 40  THR A CG2   1 
ATOM   319  N N     . SER A 1 41  ? 10.497  6.923   7.824   1.00 27.88 ? 41  SER A N     1 
ATOM   320  C CA    . SER A 1 41  ? 11.742  6.503   7.154   1.00 30.49 ? 41  SER A CA    1 
ATOM   321  C C     . SER A 1 41  ? 12.743  6.045   8.209   1.00 33.15 ? 41  SER A C     1 
ATOM   322  O O     . SER A 1 41  ? 12.966  6.602   9.307   1.00 33.59 ? 41  SER A O     1 
ATOM   323  C CB    . SER A 1 41  ? 12.250  7.473   6.108   1.00 29.67 ? 41  SER A CB    1 
ATOM   324  O OG    . SER A 1 41  ? 13.349  6.829   5.414   1.00 30.49 ? 41  SER A OG    1 
ATOM   325  N N     . SER A 1 42  ? 13.333  4.914   7.782   1.00 36.13 ? 42  SER A N     1 
ATOM   326  C CA    . SER A 1 42  ? 14.334  4.233   8.615   1.00 38.98 ? 42  SER A CA    1 
ATOM   327  C C     . SER A 1 42  ? 15.725  4.779   8.349   1.00 40.33 ? 42  SER A C     1 
ATOM   328  O O     . SER A 1 42  ? 16.691  4.049   8.651   1.00 42.21 ? 42  SER A O     1 
ATOM   329  C CB    . SER A 1 42  ? 14.285  2.722   8.330   1.00 38.96 ? 42  SER A CB    1 
ATOM   330  O OG    . SER A 1 42  ? 15.231  2.530   7.253   1.00 40.02 ? 42  SER A OG    1 
ATOM   331  N N     . VAL A 1 43  ? 15.907  5.962   7.829   1.00 41.62 ? 43  VAL A N     1 
ATOM   332  C CA    . VAL A 1 43  ? 17.179  6.602   7.490   1.00 42.09 ? 43  VAL A CA    1 
ATOM   333  C C     . VAL A 1 43  ? 17.113  8.129   7.309   1.00 42.61 ? 43  VAL A C     1 
ATOM   334  O O     . VAL A 1 43  ? 16.726  8.553   6.170   1.00 42.80 ? 43  VAL A O     1 
ATOM   335  C CB    . VAL A 1 43  ? 17.663  6.108   6.092   1.00 42.03 ? 43  VAL A CB    1 
ATOM   336  C CG1   . VAL A 1 43  ? 19.153  6.422   5.927   1.00 42.20 ? 43  VAL A CG1   1 
ATOM   337  C CG2   . VAL A 1 43  ? 17.317  4.695   5.755   1.00 41.84 ? 43  VAL A CG2   1 
ATOM   338  N N     . GLU A 1 44  ? 17.500  8.902   8.302   1.00 42.78 ? 44  GLU A N     1 
ATOM   339  C CA    . GLU A 1 44  ? 17.481  10.357  8.158   1.00 43.16 ? 44  GLU A CA    1 
ATOM   340  C C     . GLU A 1 44  ? 17.735  10.893  6.743   1.00 42.52 ? 44  GLU A C     1 
ATOM   341  O O     . GLU A 1 44  ? 18.590  10.476  5.969   1.00 42.73 ? 44  GLU A O     1 
ATOM   342  C CB    . GLU A 1 44  ? 18.605  11.028  8.955   1.00 44.01 ? 44  GLU A CB    1 
ATOM   343  C CG    . GLU A 1 44  ? 19.383  12.166  8.310   1.00 45.61 ? 44  GLU A CG    1 
ATOM   344  C CD    . GLU A 1 44  ? 19.048  13.592  8.049   1.00 46.21 ? 44  GLU A CD    1 
ATOM   345  O OE1   . GLU A 1 44  ? 18.100  14.245  8.510   1.00 47.05 ? 44  GLU A OE1   1 
ATOM   346  O OE2   . GLU A 1 44  ? 19.850  14.177  7.254   1.00 45.96 ? 44  GLU A OE2   1 
ATOM   347  N N     . GLY A 1 45  ? 17.017  11.952  6.450   1.00 42.16 ? 45  GLY A N     1 
ATOM   348  C CA    . GLY A 1 45  ? 17.021  12.764  5.252   1.00 40.86 ? 45  GLY A CA    1 
ATOM   349  C C     . GLY A 1 45  ? 16.392  12.015  4.089   1.00 39.84 ? 45  GLY A C     1 
ATOM   350  O O     . GLY A 1 45  ? 16.470  12.459  2.923   1.00 40.54 ? 45  GLY A O     1 
ATOM   351  N N     . LYS A 1 46  ? 15.792  10.886  4.452   1.00 38.04 ? 46  LYS A N     1 
ATOM   352  C CA    . LYS A 1 46  ? 15.126  10.050  3.425   1.00 35.55 ? 46  LYS A CA    1 
ATOM   353  C C     . LYS A 1 46  ? 13.624  10.076  3.641   1.00 33.46 ? 46  LYS A C     1 
ATOM   354  O O     . LYS A 1 46  ? 13.134  10.262  4.757   1.00 33.06 ? 46  LYS A O     1 
ATOM   355  C CB    . LYS A 1 46  ? 15.675  8.622   3.339   1.00 35.90 ? 46  LYS A CB    1 
ATOM   356  C CG    . LYS A 1 46  ? 17.183  8.663   3.056   1.00 35.96 ? 46  LYS A CG    1 
ATOM   357  C CD    . LYS A 1 46  ? 17.662  7.878   1.853   1.00 36.05 ? 46  LYS A CD    1 
ATOM   358  C CE    . LYS A 1 46  ? 18.015  6.453   2.229   1.00 36.34 ? 46  LYS A CE    1 
ATOM   359  N NZ    . LYS A 1 46  ? 18.353  5.630   1.044   1.00 37.11 ? 46  LYS A NZ    1 
ATOM   360  N N     . GLN A 1 47  ? 12.911  9.917   2.511   1.00 30.93 ? 47  GLN A N     1 
ATOM   361  C CA    . GLN A 1 47  ? 11.426  9.868   2.654   1.00 28.47 ? 47  GLN A CA    1 
ATOM   362  C C     . GLN A 1 47  ? 11.052  8.564   1.921   1.00 25.27 ? 47  GLN A C     1 
ATOM   363  O O     . GLN A 1 47  ? 11.879  8.122   1.111   1.00 25.51 ? 47  GLN A O     1 
ATOM   364  C CB    . GLN A 1 47  ? 10.575  10.983  2.057   1.00 28.55 ? 47  GLN A CB    1 
ATOM   365  C CG    . GLN A 1 47  ? 10.956  12.374  2.240   1.00 28.94 ? 47  GLN A CG    1 
ATOM   366  C CD    . GLN A 1 47  ? 9.904   13.356  1.744   1.00 29.41 ? 47  GLN A CD    1 
ATOM   367  O OE1   . GLN A 1 47  ? 9.214   13.127  0.763   1.00 29.54 ? 47  GLN A OE1   1 
ATOM   368  N NE2   . GLN A 1 47  ? 9.770   14.418  2.512   1.00 28.81 ? 47  GLN A NE2   1 
ATOM   369  N N     . ASN A 1 48  ? 9.869   8.067   2.199   1.00 21.82 ? 48  ASN A N     1 
ATOM   370  C CA    . ASN A 1 48  ? 9.483   6.826   1.472   1.00 18.10 ? 48  ASN A CA    1 
ATOM   371  C C     . ASN A 1 48  ? 8.792   7.309   0.162   1.00 16.86 ? 48  ASN A C     1 
ATOM   372  O O     . ASN A 1 48  ? 8.268   8.414   -0.062  1.00 15.65 ? 48  ASN A O     1 
ATOM   373  C CB    . ASN A 1 48  ? 8.463   6.086   2.347   1.00 16.52 ? 48  ASN A CB    1 
ATOM   374  C CG    . ASN A 1 48  ? 8.992   5.497   3.660   1.00 14.55 ? 48  ASN A CG    1 
ATOM   375  O OD1   . ASN A 1 48  ? 10.145  5.231   3.697   1.00 12.51 ? 48  ASN A OD1   1 
ATOM   376  N ND2   . ASN A 1 48  ? 8.185   5.234   4.658   1.00 14.06 ? 48  ASN A ND2   1 
ATOM   377  N N     . LEU A 1 49  ? 8.731   6.409   -0.762  1.00 15.66 ? 49  LEU A N     1 
ATOM   378  C CA    . LEU A 1 49  ? 8.055   6.502   -2.047  1.00 15.01 ? 49  LEU A CA    1 
ATOM   379  C C     . LEU A 1 49  ? 6.718   5.727   -1.950  1.00 14.86 ? 49  LEU A C     1 
ATOM   380  O O     . LEU A 1 49  ? 6.750   4.560   -1.588  1.00 16.29 ? 49  LEU A O     1 
ATOM   381  C CB    . LEU A 1 49  ? 8.940   6.108   -3.207  1.00 14.58 ? 49  LEU A CB    1 
ATOM   382  C CG    . LEU A 1 49  ? 8.274   5.869   -4.560  1.00 15.29 ? 49  LEU A CG    1 
ATOM   383  C CD1   . LEU A 1 49  ? 8.009   7.192   -5.302  1.00 15.06 ? 49  LEU A CD1   1 
ATOM   384  C CD2   . LEU A 1 49  ? 9.270   5.187   -5.505  1.00 15.78 ? 49  LEU A CD2   1 
ATOM   385  N N     . VAL A 1 50  ? 5.524   6.287   -2.152  1.00 14.02 ? 50  VAL A N     1 
ATOM   386  C CA    . VAL A 1 50  ? 4.249   5.594   -2.171  1.00 13.74 ? 50  VAL A CA    1 
ATOM   387  C C     . VAL A 1 50  ? 3.827   5.477   -3.662  1.00 12.83 ? 50  VAL A C     1 
ATOM   388  O O     . VAL A 1 50  ? 3.785   6.495   -4.381  1.00 13.12 ? 50  VAL A O     1 
ATOM   389  C CB    . VAL A 1 50  ? 3.181   6.115   -1.252  1.00 13.35 ? 50  VAL A CB    1 
ATOM   390  C CG1   . VAL A 1 50  ? 3.603   6.109   0.200   1.00 13.88 ? 50  VAL A CG1   1 
ATOM   391  C CG2   . VAL A 1 50  ? 2.902   7.610   -1.507  1.00 15.48 ? 50  VAL A CG2   1 
ATOM   392  N N     . ILE A 1 51  ? 3.496   4.303   -4.119  1.00 11.24 ? 51  ILE A N     1 
ATOM   393  C CA    . ILE A 1 51  ? 3.002   3.972   -5.442  1.00 11.75 ? 51  ILE A CA    1 
ATOM   394  C C     . ILE A 1 51  ? 1.522   3.611   -5.445  1.00 13.50 ? 51  ILE A C     1 
ATOM   395  O O     . ILE A 1 51  ? 1.136   2.840   -4.583  1.00 15.08 ? 51  ILE A O     1 
ATOM   396  C CB    . ILE A 1 51  ? 3.907   2.807   -5.899  1.00 10.44 ? 51  ILE A CB    1 
ATOM   397  C CG1   . ILE A 1 51  ? 5.390   3.329   -5.908  1.00 9.83  ? 51  ILE A CG1   1 
ATOM   398  C CG2   . ILE A 1 51  ? 3.676   2.295   -7.295  1.00 10.35 ? 51  ILE A CG2   1 
ATOM   399  C CD1   . ILE A 1 51  ? 6.084   2.346   -6.941  1.00 9.78  ? 51  ILE A CD1   1 
ATOM   400  N N     . MET A 1 52  ? 0.617   4.040   -6.280  1.00 14.78 ? 52  MET A N     1 
ATOM   401  C CA    . MET A 1 52  ? -0.777  3.724   -6.364  1.00 15.99 ? 52  MET A CA    1 
ATOM   402  C C     . MET A 1 52  ? -1.287  3.840   -7.818  1.00 16.33 ? 52  MET A C     1 
ATOM   403  O O     . MET A 1 52  ? -0.649  4.624   -8.538  1.00 18.28 ? 52  MET A O     1 
ATOM   404  C CB    . MET A 1 52  ? -1.664  4.605   -5.503  1.00 15.97 ? 52  MET A CB    1 
ATOM   405  C CG    . MET A 1 52  ? -1.781  6.016   -5.941  1.00 16.21 ? 52  MET A CG    1 
ATOM   406  S SD    . MET A 1 52  ? -2.135  6.954   -4.424  1.00 17.42 ? 52  MET A SD    1 
ATOM   407  C CE    . MET A 1 52  ? -0.420  7.403   -4.025  1.00 16.13 ? 52  MET A CE    1 
ATOM   408  N N     . GLY A 1 53  ? -2.331  3.166   -8.114  1.00 15.18 ? 53  GLY A N     1 
ATOM   409  C CA    . GLY A 1 53  ? -3.031  3.156   -9.405  1.00 14.00 ? 53  GLY A CA    1 
ATOM   410  C C     . GLY A 1 53  ? -3.725  4.529   -9.424  1.00 13.96 ? 53  GLY A C     1 
ATOM   411  O O     . GLY A 1 53  ? -3.780  5.240   -8.445  1.00 12.11 ? 53  GLY A O     1 
ATOM   412  N N     . LYS A 1 54  ? -4.244  4.875   -10.550 1.00 15.59 ? 54  LYS A N     1 
ATOM   413  C CA    . LYS A 1 54  ? -4.947  6.068   -10.940 1.00 17.46 ? 54  LYS A CA    1 
ATOM   414  C C     . LYS A 1 54  ? -6.156  6.200   -10.075 1.00 17.29 ? 54  LYS A C     1 
ATOM   415  O O     . LYS A 1 54  ? -6.524  7.254   -9.524  1.00 19.59 ? 54  LYS A O     1 
ATOM   416  C CB    . LYS A 1 54  ? -5.597  5.862   -12.384 1.00 18.90 ? 54  LYS A CB    1 
ATOM   417  C CG    . LYS A 1 54  ? -5.973  7.273   -12.808 1.00 21.20 ? 54  LYS A CG    1 
ATOM   418  C CD    . LYS A 1 54  ? -6.743  7.316   -14.082 1.00 23.07 ? 54  LYS A CD    1 
ATOM   419  C CE    . LYS A 1 54  ? -6.907  5.967   -14.778 1.00 23.52 ? 54  LYS A CE    1 
ATOM   420  N NZ    . LYS A 1 54  ? -7.546  6.357   -16.094 1.00 25.68 ? 54  LYS A NZ    1 
ATOM   421  N N     . LYS A 1 55  ? -6.831  5.104   -9.974  1.00 17.85 ? 55  LYS A N     1 
ATOM   422  C CA    . LYS A 1 55  ? -8.089  5.005   -9.198  1.00 17.90 ? 55  LYS A CA    1 
ATOM   423  C C     . LYS A 1 55  ? -7.900  5.050   -7.713  1.00 17.71 ? 55  LYS A C     1 
ATOM   424  O O     . LYS A 1 55  ? -8.848  5.465   -6.981  1.00 18.83 ? 55  LYS A O     1 
ATOM   425  C CB    . LYS A 1 55  ? -8.722  3.642   -9.551  1.00 19.22 ? 55  LYS A CB    1 
ATOM   426  C CG    . LYS A 1 55  ? -10.221 3.724   -9.806  1.00 20.97 ? 55  LYS A CG    1 
ATOM   427  C CD    . LYS A 1 55  ? -10.851 2.341   -9.829  1.00 22.75 ? 55  LYS A CD    1 
ATOM   428  C CE    . LYS A 1 55  ? -12.257 2.464   -9.160  1.00 23.42 ? 55  LYS A CE    1 
ATOM   429  N NZ    . LYS A 1 55  ? -12.562 0.998   -8.830  1.00 24.38 ? 55  LYS A NZ    1 
ATOM   430  N N     . THR A 1 56  ? -6.737  4.633   -7.203  1.00 16.14 ? 56  THR A N     1 
ATOM   431  C CA    . THR A 1 56  ? -6.553  4.714   -5.719  1.00 15.01 ? 56  THR A CA    1 
ATOM   432  C C     . THR A 1 56  ? -6.288  6.201   -5.466  1.00 14.52 ? 56  THR A C     1 
ATOM   433  O O     . THR A 1 56  ? -6.847  6.717   -4.472  1.00 15.33 ? 56  THR A O     1 
ATOM   434  C CB    . THR A 1 56  ? -5.365  3.803   -5.244  1.00 14.26 ? 56  THR A CB    1 
ATOM   435  O OG1   . THR A 1 56  ? -5.989  2.507   -5.594  1.00 13.91 ? 56  THR A OG1   1 
ATOM   436  C CG2   . THR A 1 56  ? -4.935  3.913   -3.789  1.00 13.04 ? 56  THR A CG2   1 
ATOM   437  N N     . TRP A 1 57  ? -5.511  6.803   -6.385  1.00 13.46 ? 57  TRP A N     1 
ATOM   438  C CA    . TRP A 1 57  ? -5.259  8.262   -6.215  1.00 12.66 ? 57  TRP A CA    1 
ATOM   439  C C     . TRP A 1 57  ? -6.546  9.068   -6.169  1.00 12.67 ? 57  TRP A C     1 
ATOM   440  O O     . TRP A 1 57  ? -6.772  9.922   -5.323  1.00 13.11 ? 57  TRP A O     1 
ATOM   441  C CB    . TRP A 1 57  ? -4.339  8.669   -7.350  1.00 12.88 ? 57  TRP A CB    1 
ATOM   442  C CG    . TRP A 1 57  ? -4.119  10.145  -7.415  1.00 12.48 ? 57  TRP A CG    1 
ATOM   443  C CD1   . TRP A 1 57  ? -4.793  11.029  -8.205  1.00 12.05 ? 57  TRP A CD1   1 
ATOM   444  C CD2   . TRP A 1 57  ? -3.194  10.918  -6.636  1.00 11.98 ? 57  TRP A CD2   1 
ATOM   445  N NE1   . TRP A 1 57  ? -4.366  12.333  -7.924  1.00 12.69 ? 57  TRP A NE1   1 
ATOM   446  C CE2   . TRP A 1 57  ? -3.372  12.269  -6.982  1.00 11.90 ? 57  TRP A CE2   1 
ATOM   447  C CE3   . TRP A 1 57  ? -2.266  10.609  -5.670  1.00 12.38 ? 57  TRP A CE3   1 
ATOM   448  C CZ2   . TRP A 1 57  ? -2.604  13.289  -6.468  1.00 12.09 ? 57  TRP A CZ2   1 
ATOM   449  C CZ3   . TRP A 1 57  ? -1.475  11.649  -5.159  1.00 11.45 ? 57  TRP A CZ3   1 
ATOM   450  C CH2   . TRP A 1 57  ? -1.679  12.955  -5.476  1.00 10.61 ? 57  TRP A CH2   1 
ATOM   451  N N     . PHE A 1 58  ? -7.461  8.819   -7.124  1.00 12.46 ? 58  PHE A N     1 
ATOM   452  C CA    . PHE A 1 58  ? -8.674  9.616   -7.092  1.00 13.07 ? 58  PHE A CA    1 
ATOM   453  C C     . PHE A 1 58  ? -9.622  9.289   -5.945  1.00 14.79 ? 58  PHE A C     1 
ATOM   454  O O     . PHE A 1 58  ? -10.437 10.184  -5.869  1.00 13.97 ? 58  PHE A O     1 
ATOM   455  C CB    . PHE A 1 58  ? -9.497  9.598   -8.397  1.00 11.36 ? 58  PHE A CB    1 
ATOM   456  C CG    . PHE A 1 58  ? -8.649  10.441  -9.331  1.00 8.88  ? 58  PHE A CG    1 
ATOM   457  C CD1   . PHE A 1 58  ? -7.814  9.772   -10.250 1.00 8.03  ? 58  PHE A CD1   1 
ATOM   458  C CD2   . PHE A 1 58  ? -8.687  11.795  -9.218  1.00 9.02  ? 58  PHE A CD2   1 
ATOM   459  C CE1   . PHE A 1 58  ? -7.119  10.579  -11.159 1.00 8.08  ? 58  PHE A CE1   1 
ATOM   460  C CE2   . PHE A 1 58  ? -7.903  12.636  -10.061 1.00 8.19  ? 58  PHE A CE2   1 
ATOM   461  C CZ    . PHE A 1 58  ? -7.123  11.966  -11.054 1.00 7.59  ? 58  PHE A CZ    1 
ATOM   462  N N     . SER A 1 59  ? -9.489  8.147   -5.301  1.00 16.57 ? 59  SER A N     1 
ATOM   463  C CA    . SER A 1 59  ? -10.326 7.767   -4.182  1.00 18.21 ? 59  SER A CA    1 
ATOM   464  C C     . SER A 1 59  ? -9.777  8.421   -2.930  1.00 20.55 ? 59  SER A C     1 
ATOM   465  O O     . SER A 1 59  ? -10.391 8.104   -1.899  1.00 22.27 ? 59  SER A O     1 
ATOM   466  C CB    . SER A 1 59  ? -10.142 6.236   -4.027  1.00 19.19 ? 59  SER A CB    1 
ATOM   467  O OG    . SER A 1 59  ? -8.973  6.038   -3.146  1.00 19.60 ? 59  SER A OG    1 
ATOM   468  N N     . ILE A 1 60  ? -8.720  9.198   -2.908  1.00 21.37 ? 60  ILE A N     1 
ATOM   469  C CA    . ILE A 1 60  ? -8.253  9.809   -1.652  1.00 23.47 ? 60  ILE A CA    1 
ATOM   470  C C     . ILE A 1 60  ? -8.867  11.212  -1.612  1.00 25.56 ? 60  ILE A C     1 
ATOM   471  O O     . ILE A 1 60  ? -8.774  11.997  -2.593  1.00 24.89 ? 60  ILE A O     1 
ATOM   472  C CB    . ILE A 1 60  ? -6.673  9.960   -1.545  1.00 23.40 ? 60  ILE A CB    1 
ATOM   473  C CG1   . ILE A 1 60  ? -6.009  8.570   -1.361  1.00 22.78 ? 60  ILE A CG1   1 
ATOM   474  C CG2   . ILE A 1 60  ? -6.234  10.952  -0.461  1.00 22.80 ? 60  ILE A CG2   1 
ATOM   475  C CD1   . ILE A 1 60  ? -4.685  8.438   -2.140  1.00 23.16 ? 60  ILE A CD1   1 
ATOM   476  N N     . PRO A 1 61  ? -9.537  11.476  -0.501  1.00 27.33 ? 61  PRO A N     1 
ATOM   477  C CA    . PRO A 1 61  ? -10.121 12.825  -0.330  1.00 29.24 ? 61  PRO A CA    1 
ATOM   478  C C     . PRO A 1 61  ? -9.083  13.831  -0.837  1.00 31.01 ? 61  PRO A C     1 
ATOM   479  O O     . PRO A 1 61  ? -7.904  13.765  -0.487  1.00 31.45 ? 61  PRO A O     1 
ATOM   480  C CB    . PRO A 1 61  ? -10.283 12.893  1.191   1.00 28.54 ? 61  PRO A CB    1 
ATOM   481  C CG    . PRO A 1 61  ? -10.483 11.466  1.609   1.00 28.49 ? 61  PRO A CG    1 
ATOM   482  C CD    . PRO A 1 61  ? -9.680  10.594  0.655   1.00 27.50 ? 61  PRO A CD    1 
ATOM   483  N N     . GLU A 1 62  ? -9.422  14.777  -1.657  1.00 34.07 ? 62  GLU A N     1 
ATOM   484  C CA    . GLU A 1 62  ? -8.670  15.840  -2.315  1.00 36.16 ? 62  GLU A CA    1 
ATOM   485  C C     . GLU A 1 62  ? -7.694  16.475  -1.357  1.00 37.08 ? 62  GLU A C     1 
ATOM   486  O O     . GLU A 1 62  ? -6.490  16.693  -1.613  1.00 38.34 ? 62  GLU A O     1 
ATOM   487  C CB    . GLU A 1 62  ? -9.567  16.894  -2.982  1.00 37.81 ? 62  GLU A CB    1 
ATOM   488  C CG    . GLU A 1 62  ? -9.312  17.333  -4.429  1.00 38.73 ? 62  GLU A CG    1 
ATOM   489  C CD    . GLU A 1 62  ? -10.387 17.715  -5.390  1.00 40.04 ? 62  GLU A CD    1 
ATOM   490  O OE1   . GLU A 1 62  ? -11.261 16.948  -5.900  1.00 39.89 ? 62  GLU A OE1   1 
ATOM   491  O OE2   . GLU A 1 62  ? -10.363 18.944  -5.751  1.00 40.69 ? 62  GLU A OE2   1 
ATOM   492  N N     . LYS A 1 63  ? -8.189  16.719  -0.185  1.00 37.45 ? 63  LYS A N     1 
ATOM   493  C CA    . LYS A 1 63  ? -7.615  17.285  0.998   1.00 37.60 ? 63  LYS A CA    1 
ATOM   494  C C     . LYS A 1 63  ? -6.375  16.562  1.540   1.00 37.65 ? 63  LYS A C     1 
ATOM   495  O O     . LYS A 1 63  ? -5.478  17.118  2.220   1.00 37.31 ? 63  LYS A O     1 
ATOM   496  C CB    . LYS A 1 63  ? -8.699  17.013  2.068   1.00 38.28 ? 63  LYS A CB    1 
ATOM   497  C CG    . LYS A 1 63  ? -8.048  16.908  3.460   1.00 38.94 ? 63  LYS A CG    1 
ATOM   498  C CD    . LYS A 1 63  ? -8.996  16.261  4.480   1.00 39.67 ? 63  LYS A CD    1 
ATOM   499  C CE    . LYS A 1 63  ? -8.285  16.137  5.823   1.00 39.83 ? 63  LYS A CE    1 
ATOM   500  N NZ    . LYS A 1 63  ? -8.816  14.902  6.485   1.00 40.51 ? 63  LYS A NZ    1 
ATOM   501  N N     . ASN A 1 64  ? -6.407  15.259  1.312   1.00 37.10 ? 64  ASN A N     1 
ATOM   502  C CA    . ASN A 1 64  ? -5.330  14.340  1.731   1.00 36.45 ? 64  ASN A CA    1 
ATOM   503  C C     . ASN A 1 64  ? -4.329  14.056  0.582   1.00 34.31 ? 64  ASN A C     1 
ATOM   504  O O     . ASN A 1 64  ? -3.532  13.107  0.737   1.00 34.40 ? 64  ASN A O     1 
ATOM   505  C CB    . ASN A 1 64  ? -5.992  13.070  2.207   1.00 38.49 ? 64  ASN A CB    1 
ATOM   506  C CG    . ASN A 1 64  ? -6.643  13.034  3.568   1.00 40.35 ? 64  ASN A CG    1 
ATOM   507  O OD1   . ASN A 1 64  ? -6.413  13.894  4.449   1.00 41.87 ? 64  ASN A OD1   1 
ATOM   508  N ND2   . ASN A 1 64  ? -7.442  12.004  3.822   1.00 40.89 ? 64  ASN A ND2   1 
ATOM   509  N N     . ARG A 1 65  ? -4.413  14.819  -0.493  1.00 31.27 ? 65  ARG A N     1 
ATOM   510  C CA    . ARG A 1 65  ? -3.581  14.677  -1.681  1.00 28.71 ? 65  ARG A CA    1 
ATOM   511  C C     . ARG A 1 65  ? -2.653  15.825  -2.024  1.00 26.68 ? 65  ARG A C     1 
ATOM   512  O O     . ARG A 1 65  ? -3.127  16.939  -2.243  1.00 28.28 ? 65  ARG A O     1 
ATOM   513  C CB    . ARG A 1 65  ? -4.434  14.511  -2.986  1.00 27.78 ? 65  ARG A CB    1 
ATOM   514  C CG    . ARG A 1 65  ? -5.150  13.187  -2.888  1.00 27.21 ? 65  ARG A CG    1 
ATOM   515  C CD    . ARG A 1 65  ? -5.909  12.742  -4.046  1.00 27.19 ? 65  ARG A CD    1 
ATOM   516  N NE    . ARG A 1 65  ? -6.300  13.742  -5.021  1.00 27.33 ? 65  ARG A NE    1 
ATOM   517  C CZ    . ARG A 1 65  ? -7.521  13.812  -5.554  1.00 26.10 ? 65  ARG A CZ    1 
ATOM   518  N NH1   . ARG A 1 65  ? -7.802  14.629  -6.535  1.00 26.18 ? 65  ARG A NH1   1 
ATOM   519  N NH2   . ARG A 1 65  ? -8.385  12.985  -5.033  1.00 26.19 ? 65  ARG A NH2   1 
ATOM   520  N N     . PRO A 1 66  ? -1.367  15.597  -2.179  1.00 24.65 ? 66  PRO A N     1 
ATOM   521  C CA    . PRO A 1 66  ? -0.689  14.278  -2.036  1.00 22.92 ? 66  PRO A CA    1 
ATOM   522  C C     . PRO A 1 66  ? -0.589  13.735  -0.628  1.00 22.15 ? 66  PRO A C     1 
ATOM   523  O O     . PRO A 1 66  ? -0.922  14.420  0.363   1.00 22.06 ? 66  PRO A O     1 
ATOM   524  C CB    . PRO A 1 66  ? 0.618   14.619  -2.758  1.00 22.95 ? 66  PRO A CB    1 
ATOM   525  C CG    . PRO A 1 66  ? 0.927   16.075  -2.465  1.00 22.43 ? 66  PRO A CG    1 
ATOM   526  C CD    . PRO A 1 66  ? -0.461  16.724  -2.537  1.00 23.56 ? 66  PRO A CD    1 
ATOM   527  N N     . LEU A 1 67  ? -0.143  12.509  -0.414  1.00 21.46 ? 67  LEU A N     1 
ATOM   528  C CA    . LEU A 1 67  ? -0.007  11.920  0.959   1.00 20.60 ? 67  LEU A CA    1 
ATOM   529  C C     . LEU A 1 67  ? 1.221   12.700  1.421   1.00 20.32 ? 67  LEU A C     1 
ATOM   530  O O     . LEU A 1 67  ? 2.235   12.597  0.689   1.00 21.22 ? 67  LEU A O     1 
ATOM   531  C CB    . LEU A 1 67  ? 0.080   10.423  0.820   1.00 19.76 ? 67  LEU A CB    1 
ATOM   532  C CG    . LEU A 1 67  ? -1.181  9.646   0.481   1.00 19.62 ? 67  LEU A CG    1 
ATOM   533  C CD1   . LEU A 1 67  ? -0.693  8.192   0.412   1.00 19.16 ? 67  LEU A CD1   1 
ATOM   534  C CD2   . LEU A 1 67  ? -2.252  9.813   1.580   1.00 19.21 ? 67  LEU A CD2   1 
ATOM   535  N N     . LYS A 1 68  ? 1.133   13.490  2.421   1.00 20.62 ? 68  LYS A N     1 
ATOM   536  C CA    . LYS A 1 68  ? 2.262   14.336  2.780   1.00 22.10 ? 68  LYS A CA    1 
ATOM   537  C C     . LYS A 1 68  ? 3.328   13.530  3.511   1.00 21.66 ? 68  LYS A C     1 
ATOM   538  O O     . LYS A 1 68  ? 2.956   12.521  4.168   1.00 21.62 ? 68  LYS A O     1 
ATOM   539  C CB    . LYS A 1 68  ? 1.897   15.598  3.539   1.00 24.64 ? 68  LYS A CB    1 
ATOM   540  C CG    . LYS A 1 68  ? 0.479   16.168  3.302   1.00 27.10 ? 68  LYS A CG    1 
ATOM   541  C CD    . LYS A 1 68  ? -0.241  16.468  4.635   1.00 29.19 ? 68  LYS A CD    1 
ATOM   542  C CE    . LYS A 1 68  ? -1.757  16.225  4.616   1.00 30.97 ? 68  LYS A CE    1 
ATOM   543  N NZ    . LYS A 1 68  ? -2.577  17.040  3.651   1.00 30.65 ? 68  LYS A NZ    1 
ATOM   544  N N     . GLY A 1 69  ? 4.545   14.020  3.260   1.00 19.58 ? 69  GLY A N     1 
ATOM   545  C CA    . GLY A 1 69  ? 5.739   13.446  3.836   1.00 18.59 ? 69  GLY A CA    1 
ATOM   546  C C     . GLY A 1 69  ? 6.335   12.351  2.984   1.00 17.54 ? 69  GLY A C     1 
ATOM   547  O O     . GLY A 1 69  ? 7.337   11.804  3.433   1.00 17.30 ? 69  GLY A O     1 
ATOM   548  N N     . ARG A 1 70  ? 5.681   11.976  1.903   1.00 16.77 ? 70  ARG A N     1 
ATOM   549  C CA    . ARG A 1 70  ? 6.092   10.924  0.976   1.00 15.92 ? 70  ARG A CA    1 
ATOM   550  C C     . ARG A 1 70  ? 6.111   11.338  -0.479  1.00 17.07 ? 70  ARG A C     1 
ATOM   551  O O     . ARG A 1 70  ? 5.353   12.245  -0.878  1.00 17.77 ? 70  ARG A O     1 
ATOM   552  C CB    . ARG A 1 70  ? 4.997   9.844   1.093   1.00 15.00 ? 70  ARG A CB    1 
ATOM   553  C CG    . ARG A 1 70  ? 5.065   9.081   2.457   1.00 13.30 ? 70  ARG A CG    1 
ATOM   554  C CD    . ARG A 1 70  ? 3.657   8.748   2.883   1.00 12.44 ? 70  ARG A CD    1 
ATOM   555  N NE    . ARG A 1 70  ? 2.874   9.794   3.449   1.00 11.51 ? 70  ARG A NE    1 
ATOM   556  C CZ    . ARG A 1 70  ? 1.675   9.737   4.012   1.00 11.70 ? 70  ARG A CZ    1 
ATOM   557  N NH1   . ARG A 1 70  ? 0.979   8.596   4.136   1.00 11.94 ? 70  ARG A NH1   1 
ATOM   558  N NH2   . ARG A 1 70  ? 1.163   10.851  4.505   1.00 10.42 ? 70  ARG A NH2   1 
ATOM   559  N N     . ILE A 1 71  ? 6.883   10.677  -1.329  1.00 17.70 ? 71  ILE A N     1 
ATOM   560  C CA    . ILE A 1 71  ? 6.892   10.973  -2.767  1.00 17.73 ? 71  ILE A CA    1 
ATOM   561  C C     . ILE A 1 71  ? 5.700   10.208  -3.285  1.00 18.12 ? 71  ILE A C     1 
ATOM   562  O O     . ILE A 1 71  ? 5.582   8.980   -3.021  1.00 18.98 ? 71  ILE A O     1 
ATOM   563  C CB    . ILE A 1 71  ? 8.300   10.649  -3.455  1.00 18.30 ? 71  ILE A CB    1 
ATOM   564  C CG1   . ILE A 1 71  ? 9.382   11.450  -2.722  1.00 17.81 ? 71  ILE A CG1   1 
ATOM   565  C CG2   . ILE A 1 71  ? 8.268   10.868  -4.988  1.00 18.67 ? 71  ILE A CG2   1 
ATOM   566  C CD1   . ILE A 1 71  ? 10.835  10.910  -2.791  1.00 18.42 ? 71  ILE A CD1   1 
ATOM   567  N N     . ASN A 1 72  ? 4.763   10.839  -3.955  1.00 17.31 ? 72  ASN A N     1 
ATOM   568  C CA    . ASN A 1 72  ? 3.585   10.196  -4.536  1.00 15.91 ? 72  ASN A CA    1 
ATOM   569  C C     . ASN A 1 72  ? 3.783   9.846   -5.996  1.00 15.75 ? 72  ASN A C     1 
ATOM   570  O O     . ASN A 1 72  ? 4.055   10.695  -6.865  1.00 15.65 ? 72  ASN A O     1 
ATOM   571  C CB    . ASN A 1 72  ? 2.433   11.101  -4.207  1.00 16.47 ? 72  ASN A CB    1 
ATOM   572  C CG    . ASN A 1 72  ? 1.972   11.268  -2.756  1.00 15.03 ? 72  ASN A CG    1 
ATOM   573  O OD1   . ASN A 1 72  ? 0.737   11.191  -2.638  1.00 15.51 ? 72  ASN A OD1   1 
ATOM   574  N ND2   . ASN A 1 72  ? 2.820   11.572  -1.770  1.00 14.44 ? 72  ASN A ND2   1 
ATOM   575  N N     . LEU A 1 73  ? 3.677   8.563   -6.325  1.00 14.71 ? 73  LEU A N     1 
ATOM   576  C CA    . LEU A 1 73  ? 3.817   8.135   -7.712  1.00 14.22 ? 73  LEU A CA    1 
ATOM   577  C C     . LEU A 1 73  ? 2.478   7.475   -8.106  1.00 14.53 ? 73  LEU A C     1 
ATOM   578  O O     . LEU A 1 73  ? 2.036   6.628   -7.303  1.00 15.25 ? 73  LEU A O     1 
ATOM   579  C CB    . LEU A 1 73  ? 5.043   7.261   -7.865  1.00 13.29 ? 73  LEU A CB    1 
ATOM   580  C CG    . LEU A 1 73  ? 5.414   6.830   -9.280  1.00 13.86 ? 73  LEU A CG    1 
ATOM   581  C CD1   . LEU A 1 73  ? 6.907   6.629   -9.339  1.00 14.26 ? 73  LEU A CD1   1 
ATOM   582  C CD2   . LEU A 1 73  ? 4.642   5.563   -9.672  1.00 13.91 ? 73  LEU A CD2   1 
ATOM   583  N N     . VAL A 1 74  ? 1.918   7.860   -9.201  1.00 14.49 ? 74  VAL A N     1 
ATOM   584  C CA    . VAL A 1 74  ? 0.683   7.325   -9.772  1.00 15.75 ? 74  VAL A CA    1 
ATOM   585  C C     . VAL A 1 74  ? 1.162   6.441   -10.898 1.00 16.27 ? 74  VAL A C     1 
ATOM   586  O O     . VAL A 1 74  ? 2.190   6.771   -11.568 1.00 18.02 ? 74  VAL A O     1 
ATOM   587  C CB    . VAL A 1 74  ? -0.387  8.370   -10.112 1.00 15.21 ? 74  VAL A CB    1 
ATOM   588  C CG1   . VAL A 1 74  ? -1.547  7.652   -10.765 1.00 14.65 ? 74  VAL A CG1   1 
ATOM   589  C CG2   . VAL A 1 74  ? -0.801  9.224   -8.958  1.00 14.09 ? 74  VAL A CG2   1 
ATOM   590  N N     . LEU A 1 75  ? 0.611   5.303   -11.046 1.00 17.75 ? 75  LEU A N     1 
ATOM   591  C CA    . LEU A 1 75  ? 0.958   4.287   -12.041 1.00 19.51 ? 75  LEU A CA    1 
ATOM   592  C C     . LEU A 1 75  ? -0.226  4.256   -13.033 1.00 20.70 ? 75  LEU A C     1 
ATOM   593  O O     . LEU A 1 75  ? -1.282  3.856   -12.509 1.00 20.63 ? 75  LEU A O     1 
ATOM   594  C CB    . LEU A 1 75  ? 1.052   2.912   -11.351 1.00 19.71 ? 75  LEU A CB    1 
ATOM   595  C CG    . LEU A 1 75  ? 2.328   2.226   -10.973 1.00 19.91 ? 75  LEU A CG    1 
ATOM   596  C CD1   . LEU A 1 75  ? 2.161   0.729   -10.896 1.00 19.06 ? 75  LEU A CD1   1 
ATOM   597  C CD2   . LEU A 1 75  ? 3.487   2.536   -11.914 1.00 20.30 ? 75  LEU A CD2   1 
ATOM   598  N N     . SER A 1 76  ? -0.016  4.610   -14.283 1.00 22.05 ? 76  SER A N     1 
ATOM   599  C CA    . SER A 1 76  ? -1.108  4.600   -15.267 1.00 23.98 ? 76  SER A CA    1 
ATOM   600  C C     . SER A 1 76  ? -0.482  4.523   -16.670 1.00 26.46 ? 76  SER A C     1 
ATOM   601  O O     . SER A 1 76  ? 0.700   4.853   -16.891 1.00 26.29 ? 76  SER A O     1 
ATOM   602  C CB    . SER A 1 76  ? -1.909  5.867   -15.136 1.00 23.96 ? 76  SER A CB    1 
ATOM   603  O OG    . SER A 1 76  ? -2.880  5.875   -16.140 1.00 24.17 ? 76  SER A OG    1 
ATOM   604  N N     . ARG A 1 77  ? -1.286  4.009   -17.561 1.00 29.03 ? 77  ARG A N     1 
ATOM   605  C CA    . ARG A 1 77  ? -0.940  3.822   -18.973 1.00 31.38 ? 77  ARG A CA    1 
ATOM   606  C C     . ARG A 1 77  ? -1.728  4.835   -19.812 1.00 31.13 ? 77  ARG A C     1 
ATOM   607  O O     . ARG A 1 77  ? -1.190  5.186   -20.876 1.00 31.00 ? 77  ARG A O     1 
ATOM   608  C CB    . ARG A 1 77  ? -1.246  2.444   -19.518 1.00 33.57 ? 77  ARG A CB    1 
ATOM   609  C CG    . ARG A 1 77  ? -0.495  1.215   -18.972 1.00 36.75 ? 77  ARG A CG    1 
ATOM   610  C CD    . ARG A 1 77  ? -0.417  0.236   -20.084 1.00 38.72 ? 77  ARG A CD    1 
ATOM   611  N NE    . ARG A 1 77  ? -0.623  -1.155  -19.811 1.00 41.35 ? 77  ARG A NE    1 
ATOM   612  C CZ    . ARG A 1 77  ? -1.348  -2.044  -20.536 1.00 42.32 ? 77  ARG A CZ    1 
ATOM   613  N NH1   . ARG A 1 77  ? -2.174  -1.748  -21.546 1.00 42.46 ? 77  ARG A NH1   1 
ATOM   614  N NH2   . ARG A 1 77  ? -1.081  -3.369  -20.305 1.00 42.65 ? 77  ARG A NH2   1 
ATOM   615  N N     . GLU A 1 78  ? -2.885  5.259   -19.344 1.00 31.05 ? 78  GLU A N     1 
ATOM   616  C CA    . GLU A 1 78  ? -3.657  6.232   -20.107 1.00 31.95 ? 78  GLU A CA    1 
ATOM   617  C C     . GLU A 1 78  ? -3.236  7.683   -19.797 1.00 31.53 ? 78  GLU A C     1 
ATOM   618  O O     . GLU A 1 78  ? -3.456  8.503   -20.712 1.00 31.31 ? 78  GLU A O     1 
ATOM   619  C CB    . GLU A 1 78  ? -5.157  6.348   -19.920 1.00 33.22 ? 78  GLU A CB    1 
ATOM   620  C CG    . GLU A 1 78  ? -6.056  5.224   -19.546 1.00 34.76 ? 78  GLU A CG    1 
ATOM   621  C CD    . GLU A 1 78  ? -7.478  5.324   -20.070 1.00 36.05 ? 78  GLU A CD    1 
ATOM   622  O OE1   . GLU A 1 78  ? -8.415  5.934   -19.565 1.00 35.57 ? 78  GLU A OE1   1 
ATOM   623  O OE2   . GLU A 1 78  ? -7.525  4.610   -21.136 1.00 37.13 ? 78  GLU A OE2   1 
ATOM   624  N N     . LEU A 1 79  ? -2.749  7.948   -18.613 1.00 30.87 ? 79  LEU A N     1 
ATOM   625  C CA    . LEU A 1 79  ? -2.375  9.308   -18.224 1.00 30.73 ? 79  LEU A CA    1 
ATOM   626  C C     . LEU A 1 79  ? -1.088  9.706   -18.956 1.00 30.20 ? 79  LEU A C     1 
ATOM   627  O O     . LEU A 1 79  ? -0.174  8.888   -18.966 1.00 29.33 ? 79  LEU A O     1 
ATOM   628  C CB    . LEU A 1 79  ? -2.229  9.444   -16.697 1.00 31.06 ? 79  LEU A CB    1 
ATOM   629  C CG    . LEU A 1 79  ? -3.435  9.118   -15.855 1.00 32.08 ? 79  LEU A CG    1 
ATOM   630  C CD1   . LEU A 1 79  ? -3.182  9.271   -14.351 1.00 32.15 ? 79  LEU A CD1   1 
ATOM   631  C CD2   . LEU A 1 79  ? -4.531  10.098  -16.294 1.00 32.39 ? 79  LEU A CD2   1 
ATOM   632  N N     . LYS A 1 80  ? -1.087  10.928  -19.460 1.00 30.28 ? 80  LYS A N     1 
ATOM   633  C CA    . LYS A 1 80  ? 0.089   11.432  -20.179 1.00 30.79 ? 80  LYS A CA    1 
ATOM   634  C C     . LYS A 1 80  ? 0.913   12.265  -19.192 1.00 29.77 ? 80  LYS A C     1 
ATOM   635  O O     . LYS A 1 80  ? 2.137   12.357  -19.377 1.00 29.90 ? 80  LYS A O     1 
ATOM   636  C CB    . LYS A 1 80  ? -0.186  12.139  -21.493 1.00 32.60 ? 80  LYS A CB    1 
ATOM   637  C CG    . LYS A 1 80  ? -1.212  11.499  -22.420 1.00 34.46 ? 80  LYS A CG    1 
ATOM   638  C CD    . LYS A 1 80  ? -0.840  10.501  -23.445 1.00 36.16 ? 80  LYS A CD    1 
ATOM   639  C CE    . LYS A 1 80  ? -0.786  10.805  -24.921 1.00 37.02 ? 80  LYS A CE    1 
ATOM   640  N NZ    . LYS A 1 80  ? 0.499   11.347  -25.469 1.00 37.12 ? 80  LYS A NZ    1 
ATOM   641  N N     . GLU A 1 81  ? 0.288   12.796  -18.151 1.00 28.05 ? 81  GLU A N     1 
ATOM   642  C CA    . GLU A 1 81  ? 1.058   13.546  -17.128 1.00 26.23 ? 81  GLU A CA    1 
ATOM   643  C C     . GLU A 1 81  ? 0.441   13.117  -15.768 1.00 25.05 ? 81  GLU A C     1 
ATOM   644  O O     . GLU A 1 81  ? -0.693  12.605  -15.780 1.00 23.45 ? 81  GLU A O     1 
ATOM   645  C CB    . GLU A 1 81  ? 1.032   15.053  -17.209 1.00 25.62 ? 81  GLU A CB    1 
ATOM   646  C CG    . GLU A 1 81  ? -0.182  15.937  -16.928 1.00 25.53 ? 81  GLU A CG    1 
ATOM   647  C CD    . GLU A 1 81  ? 0.093   17.380  -17.164 1.00 26.21 ? 81  GLU A CD    1 
ATOM   648  O OE1   . GLU A 1 81  ? 0.741   18.192  -16.510 1.00 26.99 ? 81  GLU A OE1   1 
ATOM   649  O OE2   . GLU A 1 81  ? -0.348  17.779  -18.269 1.00 25.91 ? 81  GLU A OE2   1 
ATOM   650  N N     . PRO A 1 82  ? 1.183   13.370  -14.694 1.00 23.79 ? 82  PRO A N     1 
ATOM   651  C CA    . PRO A 1 82  ? 0.719   13.091  -13.345 1.00 24.03 ? 82  PRO A CA    1 
ATOM   652  C C     . PRO A 1 82  ? -0.504  13.965  -12.994 1.00 23.78 ? 82  PRO A C     1 
ATOM   653  O O     . PRO A 1 82  ? -0.542  15.144  -13.341 1.00 24.34 ? 82  PRO A O     1 
ATOM   654  C CB    . PRO A 1 82  ? 1.853   13.556  -12.426 1.00 23.56 ? 82  PRO A CB    1 
ATOM   655  C CG    . PRO A 1 82  ? 3.033   13.840  -13.288 1.00 23.62 ? 82  PRO A CG    1 
ATOM   656  C CD    . PRO A 1 82  ? 2.501   13.976  -14.686 1.00 23.82 ? 82  PRO A CD    1 
ATOM   657  N N     . PRO A 1 83  ? -1.469  13.384  -12.316 1.00 23.68 ? 83  PRO A N     1 
ATOM   658  C CA    . PRO A 1 83  ? -2.672  14.130  -11.926 1.00 23.51 ? 83  PRO A CA    1 
ATOM   659  C C     . PRO A 1 83  ? -2.173  15.313  -11.123 1.00 23.82 ? 83  PRO A C     1 
ATOM   660  O O     . PRO A 1 83  ? -1.021  15.272  -10.608 1.00 24.38 ? 83  PRO A O     1 
ATOM   661  C CB    . PRO A 1 83  ? -3.470  13.160  -11.087 1.00 23.74 ? 83  PRO A CB    1 
ATOM   662  C CG    . PRO A 1 83  ? -2.856  11.809  -11.290 1.00 23.86 ? 83  PRO A CG    1 
ATOM   663  C CD    . PRO A 1 83  ? -1.499  11.974  -11.907 1.00 23.35 ? 83  PRO A CD    1 
ATOM   664  N N     . GLN A 1 84  ? -3.070  16.277  -11.012 1.00 24.03 ? 84  GLN A N     1 
ATOM   665  C CA    . GLN A 1 84  ? -2.715  17.471  -10.213 1.00 23.70 ? 84  GLN A CA    1 
ATOM   666  C C     . GLN A 1 84  ? -2.425  17.041  -8.772  1.00 22.91 ? 84  GLN A C     1 
ATOM   667  O O     . GLN A 1 84  ? -3.238  16.300  -8.173  1.00 22.22 ? 84  GLN A O     1 
ATOM   668  C CB    . GLN A 1 84  ? -3.900  18.416  -10.375 1.00 25.17 ? 84  GLN A CB    1 
ATOM   669  C CG    . GLN A 1 84  ? -4.102  19.167  -9.081  1.00 27.12 ? 84  GLN A CG    1 
ATOM   670  C CD    . GLN A 1 84  ? -4.839  20.463  -9.037  1.00 28.94 ? 84  GLN A CD    1 
ATOM   671  O OE1   . GLN A 1 84  ? -6.072  20.582  -9.095  1.00 29.66 ? 84  GLN A OE1   1 
ATOM   672  N NE2   . GLN A 1 84  ? -4.031  21.533  -8.863  1.00 29.99 ? 84  GLN A NE2   1 
ATOM   673  N N     . GLY A 1 85  ? -1.336  17.529  -8.154  1.00 22.10 ? 85  GLY A N     1 
ATOM   674  C CA    . GLY A 1 85  ? -0.902  17.239  -6.785  1.00 20.13 ? 85  GLY A CA    1 
ATOM   675  C C     . GLY A 1 85  ? 0.025   16.032  -6.691  1.00 19.70 ? 85  GLY A C     1 
ATOM   676  O O     . GLY A 1 85  ? 0.612   15.742  -5.629  1.00 20.15 ? 85  GLY A O     1 
ATOM   677  N N     . ALA A 1 86  ? 0.148   15.207  -7.715  1.00 18.91 ? 86  ALA A N     1 
ATOM   678  C CA    . ALA A 1 86  ? 0.989   13.990  -7.706  1.00 18.43 ? 86  ALA A CA    1 
ATOM   679  C C     . ALA A 1 86  ? 2.387   14.413  -8.141  1.00 17.79 ? 86  ALA A C     1 
ATOM   680  O O     . ALA A 1 86  ? 2.466   15.479  -8.773  1.00 18.33 ? 86  ALA A O     1 
ATOM   681  C CB    . ALA A 1 86  ? 0.476   12.863  -8.580  1.00 17.54 ? 86  ALA A CB    1 
ATOM   682  N N     . HIS A 1 87  ? 3.375   13.599  -7.870  1.00 16.69 ? 87  HIS A N     1 
ATOM   683  C CA    . HIS A 1 87  ? 4.730   13.893  -8.223  1.00 16.09 ? 87  HIS A CA    1 
ATOM   684  C C     . HIS A 1 87  ? 5.278   13.119  -9.421  1.00 15.01 ? 87  HIS A C     1 
ATOM   685  O O     . HIS A 1 87  ? 6.177   13.757  -9.983  1.00 14.30 ? 87  HIS A O     1 
ATOM   686  C CB    . HIS A 1 87  ? 5.778   13.707  -7.026  1.00 15.97 ? 87  HIS A CB    1 
ATOM   687  C CG    . HIS A 1 87  ? 5.378   14.283  -5.713  1.00 16.02 ? 87  HIS A CG    1 
ATOM   688  N ND1   . HIS A 1 87  ? 5.064   15.631  -5.521  1.00 16.64 ? 87  HIS A ND1   1 
ATOM   689  C CD2   . HIS A 1 87  ? 5.304   13.750  -4.493  1.00 15.40 ? 87  HIS A CD2   1 
ATOM   690  C CE1   . HIS A 1 87  ? 4.692   15.907  -4.281  1.00 15.70 ? 87  HIS A CE1   1 
ATOM   691  N NE2   . HIS A 1 87  ? 4.859   14.737  -3.670  1.00 16.79 ? 87  HIS A NE2   1 
ATOM   692  N N     . PHE A 1 88  ? 4.935   11.898  -9.759  1.00 14.80 ? 88  PHE A N     1 
ATOM   693  C CA    . PHE A 1 88  ? 5.599   11.209  -10.842 1.00 15.37 ? 88  PHE A CA    1 
ATOM   694  C C     . PHE A 1 88  ? 4.477   10.303  -11.418 1.00 16.20 ? 88  PHE A C     1 
ATOM   695  O O     . PHE A 1 88  ? 3.566   10.137  -10.619 1.00 15.33 ? 88  PHE A O     1 
ATOM   696  C CB    . PHE A 1 88  ? 6.855   10.443  -10.471 1.00 16.73 ? 88  PHE A CB    1 
ATOM   697  C CG    . PHE A 1 88  ? 8.014   11.219  -9.879  1.00 18.28 ? 88  PHE A CG    1 
ATOM   698  C CD1   . PHE A 1 88  ? 8.987   11.802  -10.717 1.00 18.81 ? 88  PHE A CD1   1 
ATOM   699  C CD2   . PHE A 1 88  ? 8.113   11.371  -8.496  1.00 17.80 ? 88  PHE A CD2   1 
ATOM   700  C CE1   . PHE A 1 88  ? 10.045  12.560  -10.149 1.00 19.06 ? 88  PHE A CE1   1 
ATOM   701  C CE2   . PHE A 1 88  ? 9.170   12.096  -7.955  1.00 18.01 ? 88  PHE A CE2   1 
ATOM   702  C CZ    . PHE A 1 88  ? 10.085  12.749  -8.790  1.00 18.17 ? 88  PHE A CZ    1 
ATOM   703  N N     . LEU A 1 89  ? 4.704   9.895   -12.664 1.00 15.66 ? 89  LEU A N     1 
ATOM   704  C CA    . LEU A 1 89  ? 3.794   9.020   -13.332 1.00 17.43 ? 89  LEU A CA    1 
ATOM   705  C C     . LEU A 1 89  ? 4.648   7.961   -13.992 1.00 19.10 ? 89  LEU A C     1 
ATOM   706  O O     . LEU A 1 89  ? 5.632   8.294   -14.654 1.00 21.35 ? 89  LEU A O     1 
ATOM   707  C CB    . LEU A 1 89  ? 2.864   9.732   -14.272 1.00 17.09 ? 89  LEU A CB    1 
ATOM   708  C CG    . LEU A 1 89  ? 2.147   9.109   -15.427 1.00 16.06 ? 89  LEU A CG    1 
ATOM   709  C CD1   . LEU A 1 89  ? 0.759   8.622   -15.035 1.00 16.50 ? 89  LEU A CD1   1 
ATOM   710  C CD2   . LEU A 1 89  ? 2.078   10.163  -16.507 1.00 14.70 ? 89  LEU A CD2   1 
ATOM   711  N N     . SER A 1 90  ? 4.317   6.703   -13.823 1.00 20.19 ? 90  SER A N     1 
ATOM   712  C CA    . SER A 1 90  ? 5.031   5.633   -14.488 1.00 21.18 ? 90  SER A CA    1 
ATOM   713  C C     . SER A 1 90  ? 3.936   4.824   -15.133 1.00 22.30 ? 90  SER A C     1 
ATOM   714  O O     . SER A 1 90  ? 2.795   4.866   -14.697 1.00 21.98 ? 90  SER A O     1 
ATOM   715  C CB    . SER A 1 90  ? 5.924   4.784   -13.601 1.00 21.38 ? 90  SER A CB    1 
ATOM   716  O OG    . SER A 1 90  ? 6.764   5.827   -13.095 1.00 22.36 ? 90  SER A OG    1 
ATOM   717  N N     . ARG A 1 91  ? 4.384   4.101   -16.131 1.00 24.24 ? 91  ARG A N     1 
ATOM   718  C CA    . ARG A 1 91  ? 3.552   3.233   -16.960 1.00 26.03 ? 91  ARG A CA    1 
ATOM   719  C C     . ARG A 1 91  ? 3.414   1.893   -16.238 1.00 26.58 ? 91  ARG A C     1 
ATOM   720  O O     . ARG A 1 91  ? 2.295   1.359   -16.333 1.00 27.05 ? 91  ARG A O     1 
ATOM   721  C CB    . ARG A 1 91  ? 4.240   3.105   -18.319 1.00 27.50 ? 91  ARG A CB    1 
ATOM   722  C CG    . ARG A 1 91  ? 3.553   3.769   -19.474 1.00 29.33 ? 91  ARG A CG    1 
ATOM   723  C CD    . ARG A 1 91  ? 3.585   5.221   -19.572 1.00 30.71 ? 91  ARG A CD    1 
ATOM   724  N NE    . ARG A 1 91  ? 2.652   6.084   -18.996 1.00 31.51 ? 91  ARG A NE    1 
ATOM   725  C CZ    . ARG A 1 91  ? 1.627   6.805   -18.734 1.00 31.69 ? 91  ARG A CZ    1 
ATOM   726  N NH1   . ARG A 1 91  ? 1.542   7.552   -17.619 1.00 32.50 ? 91  ARG A NH1   1 
ATOM   727  N NH2   . ARG A 1 91  ? 0.607   6.886   -19.581 1.00 32.79 ? 91  ARG A NH2   1 
ATOM   728  N N     . SER A 1 92  ? 4.441   1.417   -15.545 1.00 26.75 ? 92  SER A N     1 
ATOM   729  C CA    . SER A 1 92  ? 4.428   0.147   -14.814 1.00 26.71 ? 92  SER A CA    1 
ATOM   730  C C     . SER A 1 92  ? 5.278   0.230   -13.558 1.00 27.82 ? 92  SER A C     1 
ATOM   731  O O     . SER A 1 92  ? 5.996   1.246   -13.443 1.00 27.41 ? 92  SER A O     1 
ATOM   732  C CB    . SER A 1 92  ? 5.167   -0.828  -15.722 1.00 26.98 ? 92  SER A CB    1 
ATOM   733  O OG    . SER A 1 92  ? 6.571   -0.524  -15.635 1.00 26.99 ? 92  SER A OG    1 
ATOM   734  N N     . LEU A 1 93  ? 5.282   -0.792  -12.683 1.00 28.82 ? 93  LEU A N     1 
ATOM   735  C CA    . LEU A 1 93  ? 6.045   -0.889  -11.422 1.00 28.84 ? 93  LEU A CA    1 
ATOM   736  C C     . LEU A 1 93  ? 7.557   -0.928  -11.597 1.00 29.87 ? 93  LEU A C     1 
ATOM   737  O O     . LEU A 1 93  ? 8.379   -0.403  -10.817 1.00 29.48 ? 93  LEU A O     1 
ATOM   738  C CB    . LEU A 1 93  ? 5.549   -2.105  -10.588 1.00 28.98 ? 93  LEU A CB    1 
ATOM   739  C CG    . LEU A 1 93  ? 6.143   -2.195  -9.175  1.00 28.30 ? 93  LEU A CG    1 
ATOM   740  C CD1   . LEU A 1 93  ? 5.105   -1.605  -8.258  1.00 28.28 ? 93  LEU A CD1   1 
ATOM   741  C CD2   . LEU A 1 93  ? 6.423   -3.675  -8.909  1.00 28.81 ? 93  LEU A CD2   1 
ATOM   742  N N     . ASP A 1 94  ? 7.943   -1.571  -12.672 1.00 31.78 ? 94  ASP A N     1 
ATOM   743  C CA    . ASP A 1 94  ? 9.254   -1.736  -13.277 1.00 33.56 ? 94  ASP A CA    1 
ATOM   744  C C     . ASP A 1 94  ? 9.728   -0.340  -13.697 1.00 34.12 ? 94  ASP A C     1 
ATOM   745  O O     . ASP A 1 94  ? 10.865  0.026   -13.311 1.00 35.17 ? 94  ASP A O     1 
ATOM   746  C CB    . ASP A 1 94  ? 9.138   -2.576  -14.550 1.00 35.41 ? 94  ASP A CB    1 
ATOM   747  C CG    . ASP A 1 94  ? 8.831   -4.002  -14.191 1.00 37.69 ? 94  ASP A CG    1 
ATOM   748  O OD1   . ASP A 1 94  ? 8.679   -4.878  -15.060 1.00 39.22 ? 94  ASP A OD1   1 
ATOM   749  O OD2   . ASP A 1 94  ? 8.679   -4.259  -12.963 1.00 38.84 ? 94  ASP A OD2   1 
ATOM   750  N N     . ASP A 1 95  ? 8.848   0.360   -14.436 1.00 33.49 ? 95  ASP A N     1 
ATOM   751  C CA    . ASP A 1 95  ? 9.305   1.729   -14.799 1.00 33.22 ? 95  ASP A CA    1 
ATOM   752  C C     . ASP A 1 95  ? 9.424   2.537   -13.514 1.00 33.06 ? 95  ASP A C     1 
ATOM   753  O O     . ASP A 1 95  ? 10.307  3.392   -13.389 1.00 32.64 ? 95  ASP A O     1 
ATOM   754  C CB    . ASP A 1 95  ? 8.394   2.338   -15.852 1.00 33.65 ? 95  ASP A CB    1 
ATOM   755  C CG    . ASP A 1 95  ? 8.685   1.748   -17.224 1.00 34.45 ? 95  ASP A CG    1 
ATOM   756  O OD1   . ASP A 1 95  ? 9.902   1.507   -17.495 1.00 35.13 ? 95  ASP A OD1   1 
ATOM   757  O OD2   . ASP A 1 95  ? 7.743   1.543   -18.000 1.00 33.76 ? 95  ASP A OD2   1 
ATOM   758  N N     . ALA A 1 96  ? 8.480   2.336   -12.580 1.00 33.28 ? 96  ALA A N     1 
ATOM   759  C CA    . ALA A 1 96  ? 8.487   3.100   -11.315 1.00 33.59 ? 96  ALA A CA    1 
ATOM   760  C C     . ALA A 1 96  ? 9.775   2.759   -10.577 1.00 34.65 ? 96  ALA A C     1 
ATOM   761  O O     . ALA A 1 96  ? 10.297  3.709   -9.983  1.00 34.53 ? 96  ALA A O     1 
ATOM   762  C CB    . ALA A 1 96  ? 7.325   2.892   -10.359 1.00 33.29 ? 96  ALA A CB    1 
ATOM   763  N N     . LEU A 1 97  ? 10.162  1.486   -10.638 1.00 36.29 ? 97  LEU A N     1 
ATOM   764  C CA    . LEU A 1 97  ? 11.422  1.108   -9.904  1.00 38.04 ? 97  LEU A CA    1 
ATOM   765  C C     . LEU A 1 97  ? 12.611  1.760   -10.587 1.00 39.10 ? 97  LEU A C     1 
ATOM   766  O O     . LEU A 1 97  ? 13.355  2.548   -9.975  1.00 39.44 ? 97  LEU A O     1 
ATOM   767  C CB    . LEU A 1 97  ? 11.389  -0.415  -9.742  1.00 38.77 ? 97  LEU A CB    1 
ATOM   768  C CG    . LEU A 1 97  ? 10.343  -0.999  -8.815  1.00 39.05 ? 97  LEU A CG    1 
ATOM   769  C CD1   . LEU A 1 97  ? 10.233  -2.518  -8.929  1.00 39.40 ? 97  LEU A CD1   1 
ATOM   770  C CD2   . LEU A 1 97  ? 10.688  -0.618  -7.379  1.00 39.45 ? 97  LEU A CD2   1 
ATOM   771  N N     . LYS A 1 98  ? 12.804  1.478   -11.877 1.00 40.39 ? 98  LYS A N     1 
ATOM   772  C CA    . LYS A 1 98  ? 13.895  2.112   -12.617 1.00 41.29 ? 98  LYS A CA    1 
ATOM   773  C C     . LYS A 1 98  ? 14.050  3.536   -12.180 1.00 41.88 ? 98  LYS A C     1 
ATOM   774  O O     . LYS A 1 98  ? 15.178  3.885   -11.803 1.00 42.20 ? 98  LYS A O     1 
ATOM   775  C CB    . LYS A 1 98  ? 13.713  1.980   -14.128 1.00 42.17 ? 98  LYS A CB    1 
ATOM   776  C CG    . LYS A 1 98  ? 13.759  0.490   -14.532 1.00 43.20 ? 98  LYS A CG    1 
ATOM   777  C CD    . LYS A 1 98  ? 13.237  0.348   -15.972 1.00 44.15 ? 98  LYS A CD    1 
ATOM   778  C CE    . LYS A 1 98  ? 12.653  -1.031  -16.213 1.00 44.50 ? 98  LYS A CE    1 
ATOM   779  N NZ    . LYS A 1 98  ? 11.340  -0.956  -16.920 1.00 44.64 ? 98  LYS A NZ    1 
ATOM   780  N N     . LEU A 1 99  ? 13.042  4.380   -12.176 1.00 42.61 ? 99  LEU A N     1 
ATOM   781  C CA    . LEU A 1 99  ? 13.083  5.804   -11.768 1.00 42.78 ? 99  LEU A CA    1 
ATOM   782  C C     . LEU A 1 99  ? 13.823  6.117   -10.458 1.00 43.86 ? 99  LEU A C     1 
ATOM   783  O O     . LEU A 1 99  ? 14.367  7.198   -10.141 1.00 43.06 ? 99  LEU A O     1 
ATOM   784  C CB    . LEU A 1 99  ? 11.621  6.231   -11.668 1.00 41.96 ? 99  LEU A CB    1 
ATOM   785  C CG    . LEU A 1 99  ? 11.024  7.553   -12.033 1.00 41.53 ? 99  LEU A CG    1 
ATOM   786  C CD1   . LEU A 1 99  ? 9.520   7.344   -12.317 1.00 41.84 ? 99  LEU A CD1   1 
ATOM   787  C CD2   . LEU A 1 99  ? 11.028  8.530   -10.864 1.00 41.32 ? 99  LEU A CD2   1 
ATOM   788  N N     . THR A 1 100 ? 13.794  5.098   -9.611  1.00 45.05 ? 100 THR A N     1 
ATOM   789  C CA    . THR A 1 100 ? 14.413  5.081   -8.275  1.00 46.30 ? 100 THR A CA    1 
ATOM   790  C C     . THR A 1 100 ? 15.944  5.130   -8.442  1.00 47.32 ? 100 THR A C     1 
ATOM   791  O O     . THR A 1 100 ? 16.648  5.844   -7.714  1.00 47.02 ? 100 THR A O     1 
ATOM   792  C CB    . THR A 1 100 ? 13.943  3.760   -7.529  1.00 46.13 ? 100 THR A CB    1 
ATOM   793  O OG1   . THR A 1 100 ? 12.783  4.135   -6.732  1.00 45.90 ? 100 THR A OG1   1 
ATOM   794  C CG2   . THR A 1 100 ? 15.070  3.056   -6.783  1.00 46.04 ? 100 THR A CG2   1 
ATOM   795  N N     . GLU A 1 101 ? 16.362  4.321   -9.420  1.00 48.26 ? 101 GLU A N     1 
ATOM   796  C CA    . GLU A 1 101 ? 17.751  4.159   -9.821  1.00 49.45 ? 101 GLU A CA    1 
ATOM   797  C C     . GLU A 1 101 ? 18.208  5.500   -10.404 1.00 50.21 ? 101 GLU A C     1 
ATOM   798  O O     . GLU A 1 101 ? 19.330  5.927   -10.102 1.00 51.02 ? 101 GLU A O     1 
ATOM   799  C CB    . GLU A 1 101 ? 18.090  3.115   -10.866 1.00 49.26 ? 101 GLU A CB    1 
ATOM   800  C CG    . GLU A 1 101 ? 17.303  1.831   -11.030 1.00 49.70 ? 101 GLU A CG    1 
ATOM   801  C CD    . GLU A 1 101 ? 17.084  0.926   -9.850  1.00 49.75 ? 101 GLU A CD    1 
ATOM   802  O OE1   . GLU A 1 101 ? 17.786  0.962   -8.843  1.00 50.12 ? 101 GLU A OE1   1 
ATOM   803  O OE2   . GLU A 1 101 ? 16.127  0.126   -9.955  1.00 49.39 ? 101 GLU A OE2   1 
ATOM   804  N N     . GLN A 1 102 ? 17.366  6.148   -11.195 1.00 50.92 ? 102 GLN A N     1 
ATOM   805  C CA    . GLN A 1 102 ? 17.847  7.445   -11.731 1.00 51.52 ? 102 GLN A CA    1 
ATOM   806  C C     . GLN A 1 102 ? 18.348  8.164   -10.463 1.00 51.87 ? 102 GLN A C     1 
ATOM   807  O O     . GLN A 1 102 ? 17.823  7.926   -9.370  1.00 51.81 ? 102 GLN A O     1 
ATOM   808  C CB    . GLN A 1 102 ? 16.808  8.213   -12.485 1.00 51.96 ? 102 GLN A CB    1 
ATOM   809  C CG    . GLN A 1 102 ? 15.835  7.488   -13.368 1.00 52.63 ? 102 GLN A CG    1 
ATOM   810  C CD    . GLN A 1 102 ? 16.377  6.313   -14.142 1.00 53.43 ? 102 GLN A CD    1 
ATOM   811  O OE1   . GLN A 1 102 ? 17.108  6.381   -15.142 1.00 53.69 ? 102 GLN A OE1   1 
ATOM   812  N NE2   . GLN A 1 102 ? 15.956  5.128   -13.681 1.00 53.56 ? 102 GLN A NE2   1 
ATOM   813  N N     . PRO A 1 103 ? 19.371  8.970   -10.617 1.00 52.29 ? 103 PRO A N     1 
ATOM   814  C CA    . PRO A 1 103 ? 19.959  9.773   -9.538  1.00 52.51 ? 103 PRO A CA    1 
ATOM   815  C C     . PRO A 1 103 ? 18.848  10.686  -9.007  1.00 52.95 ? 103 PRO A C     1 
ATOM   816  O O     . PRO A 1 103 ? 18.992  11.440  -8.040  1.00 53.18 ? 103 PRO A O     1 
ATOM   817  C CB    . PRO A 1 103 ? 21.052  10.613  -10.214 1.00 52.50 ? 103 PRO A CB    1 
ATOM   818  C CG    . PRO A 1 103 ? 21.387  9.831   -11.479 1.00 52.39 ? 103 PRO A CG    1 
ATOM   819  C CD    . PRO A 1 103 ? 20.029  9.266   -11.915 1.00 52.41 ? 103 PRO A CD    1 
ATOM   820  N N     . GLU A 1 104 ? 17.733  10.582  -9.743  1.00 53.29 ? 104 GLU A N     1 
ATOM   821  C CA    . GLU A 1 104 ? 16.533  11.373  -9.390  1.00 53.16 ? 104 GLU A CA    1 
ATOM   822  C C     . GLU A 1 104 ? 16.230  11.075  -7.925  1.00 53.25 ? 104 GLU A C     1 
ATOM   823  O O     . GLU A 1 104 ? 16.585  11.886  -7.029  1.00 54.37 ? 104 GLU A O     1 
ATOM   824  C CB    . GLU A 1 104 ? 15.342  11.111  -10.314 1.00 52.87 ? 104 GLU A CB    1 
ATOM   825  C CG    . GLU A 1 104 ? 14.919  12.187  -11.313 1.00 52.12 ? 104 GLU A CG    1 
ATOM   826  C CD    . GLU A 1 104 ? 14.110  11.739  -12.497 1.00 52.05 ? 104 GLU A CD    1 
ATOM   827  O OE1   . GLU A 1 104 ? 14.500  10.880  -13.289 1.00 52.10 ? 104 GLU A OE1   1 
ATOM   828  O OE2   . GLU A 1 104 ? 13.005  12.316  -12.670 1.00 51.43 ? 104 GLU A OE2   1 
ATOM   829  N N     . LEU A 1 105 ? 15.659  9.922   -7.619  1.00 52.42 ? 105 LEU A N     1 
ATOM   830  C CA    . LEU A 1 105 ? 15.302  9.585   -6.239  1.00 51.40 ? 105 LEU A CA    1 
ATOM   831  C C     . LEU A 1 105 ? 16.289  8.667   -5.550  1.00 50.98 ? 105 LEU A C     1 
ATOM   832  O O     . LEU A 1 105 ? 16.292  8.513   -4.316  1.00 50.22 ? 105 LEU A O     1 
ATOM   833  C CB    . LEU A 1 105 ? 13.853  9.102   -6.375  1.00 51.30 ? 105 LEU A CB    1 
ATOM   834  C CG    . LEU A 1 105 ? 12.950  10.186  -6.964  1.00 50.93 ? 105 LEU A CG    1 
ATOM   835  C CD1   . LEU A 1 105 ? 12.045  9.569   -8.006  1.00 50.46 ? 105 LEU A CD1   1 
ATOM   836  C CD2   . LEU A 1 105 ? 12.217  10.832  -5.796  1.00 50.62 ? 105 LEU A CD2   1 
ATOM   837  N N     . ALA A 1 106 ? 17.129  8.122   -6.415  1.00 50.42 ? 106 ALA A N     1 
ATOM   838  C CA    . ALA A 1 106 ? 18.217  7.210   -6.023  1.00 49.34 ? 106 ALA A CA    1 
ATOM   839  C C     . ALA A 1 106 ? 18.648  7.469   -4.599  1.00 48.37 ? 106 ALA A C     1 
ATOM   840  O O     . ALA A 1 106 ? 18.518  6.625   -3.710  1.00 48.87 ? 106 ALA A O     1 
ATOM   841  C CB    . ALA A 1 106 ? 19.362  7.507   -7.004  1.00 49.47 ? 106 ALA A CB    1 
ATOM   842  N N     . ASN A 1 107 ? 19.161  8.655   -4.354  1.00 47.21 ? 107 ASN A N     1 
ATOM   843  C CA    . ASN A 1 107 ? 19.646  9.078   -3.030  1.00 46.06 ? 107 ASN A CA    1 
ATOM   844  C C     . ASN A 1 107 ? 18.582  9.620   -2.085  1.00 44.36 ? 107 ASN A C     1 
ATOM   845  O O     . ASN A 1 107 ? 18.916  9.899   -0.894  1.00 43.77 ? 107 ASN A O     1 
ATOM   846  C CB    . ASN A 1 107 ? 20.752  10.108  -3.313  1.00 47.36 ? 107 ASN A CB    1 
ATOM   847  C CG    . ASN A 1 107 ? 20.643  10.896  -4.611  1.00 48.25 ? 107 ASN A CG    1 
ATOM   848  O OD1   . ASN A 1 107 ? 19.554  11.230  -5.130  1.00 48.52 ? 107 ASN A OD1   1 
ATOM   849  N ND2   . ASN A 1 107 ? 21.815  11.256  -5.204  1.00 48.20 ? 107 ASN A ND2   1 
ATOM   850  N N     . LYS A 1 108 ? 17.354  9.785   -2.586  1.00 41.97 ? 108 LYS A N     1 
ATOM   851  C CA    . LYS A 1 108 ? 16.253  10.326  -1.768  1.00 39.79 ? 108 LYS A CA    1 
ATOM   852  C C     . LYS A 1 108 ? 15.226  9.339   -1.217  1.00 37.07 ? 108 LYS A C     1 
ATOM   853  O O     . LYS A 1 108 ? 14.452  9.771   -0.330  1.00 37.33 ? 108 LYS A O     1 
ATOM   854  C CB    . LYS A 1 108 ? 15.429  11.358  -2.560  1.00 40.73 ? 108 LYS A CB    1 
ATOM   855  C CG    . LYS A 1 108 ? 16.005  11.600  -3.969  1.00 42.20 ? 108 LYS A CG    1 
ATOM   856  C CD    . LYS A 1 108 ? 15.276  12.753  -4.679  1.00 42.90 ? 108 LYS A CD    1 
ATOM   857  C CE    . LYS A 1 108 ? 16.268  13.848  -5.092  1.00 43.37 ? 108 LYS A CE    1 
ATOM   858  N NZ    . LYS A 1 108 ? 17.584  13.305  -5.506  1.00 43.24 ? 108 LYS A NZ    1 
ATOM   859  N N     . VAL A 1 109 ? 15.160  8.110   -1.670  1.00 33.57 ? 109 VAL A N     1 
ATOM   860  C CA    . VAL A 1 109 ? 14.203  7.116   -1.216  1.00 30.67 ? 109 VAL A CA    1 
ATOM   861  C C     . VAL A 1 109 ? 14.631  5.985   -0.269  1.00 28.91 ? 109 VAL A C     1 
ATOM   862  O O     . VAL A 1 109 ? 15.526  5.185   -0.551  1.00 27.98 ? 109 VAL A O     1 
ATOM   863  C CB    . VAL A 1 109 ? 13.545  6.494   -2.487  1.00 30.25 ? 109 VAL A CB    1 
ATOM   864  C CG1   . VAL A 1 109 ? 12.440  5.524   -2.069  1.00 29.82 ? 109 VAL A CG1   1 
ATOM   865  C CG2   . VAL A 1 109 ? 13.140  7.569   -3.466  1.00 29.41 ? 109 VAL A CG2   1 
ATOM   866  N N     . ASP A 1 110 ? 13.885  5.915   0.847   1.00 26.93 ? 110 ASP A N     1 
ATOM   867  C CA    . ASP A 1 110 ? 14.164  4.842   1.821   1.00 25.05 ? 110 ASP A CA    1 
ATOM   868  C C     . ASP A 1 110 ? 13.315  3.663   1.315   1.00 24.42 ? 110 ASP A C     1 
ATOM   869  O O     . ASP A 1 110 ? 13.875  3.017   0.399   1.00 24.66 ? 110 ASP A O     1 
ATOM   870  C CB    . ASP A 1 110 ? 14.080  5.173   3.292   1.00 24.96 ? 110 ASP A CB    1 
ATOM   871  C CG    . ASP A 1 110 ? 14.248  3.947   4.220   1.00 24.33 ? 110 ASP A CG    1 
ATOM   872  O OD1   . ASP A 1 110 ? 13.869  3.881   5.411   1.00 22.88 ? 110 ASP A OD1   1 
ATOM   873  O OD2   . ASP A 1 110 ? 14.746  2.985   3.606   1.00 24.21 ? 110 ASP A OD2   1 
ATOM   874  N N     . MET A 1 111 ? 12.137  3.394   1.823   1.00 22.11 ? 111 MET A N     1 
ATOM   875  C CA    . MET A 1 111 ? 11.273  2.306   1.468   1.00 20.45 ? 111 MET A CA    1 
ATOM   876  C C     . MET A 1 111 ? 10.224  2.694   0.424   1.00 19.14 ? 111 MET A C     1 
ATOM   877  O O     . MET A 1 111 ? 9.871   3.865   0.218   1.00 18.32 ? 111 MET A O     1 
ATOM   878  C CB    . MET A 1 111 ? 10.535  1.736   2.706   1.00 21.45 ? 111 MET A CB    1 
ATOM   879  C CG    . MET A 1 111 ? 11.315  1.632   4.000   1.00 23.12 ? 111 MET A CG    1 
ATOM   880  S SD    . MET A 1 111 ? 10.156  1.264   5.411   1.00 26.18 ? 111 MET A SD    1 
ATOM   881  C CE    . MET A 1 111 ? 11.239  0.579   6.654   1.00 26.07 ? 111 MET A CE    1 
ATOM   882  N N     . VAL A 1 112 ? 9.716   1.682   -0.308  1.00 17.27 ? 112 VAL A N     1 
ATOM   883  C CA    . VAL A 1 112 ? 8.677   1.909   -1.317  1.00 16.21 ? 112 VAL A CA    1 
ATOM   884  C C     . VAL A 1 112 ? 7.458   1.143   -0.834  1.00 14.57 ? 112 VAL A C     1 
ATOM   885  O O     . VAL A 1 112 ? 7.636   -0.031  -0.432  1.00 14.61 ? 112 VAL A O     1 
ATOM   886  C CB    . VAL A 1 112 ? 9.112   1.740   -2.774  1.00 16.77 ? 112 VAL A CB    1 
ATOM   887  C CG1   . VAL A 1 112 ? 10.448  1.132   -2.973  1.00 16.76 ? 112 VAL A CG1   1 
ATOM   888  C CG2   . VAL A 1 112 ? 7.969   1.218   -3.644  1.00 17.25 ? 112 VAL A CG2   1 
ATOM   889  N N     . TRP A 1 113 ? 6.339   1.845   -0.833  1.00 12.67 ? 113 TRP A N     1 
ATOM   890  C CA    . TRP A 1 113 ? 5.072   1.268   -0.397  1.00 11.89 ? 113 TRP A CA    1 
ATOM   891  C C     . TRP A 1 113 ? 4.030   1.225   -1.504  1.00 12.39 ? 113 TRP A C     1 
ATOM   892  O O     . TRP A 1 113 ? 3.851   2.363   -1.960  1.00 12.03 ? 113 TRP A O     1 
ATOM   893  C CB    . TRP A 1 113 ? 4.535   2.064   0.803   1.00 12.11 ? 113 TRP A CB    1 
ATOM   894  C CG    . TRP A 1 113 ? 5.369   1.957   2.056   1.00 11.76 ? 113 TRP A CG    1 
ATOM   895  C CD1   . TRP A 1 113 ? 6.383   2.700   2.553   1.00 10.90 ? 113 TRP A CD1   1 
ATOM   896  C CD2   . TRP A 1 113 ? 5.127   0.907   3.042   1.00 11.20 ? 113 TRP A CD2   1 
ATOM   897  N NE1   . TRP A 1 113 ? 6.855   2.153   3.734   1.00 10.09 ? 113 TRP A NE1   1 
ATOM   898  C CE2   . TRP A 1 113 ? 6.067   1.106   4.080   1.00 11.03 ? 113 TRP A CE2   1 
ATOM   899  C CE3   . TRP A 1 113 ? 4.182   -0.100  3.156   1.00 11.02 ? 113 TRP A CE3   1 
ATOM   900  C CZ2   . TRP A 1 113 ? 6.097   0.233   5.199   1.00 11.17 ? 113 TRP A CZ2   1 
ATOM   901  C CZ3   . TRP A 1 113 ? 4.208   -0.914  4.282   1.00 10.07 ? 113 TRP A CZ3   1 
ATOM   902  C CH2   . TRP A 1 113 ? 5.119   -0.732  5.274   1.00 10.05 ? 113 TRP A CH2   1 
ATOM   903  N N     . ILE A 1 114 ? 3.400   0.104   -1.782  1.00 11.63 ? 114 ILE A N     1 
ATOM   904  C CA    . ILE A 1 114 ? 2.343   -0.046  -2.760  1.00 12.36 ? 114 ILE A CA    1 
ATOM   905  C C     . ILE A 1 114 ? 1.033   0.039   -2.012  1.00 13.05 ? 114 ILE A C     1 
ATOM   906  O O     . ILE A 1 114 ? 0.689   -0.834  -1.169  1.00 13.59 ? 114 ILE A O     1 
ATOM   907  C CB    . ILE A 1 114 ? 2.629   -1.318  -3.597  1.00 12.70 ? 114 ILE A CB    1 
ATOM   908  C CG1   . ILE A 1 114 ? 4.011   -1.163  -4.256  1.00 13.07 ? 114 ILE A CG1   1 
ATOM   909  C CG2   . ILE A 1 114 ? 1.495   -1.772  -4.526  1.00 12.77 ? 114 ILE A CG2   1 
ATOM   910  C CD1   . ILE A 1 114 ? 4.317   -2.192  -5.373  1.00 13.70 ? 114 ILE A CD1   1 
ATOM   911  N N     . VAL A 1 115 ? 0.285   1.099   -2.240  1.00 12.41 ? 115 VAL A N     1 
ATOM   912  C CA    . VAL A 1 115 ? -0.961  1.246   -1.494  1.00 10.88 ? 115 VAL A CA    1 
ATOM   913  C C     . VAL A 1 115 ? -2.186  0.943   -2.299  1.00 10.91 ? 115 VAL A C     1 
ATOM   914  O O     . VAL A 1 115 ? -3.192  1.371   -1.736  1.00 10.28 ? 115 VAL A O     1 
ATOM   915  C CB    . VAL A 1 115 ? -0.915  2.649   -0.882  1.00 12.05 ? 115 VAL A CB    1 
ATOM   916  C CG1   . VAL A 1 115 ? 0.440   2.896   -0.207  1.00 10.70 ? 115 VAL A CG1   1 
ATOM   917  C CG2   . VAL A 1 115 ? -1.060  3.783   -1.914  1.00 11.68 ? 115 VAL A CG2   1 
ATOM   918  N N     . GLY A 1 116 ? -2.199  0.252   -3.444  1.00 11.10 ? 116 GLY A N     1 
ATOM   919  C CA    . GLY A 1 116 ? -3.479  -0.049  -4.130  1.00 11.46 ? 116 GLY A CA    1 
ATOM   920  C C     . GLY A 1 116 ? -3.358  0.222   -5.632  1.00 12.52 ? 116 GLY A C     1 
ATOM   921  O O     . GLY A 1 116 ? -2.450  0.977   -6.015  1.00 12.55 ? 116 GLY A O     1 
ATOM   922  N N     . GLY A 1 117 ? -4.195  -0.350  -6.459  1.00 12.43 ? 117 GLY A N     1 
ATOM   923  C CA    . GLY A 1 117 ? -5.325  -1.220  -6.292  1.00 12.79 ? 117 GLY A CA    1 
ATOM   924  C C     . GLY A 1 117 ? -5.044  -2.661  -6.586  1.00 12.90 ? 117 GLY A C     1 
ATOM   925  O O     . GLY A 1 117 ? -3.844  -2.899  -6.540  1.00 13.23 ? 117 GLY A O     1 
ATOM   926  N N     . SER A 1 118 ? -5.967  -3.540  -6.909  1.00 14.20 ? 118 SER A N     1 
ATOM   927  C CA    . SER A 1 118 ? -5.599  -4.964  -7.051  1.00 16.54 ? 118 SER A CA    1 
ATOM   928  C C     . SER A 1 118 ? -4.522  -5.319  -8.049  1.00 17.54 ? 118 SER A C     1 
ATOM   929  O O     . SER A 1 118 ? -3.702  -6.214  -7.835  1.00 16.86 ? 118 SER A O     1 
ATOM   930  C CB    . SER A 1 118 ? -6.805  -5.805  -7.457  1.00 17.33 ? 118 SER A CB    1 
ATOM   931  O OG    . SER A 1 118 ? -7.660  -4.736  -7.906  1.00 20.61 ? 118 SER A OG    1 
ATOM   932  N N     . SER A 1 119 ? -4.612  -4.454  -9.051  1.00 18.27 ? 119 SER A N     1 
ATOM   933  C CA    . SER A 1 119 ? -3.793  -4.557  -10.244 1.00 19.57 ? 119 SER A CA    1 
ATOM   934  C C     . SER A 1 119 ? -2.358  -4.342  -9.893  1.00 19.48 ? 119 SER A C     1 
ATOM   935  O O     . SER A 1 119 ? -1.499  -5.053  -10.391 1.00 20.12 ? 119 SER A O     1 
ATOM   936  C CB    . SER A 1 119 ? -4.306  -3.451  -11.242 1.00 19.84 ? 119 SER A CB    1 
ATOM   937  O OG    . SER A 1 119 ? -5.452  -2.832  -10.458 1.00 21.76 ? 119 SER A OG    1 
ATOM   938  N N     . VAL A 1 120 ? -2.205  -3.276  -9.092  1.00 19.66 ? 120 VAL A N     1 
ATOM   939  C CA    . VAL A 1 120 ? -0.858  -2.856  -8.709  1.00 18.95 ? 120 VAL A CA    1 
ATOM   940  C C     . VAL A 1 120 ? -0.322  -3.831  -7.688  1.00 20.16 ? 120 VAL A C     1 
ATOM   941  O O     . VAL A 1 120 ? 0.906   -4.008  -7.722  1.00 20.66 ? 120 VAL A O     1 
ATOM   942  C CB    . VAL A 1 120 ? -0.959  -1.389  -8.351  1.00 19.73 ? 120 VAL A CB    1 
ATOM   943  C CG1   . VAL A 1 120 ? 0.416   -0.802  -7.962  1.00 19.12 ? 120 VAL A CG1   1 
ATOM   944  C CG2   . VAL A 1 120 ? -1.729  -0.567  -9.407  1.00 18.42 ? 120 VAL A CG2   1 
ATOM   945  N N     . TYR A 1 121 ? -1.236  -4.428  -6.914  1.00 19.91 ? 121 TYR A N     1 
ATOM   946  C CA    . TYR A 1 121 ? -0.747  -5.404  -5.900  1.00 20.11 ? 121 TYR A CA    1 
ATOM   947  C C     . TYR A 1 121 ? -0.459  -6.750  -6.570  1.00 21.45 ? 121 TYR A C     1 
ATOM   948  O O     . TYR A 1 121 ? 0.509   -7.362  -6.167  1.00 20.08 ? 121 TYR A O     1 
ATOM   949  C CB    . TYR A 1 121 ? -1.731  -5.759  -4.780  1.00 17.18 ? 121 TYR A CB    1 
ATOM   950  C CG    . TYR A 1 121 ? -2.192  -4.706  -3.834  1.00 15.94 ? 121 TYR A CG    1 
ATOM   951  C CD1   . TYR A 1 121 ? -3.563  -4.388  -3.754  1.00 13.59 ? 121 TYR A CD1   1 
ATOM   952  C CD2   . TYR A 1 121 ? -1.263  -4.001  -3.019  1.00 14.54 ? 121 TYR A CD2   1 
ATOM   953  C CE1   . TYR A 1 121 ? -3.998  -3.405  -2.877  1.00 12.74 ? 121 TYR A CE1   1 
ATOM   954  C CE2   . TYR A 1 121 ? -1.732  -3.059  -2.089  1.00 12.57 ? 121 TYR A CE2   1 
ATOM   955  C CZ    . TYR A 1 121 ? -3.086  -2.744  -2.068  1.00 12.95 ? 121 TYR A CZ    1 
ATOM   956  O OH    . TYR A 1 121 ? -3.522  -1.855  -1.131  1.00 11.60 ? 121 TYR A OH    1 
ATOM   957  N N     . LYS A 1 122 ? -1.395  -7.071  -7.468  1.00 25.13 ? 122 LYS A N     1 
ATOM   958  C CA    . LYS A 1 122 ? -1.255  -8.344  -8.191  1.00 28.34 ? 122 LYS A CA    1 
ATOM   959  C C     . LYS A 1 122 ? 0.135   -8.359  -8.827  1.00 30.05 ? 122 LYS A C     1 
ATOM   960  O O     . LYS A 1 122 ? 0.965   -9.246  -8.585  1.00 30.11 ? 122 LYS A O     1 
ATOM   961  C CB    . LYS A 1 122 ? -2.379  -8.714  -9.143  1.00 29.26 ? 122 LYS A CB    1 
ATOM   962  C CG    . LYS A 1 122 ? -2.039  -10.145 -9.661  1.00 31.18 ? 122 LYS A CG    1 
ATOM   963  C CD    . LYS A 1 122 ? -3.078  -10.642 -10.634 1.00 31.90 ? 122 LYS A CD    1 
ATOM   964  C CE    . LYS A 1 122 ? -2.753  -11.862 -11.433 1.00 32.62 ? 122 LYS A CE    1 
ATOM   965  N NZ    . LYS A 1 122 ? -4.067  -12.545 -11.789 1.00 34.10 ? 122 LYS A NZ    1 
ATOM   966  N N     . GLU A 1 123 ? 0.456   -7.292  -9.550  1.00 32.12 ? 123 GLU A N     1 
ATOM   967  C CA    . GLU A 1 123 ? 1.771   -7.164  -10.203 1.00 33.27 ? 123 GLU A CA    1 
ATOM   968  C C     . GLU A 1 123 ? 2.936   -7.043  -9.248  1.00 34.04 ? 123 GLU A C     1 
ATOM   969  O O     . GLU A 1 123 ? 4.070   -7.447  -9.627  1.00 34.82 ? 123 GLU A O     1 
ATOM   970  C CB    . GLU A 1 123 ? 1.727   -5.976  -11.131 1.00 34.35 ? 123 GLU A CB    1 
ATOM   971  C CG    . GLU A 1 123 ? 1.926   -4.512  -10.774 1.00 35.56 ? 123 GLU A CG    1 
ATOM   972  C CD    . GLU A 1 123 ? 1.826   -3.695  -12.046 1.00 36.66 ? 123 GLU A CD    1 
ATOM   973  O OE1   . GLU A 1 123 ? 1.311   -4.190  -13.035 1.00 37.61 ? 123 GLU A OE1   1 
ATOM   974  O OE2   . GLU A 1 123 ? 2.231   -2.533  -12.131 1.00 37.14 ? 123 GLU A OE2   1 
ATOM   975  N N     . ALA A 1 124 ? 2.807   -6.505  -8.036  1.00 34.38 ? 124 ALA A N     1 
ATOM   976  C CA    . ALA A 1 124 ? 3.950   -6.403  -7.103  1.00 34.62 ? 124 ALA A CA    1 
ATOM   977  C C     . ALA A 1 124 ? 4.270   -7.789  -6.535  1.00 35.07 ? 124 ALA A C     1 
ATOM   978  O O     . ALA A 1 124 ? 5.417   -8.079  -6.358  1.00 33.98 ? 124 ALA A O     1 
ATOM   979  C CB    . ALA A 1 124 ? 3.766   -5.471  -5.919  1.00 34.38 ? 124 ALA A CB    1 
ATOM   980  N N     . MET A 1 125 ? 3.250   -8.555  -6.268  1.00 37.67 ? 125 MET A N     1 
ATOM   981  C CA    . MET A 1 125 ? 3.158   -9.878  -5.700  1.00 39.94 ? 125 MET A CA    1 
ATOM   982  C C     . MET A 1 125 ? 3.804   -10.959 -6.549  1.00 41.45 ? 125 MET A C     1 
ATOM   983  O O     . MET A 1 125 ? 4.013   -12.066 -5.998  1.00 42.67 ? 125 MET A O     1 
ATOM   984  C CB    . MET A 1 125 ? 1.715   -10.279 -5.361  1.00 40.93 ? 125 MET A CB    1 
ATOM   985  C CG    . MET A 1 125 ? 1.238   -9.496  -4.129  1.00 41.80 ? 125 MET A CG    1 
ATOM   986  S SD    . MET A 1 125 ? -0.414  -10.156 -3.686  1.00 43.05 ? 125 MET A SD    1 
ATOM   987  C CE    . MET A 1 125 ? -0.126  -11.778 -4.476  1.00 41.67 ? 125 MET A CE    1 
ATOM   988  N N     . ASN A 1 126 ? 4.091   -10.590 -7.754  1.00 42.40 ? 126 ASN A N     1 
ATOM   989  C CA    . ASN A 1 126 ? 4.721   -11.381 -8.799  1.00 43.46 ? 126 ASN A CA    1 
ATOM   990  C C     . ASN A 1 126 ? 6.118   -10.850 -9.123  1.00 43.11 ? 126 ASN A C     1 
ATOM   991  O O     . ASN A 1 126 ? 6.915   -11.584 -9.708  1.00 43.37 ? 126 ASN A O     1 
ATOM   992  C CB    . ASN A 1 126 ? 3.789   -11.496 -10.013 1.00 45.24 ? 126 ASN A CB    1 
ATOM   993  C CG    . ASN A 1 126 ? 2.646   -12.484 -9.731  1.00 46.07 ? 126 ASN A CG    1 
ATOM   994  O OD1   . ASN A 1 126 ? 2.746   -13.393 -8.868  1.00 46.85 ? 126 ASN A OD1   1 
ATOM   995  N ND2   . ASN A 1 126 ? 1.546   -12.319 -10.461 1.00 46.20 ? 126 ASN A ND2   1 
ATOM   996  N N     . HIS A 1 127 ? 6.448   -9.625  -8.747  1.00 42.12 ? 127 HIS A N     1 
ATOM   997  C CA    . HIS A 1 127 ? 7.798   -9.111  -8.966  1.00 41.25 ? 127 HIS A CA    1 
ATOM   998  C C     . HIS A 1 127 ? 8.595   -10.105 -8.095  1.00 40.89 ? 127 HIS A C     1 
ATOM   999  O O     . HIS A 1 127 ? 8.245   -10.461 -6.947  1.00 40.80 ? 127 HIS A O     1 
ATOM   1000 C CB    . HIS A 1 127 ? 7.959   -7.648  -8.516  1.00 41.72 ? 127 HIS A CB    1 
ATOM   1001 C CG    . HIS A 1 127 ? 9.347   -7.128  -8.560  1.00 41.68 ? 127 HIS A CG    1 
ATOM   1002 N ND1   . HIS A 1 127 ? 10.142  -6.969  -7.461  1.00 42.05 ? 127 HIS A ND1   1 
ATOM   1003 C CD2   . HIS A 1 127 ? 10.106  -6.742  -9.608  1.00 42.42 ? 127 HIS A CD2   1 
ATOM   1004 C CE1   . HIS A 1 127 ? 11.340  -6.519  -7.814  1.00 42.21 ? 127 HIS A CE1   1 
ATOM   1005 N NE2   . HIS A 1 127 ? 11.354  -6.370  -9.129  1.00 42.50 ? 127 HIS A NE2   1 
ATOM   1006 N N     . PRO A 1 128 ? 9.673   -10.629 -8.663  1.00 39.97 ? 128 PRO A N     1 
ATOM   1007 C CA    . PRO A 1 128 ? 10.501  -11.637 -7.938  1.00 38.68 ? 128 PRO A CA    1 
ATOM   1008 C C     . PRO A 1 128 ? 11.380  -10.815 -7.039  1.00 37.08 ? 128 PRO A C     1 
ATOM   1009 O O     . PRO A 1 128 ? 11.600  -9.613  -7.332  1.00 37.54 ? 128 PRO A O     1 
ATOM   1010 C CB    . PRO A 1 128 ? 11.070  -12.391 -9.116  1.00 39.28 ? 128 PRO A CB    1 
ATOM   1011 C CG    . PRO A 1 128 ? 11.486  -11.179 -9.951  1.00 40.19 ? 128 PRO A CG    1 
ATOM   1012 C CD    . PRO A 1 128 ? 10.181  -10.365 -10.016 1.00 39.78 ? 128 PRO A CD    1 
ATOM   1013 N N     . GLY A 1 129 ? 11.826  -11.385 -5.927  1.00 34.91 ? 129 GLY A N     1 
ATOM   1014 C CA    . GLY A 1 129 ? 12.652  -10.451 -5.058  1.00 32.23 ? 129 GLY A CA    1 
ATOM   1015 C C     . GLY A 1 129 ? 11.950  -10.516 -3.683  1.00 29.74 ? 129 GLY A C     1 
ATOM   1016 O O     . GLY A 1 129 ? 11.019  -11.321 -3.557  1.00 29.22 ? 129 GLY A O     1 
ATOM   1017 N N     . HIS A 1 130 ? 12.480  -9.732  -2.773  1.00 27.65 ? 130 HIS A N     1 
ATOM   1018 C CA    . HIS A 1 130 ? 11.935  -9.753  -1.377  1.00 25.96 ? 130 HIS A CA    1 
ATOM   1019 C C     . HIS A 1 130 ? 10.809  -8.729  -1.245  1.00 24.41 ? 130 HIS A C     1 
ATOM   1020 O O     . HIS A 1 130 ? 10.869  -7.540  -1.614  1.00 23.91 ? 130 HIS A O     1 
ATOM   1021 C CB    . HIS A 1 130 ? 13.119  -9.561  -0.431  1.00 26.97 ? 130 HIS A CB    1 
ATOM   1022 C CG    . HIS A 1 130 ? 12.874  -9.482  1.030   1.00 27.56 ? 130 HIS A CG    1 
ATOM   1023 N ND1   . HIS A 1 130 ? 11.791  -10.159 1.627   1.00 27.77 ? 130 HIS A ND1   1 
ATOM   1024 C CD2   . HIS A 1 130 ? 13.606  -8.961  2.019   1.00 27.53 ? 130 HIS A CD2   1 
ATOM   1025 C CE1   . HIS A 1 130 ? 11.848  -9.980  2.933   1.00 27.43 ? 130 HIS A CE1   1 
ATOM   1026 N NE2   . HIS A 1 130 ? 12.899  -9.224  3.189   1.00 27.88 ? 130 HIS A NE2   1 
ATOM   1027 N N     . LEU A 1 131 ? 9.733   -9.178  -0.674  1.00 21.75 ? 131 LEU A N     1 
ATOM   1028 C CA    . LEU A 1 131 ? 8.528   -8.382  -0.491  1.00 19.97 ? 131 LEU A CA    1 
ATOM   1029 C C     . LEU A 1 131 ? 7.812   -8.719  0.810   1.00 18.54 ? 131 LEU A C     1 
ATOM   1030 O O     . LEU A 1 131 ? 7.785   -9.890  1.247   1.00 19.38 ? 131 LEU A O     1 
ATOM   1031 C CB    . LEU A 1 131 ? 7.652   -8.770  -1.743  1.00 19.22 ? 131 LEU A CB    1 
ATOM   1032 C CG    . LEU A 1 131 ? 6.340   -8.036  -1.862  1.00 19.02 ? 131 LEU A CG    1 
ATOM   1033 C CD1   . LEU A 1 131 ? 6.630   -6.519  -1.793  1.00 17.42 ? 131 LEU A CD1   1 
ATOM   1034 C CD2   . LEU A 1 131 ? 5.722   -8.326  -3.236  1.00 19.31 ? 131 LEU A CD2   1 
ATOM   1035 N N     . LYS A 1 132 ? 7.207   -7.704  1.365   1.00 16.22 ? 132 LYS A N     1 
ATOM   1036 C CA    . LYS A 1 132 ? 6.436   -7.876  2.597   1.00 14.48 ? 132 LYS A CA    1 
ATOM   1037 C C     . LYS A 1 132 ? 5.081   -7.274  2.291   1.00 13.95 ? 132 LYS A C     1 
ATOM   1038 O O     . LYS A 1 132 ? 5.042   -6.247  1.595   1.00 12.40 ? 132 LYS A O     1 
ATOM   1039 C CB    . LYS A 1 132 ? 7.049   -7.321  3.861   1.00 14.27 ? 132 LYS A CB    1 
ATOM   1040 C CG    . LYS A 1 132 ? 8.418   -7.965  4.071   1.00 14.95 ? 132 LYS A CG    1 
ATOM   1041 C CD    . LYS A 1 132 ? 8.826   -7.946  5.546   1.00 17.85 ? 132 LYS A CD    1 
ATOM   1042 C CE    . LYS A 1 132 ? 9.159   -6.502  6.003   1.00 18.47 ? 132 LYS A CE    1 
ATOM   1043 N NZ    . LYS A 1 132 ? 10.496  -6.180  5.433   1.00 18.71 ? 132 LYS A NZ    1 
ATOM   1044 N N     . LEU A 1 133 ? 4.092   -8.007  2.846   1.00 13.63 ? 133 LEU A N     1 
ATOM   1045 C CA    . LEU A 1 133 ? 2.703   -7.587  2.759   1.00 12.45 ? 133 LEU A CA    1 
ATOM   1046 C C     . LEU A 1 133 ? 2.282   -7.178  4.155   1.00 11.83 ? 133 LEU A C     1 
ATOM   1047 O O     . LEU A 1 133 ? 2.455   -8.055  4.971   1.00 10.41 ? 133 LEU A O     1 
ATOM   1048 C CB    . LEU A 1 133 ? 1.721   -8.702  2.384   1.00 13.87 ? 133 LEU A CB    1 
ATOM   1049 C CG    . LEU A 1 133 ? 1.607   -9.211  1.021   1.00 14.79 ? 133 LEU A CG    1 
ATOM   1050 C CD1   . LEU A 1 133 ? 2.877   -8.779  0.243   1.00 15.47 ? 133 LEU A CD1   1 
ATOM   1051 C CD2   . LEU A 1 133 ? 1.483   -10.686 0.827   1.00 15.12 ? 133 LEU A CD2   1 
ATOM   1052 N N     . PHE A 1 134 ? 1.739   -5.981  4.341   1.00 12.77 ? 134 PHE A N     1 
ATOM   1053 C CA    . PHE A 1 134 ? 1.264   -5.558  5.665   1.00 11.56 ? 134 PHE A CA    1 
ATOM   1054 C C     . PHE A 1 134 ? -0.206  -5.616  5.441   1.00 12.04 ? 134 PHE A C     1 
ATOM   1055 O O     . PHE A 1 134 ? -0.801  -4.777  4.773   1.00 13.11 ? 134 PHE A O     1 
ATOM   1056 C CB    . PHE A 1 134 ? 1.775   -4.163  6.025   1.00 10.79 ? 134 PHE A CB    1 
ATOM   1057 C CG    . PHE A 1 134 ? 3.242   -4.188  6.387   1.00 10.19 ? 134 PHE A CG    1 
ATOM   1058 C CD1   . PHE A 1 134 ? 4.244   -4.349  5.449   1.00 9.25  ? 134 PHE A CD1   1 
ATOM   1059 C CD2   . PHE A 1 134 ? 3.564   -3.999  7.784   1.00 10.09 ? 134 PHE A CD2   1 
ATOM   1060 C CE1   . PHE A 1 134 ? 5.587   -4.376  5.851   1.00 8.61  ? 134 PHE A CE1   1 
ATOM   1061 C CE2   . PHE A 1 134 ? 4.932   -4.053  8.151   1.00 9.28  ? 134 PHE A CE2   1 
ATOM   1062 C CZ    . PHE A 1 134 ? 5.947   -4.278  7.165   1.00 9.10  ? 134 PHE A CZ    1 
ATOM   1063 N N     . VAL A 1 135 ? -0.931  -6.558  5.937   1.00 13.21 ? 135 VAL A N     1 
ATOM   1064 C CA    . VAL A 1 135 ? -2.378  -6.781  5.772   1.00 12.47 ? 135 VAL A CA    1 
ATOM   1065 C C     . VAL A 1 135 ? -3.156  -6.415  7.027   1.00 12.83 ? 135 VAL A C     1 
ATOM   1066 O O     . VAL A 1 135 ? -2.706  -6.817  8.104   1.00 12.64 ? 135 VAL A O     1 
ATOM   1067 C CB    . VAL A 1 135 ? -2.565  -8.260  5.389   1.00 11.93 ? 135 VAL A CB    1 
ATOM   1068 C CG1   . VAL A 1 135 ? -4.021  -8.679  5.254   1.00 13.97 ? 135 VAL A CG1   1 
ATOM   1069 C CG2   . VAL A 1 135 ? -1.813  -8.547  4.145   1.00 11.11 ? 135 VAL A CG2   1 
ATOM   1070 N N     . THR A 1 136 ? -4.260  -5.689  6.820   1.00 11.54 ? 136 THR A N     1 
ATOM   1071 C CA    . THR A 1 136 ? -5.166  -5.325  7.876   1.00 10.34 ? 136 THR A CA    1 
ATOM   1072 C C     . THR A 1 136 ? -6.397  -6.188  7.651   1.00 12.15 ? 136 THR A C     1 
ATOM   1073 O O     . THR A 1 136 ? -7.111  -5.860  6.684   1.00 12.08 ? 136 THR A O     1 
ATOM   1074 C CB    . THR A 1 136 ? -5.538  -3.817  8.076   1.00 8.51  ? 136 THR A CB    1 
ATOM   1075 O OG1   . THR A 1 136 ? -4.334  -3.047  8.293   1.00 7.50  ? 136 THR A OG1   1 
ATOM   1076 C CG2   . THR A 1 136 ? -6.509  -3.742  9.235   1.00 7.16  ? 136 THR A CG2   1 
ATOM   1077 N N     . ARG A 1 137 ? -6.695  -7.230  8.433   1.00 13.83 ? 137 ARG A N     1 
ATOM   1078 C CA    . ARG A 1 137 ? -7.844  -8.063  8.219   1.00 15.72 ? 137 ARG A CA    1 
ATOM   1079 C C     . ARG A 1 137 ? -9.051  -7.538  8.949   1.00 16.75 ? 137 ARG A C     1 
ATOM   1080 O O     . ARG A 1 137 ? -8.917  -7.496  10.136  1.00 17.00 ? 137 ARG A O     1 
ATOM   1081 C CB    . ARG A 1 137 ? -7.687  -9.520  8.734   1.00 17.32 ? 137 ARG A CB    1 
ATOM   1082 C CG    . ARG A 1 137 ? -6.560  -10.126 7.915   1.00 18.50 ? 137 ARG A CG    1 
ATOM   1083 C CD    . ARG A 1 137 ? -6.967  -10.931 6.723   1.00 18.74 ? 137 ARG A CD    1 
ATOM   1084 N NE    . ARG A 1 137 ? -5.744  -11.791 6.495   1.00 19.83 ? 137 ARG A NE    1 
ATOM   1085 C CZ    . ARG A 1 137 ? -5.670  -12.473 5.321   1.00 19.92 ? 137 ARG A CZ    1 
ATOM   1086 N NH1   . ARG A 1 137 ? -6.747  -12.321 4.530   1.00 19.69 ? 137 ARG A NH1   1 
ATOM   1087 N NH2   . ARG A 1 137 ? -4.601  -13.182 4.947   1.00 19.21 ? 137 ARG A NH2   1 
ATOM   1088 N N     . ILE A 1 138 ? -10.088 -7.180  8.248   1.00 18.63 ? 138 ILE A N     1 
ATOM   1089 C CA    . ILE A 1 138 ? -11.354 -6.637  8.763   1.00 20.34 ? 138 ILE A CA    1 
ATOM   1090 C C     . ILE A 1 138 ? -12.155 -7.951  8.814   1.00 21.92 ? 138 ILE A C     1 
ATOM   1091 O O     . ILE A 1 138 ? -12.361 -8.567  7.756   1.00 20.49 ? 138 ILE A O     1 
ATOM   1092 C CB    . ILE A 1 138 ? -11.845 -5.455  7.909   1.00 20.81 ? 138 ILE A CB    1 
ATOM   1093 C CG1   . ILE A 1 138 ? -10.827 -4.275  8.175   1.00 20.39 ? 138 ILE A CG1   1 
ATOM   1094 C CG2   . ILE A 1 138 ? -13.301 -5.025  8.196   1.00 20.09 ? 138 ILE A CG2   1 
ATOM   1095 C CD1   . ILE A 1 138 ? -10.755 -3.314  7.007   1.00 21.26 ? 138 ILE A CD1   1 
ATOM   1096 N N     . MET A 1 139 ? -12.456 -8.196  10.108  1.00 23.20 ? 139 MET A N     1 
ATOM   1097 C CA    . MET A 1 139 ? -13.098 -9.454  10.446  1.00 25.16 ? 139 MET A CA    1 
ATOM   1098 C C     . MET A 1 139 ? -14.608 -9.457  10.238  1.00 25.51 ? 139 MET A C     1 
ATOM   1099 O O     . MET A 1 139 ? -15.338 -9.741  11.196  1.00 25.99 ? 139 MET A O     1 
ATOM   1100 C CB    . MET A 1 139 ? -12.590 -10.000 11.789  1.00 25.56 ? 139 MET A CB    1 
ATOM   1101 C CG    . MET A 1 139 ? -11.101 -10.388 11.788  1.00 26.74 ? 139 MET A CG    1 
ATOM   1102 S SD    . MET A 1 139 ? -10.536 -10.163 13.560  1.00 28.25 ? 139 MET A SD    1 
ATOM   1103 C CE    . MET A 1 139 ? -11.761 -11.327 14.221  1.00 26.26 ? 139 MET A CE    1 
ATOM   1104 N N     . GLN A 1 140 ? -15.020 -9.140  9.057   1.00 25.51 ? 140 GLN A N     1 
ATOM   1105 C CA    . GLN A 1 140 ? -16.387 -9.191  8.542   1.00 26.63 ? 140 GLN A CA    1 
ATOM   1106 C C     . GLN A 1 140 ? -16.471 -8.919  7.025   1.00 25.93 ? 140 GLN A C     1 
ATOM   1107 O O     . GLN A 1 140 ? -15.564 -8.420  6.401   1.00 25.00 ? 140 GLN A O     1 
ATOM   1108 C CB    . GLN A 1 140 ? -17.438 -8.362  9.213   1.00 28.08 ? 140 GLN A CB    1 
ATOM   1109 C CG    . GLN A 1 140 ? -16.723 -7.179  9.876   1.00 31.11 ? 140 GLN A CG    1 
ATOM   1110 C CD    . GLN A 1 140 ? -17.986 -6.441  10.320  1.00 32.35 ? 140 GLN A CD    1 
ATOM   1111 O OE1   . GLN A 1 140 ? -18.754 -6.362  9.388   1.00 33.05 ? 140 GLN A OE1   1 
ATOM   1112 N NE2   . GLN A 1 140 ? -17.906 -6.206  11.615  1.00 33.90 ? 140 GLN A NE2   1 
ATOM   1113 N N     . ASP A 1 141 ? -17.641 -9.305  6.519   1.00 26.01 ? 141 ASP A N     1 
ATOM   1114 C CA    . ASP A 1 141 ? -18.027 -9.213  5.116   1.00 25.54 ? 141 ASP A CA    1 
ATOM   1115 C C     . ASP A 1 141 ? -18.619 -7.837  4.834   1.00 23.76 ? 141 ASP A C     1 
ATOM   1116 O O     . ASP A 1 141 ? -19.460 -7.401  5.601   1.00 24.05 ? 141 ASP A O     1 
ATOM   1117 C CB    . ASP A 1 141 ? -19.040 -10.283 4.634   1.00 26.76 ? 141 ASP A CB    1 
ATOM   1118 C CG    . ASP A 1 141 ? -18.399 -11.640 4.575   1.00 28.27 ? 141 ASP A CG    1 
ATOM   1119 O OD1   . ASP A 1 141 ? -17.225 -11.891 4.899   1.00 28.12 ? 141 ASP A OD1   1 
ATOM   1120 O OD2   . ASP A 1 141 ? -19.154 -12.590 4.180   1.00 30.78 ? 141 ASP A OD2   1 
ATOM   1121 N N     . PHE A 1 142 ? -18.154 -7.308  3.736   1.00 21.71 ? 142 PHE A N     1 
ATOM   1122 C CA    . PHE A 1 142 ? -18.527 -5.988  3.219   1.00 19.96 ? 142 PHE A CA    1 
ATOM   1123 C C     . PHE A 1 142 ? -18.673 -6.140  1.709   1.00 20.00 ? 142 PHE A C     1 
ATOM   1124 O O     . PHE A 1 142 ? -17.741 -6.684  1.112   1.00 21.69 ? 142 PHE A O     1 
ATOM   1125 C CB    . PHE A 1 142 ? -17.530 -4.921  3.604   1.00 18.81 ? 142 PHE A CB    1 
ATOM   1126 C CG    . PHE A 1 142 ? -17.612 -4.526  5.047   1.00 18.54 ? 142 PHE A CG    1 
ATOM   1127 C CD1   . PHE A 1 142 ? -18.606 -3.652  5.452   1.00 18.45 ? 142 PHE A CD1   1 
ATOM   1128 C CD2   . PHE A 1 142 ? -16.692 -4.978  5.968   1.00 17.99 ? 142 PHE A CD2   1 
ATOM   1129 C CE1   . PHE A 1 142 ? -18.644 -3.252  6.802   1.00 19.54 ? 142 PHE A CE1   1 
ATOM   1130 C CE2   . PHE A 1 142 ? -16.759 -4.550  7.294   1.00 17.92 ? 142 PHE A CE2   1 
ATOM   1131 C CZ    . PHE A 1 142 ? -17.757 -3.720  7.778   1.00 17.75 ? 142 PHE A CZ    1 
ATOM   1132 N N     . GLU A 1 143 ? -19.756 -5.640  1.169   1.00 20.21 ? 143 GLU A N     1 
ATOM   1133 C CA    . GLU A 1 143 ? -20.069 -5.694  -0.281  1.00 19.91 ? 143 GLU A CA    1 
ATOM   1134 C C     . GLU A 1 143 ? -18.895 -4.937  -0.938  1.00 18.59 ? 143 GLU A C     1 
ATOM   1135 O O     . GLU A 1 143 ? -18.547 -3.855  -0.431  1.00 18.76 ? 143 GLU A O     1 
ATOM   1136 C CB    . GLU A 1 143 ? -21.412 -5.136  -0.604  1.00 20.11 ? 143 GLU A CB    1 
ATOM   1137 C CG    . GLU A 1 143 ? -21.852 -4.928  -2.022  1.00 21.42 ? 143 GLU A CG    1 
ATOM   1138 C CD    . GLU A 1 143 ? -23.237 -4.347  -2.192  1.00 22.43 ? 143 GLU A CD    1 
ATOM   1139 O OE1   . GLU A 1 143 ? -24.032 -4.674  -3.048  1.00 23.89 ? 143 GLU A OE1   1 
ATOM   1140 O OE2   . GLU A 1 143 ? -23.472 -3.427  -1.395  1.00 21.47 ? 143 GLU A OE2   1 
ATOM   1141 N N     . SER A 1 144 ? -18.382 -5.544  -1.967  1.00 16.80 ? 144 SER A N     1 
ATOM   1142 C CA    . SER A 1 144 ? -17.198 -4.998  -2.633  1.00 16.96 ? 144 SER A CA    1 
ATOM   1143 C C     . SER A 1 144 ? -17.293 -5.136  -4.116  1.00 16.79 ? 144 SER A C     1 
ATOM   1144 O O     . SER A 1 144 ? -18.181 -5.849  -4.540  1.00 18.31 ? 144 SER A O     1 
ATOM   1145 C CB    . SER A 1 144 ? -15.952 -5.732  -2.040  1.00 15.22 ? 144 SER A CB    1 
ATOM   1146 O OG    . SER A 1 144 ? -15.796 -5.213  -0.709  1.00 15.16 ? 144 SER A OG    1 
ATOM   1147 N N     . ASP A 1 145 ? -16.382 -4.537  -4.840  1.00 17.48 ? 145 ASP A N     1 
ATOM   1148 C CA    . ASP A 1 145 ? -16.536 -4.705  -6.354  1.00 18.14 ? 145 ASP A CA    1 
ATOM   1149 C C     . ASP A 1 145 ? -15.131 -4.969  -6.826  1.00 18.81 ? 145 ASP A C     1 
ATOM   1150 O O     . ASP A 1 145 ? -14.968 -5.395  -7.969  1.00 19.62 ? 145 ASP A O     1 
ATOM   1151 C CB    . ASP A 1 145 ? -17.414 -3.580  -6.835  1.00 17.90 ? 145 ASP A CB    1 
ATOM   1152 C CG    . ASP A 1 145 ? -16.675 -2.271  -6.925  1.00 18.06 ? 145 ASP A CG    1 
ATOM   1153 O OD1   . ASP A 1 145 ? -15.508 -2.122  -6.609  1.00 17.63 ? 145 ASP A OD1   1 
ATOM   1154 O OD2   . ASP A 1 145 ? -17.342 -1.328  -7.371  1.00 19.01 ? 145 ASP A OD2   1 
ATOM   1155 N N     . THR A 1 146 ? -14.177 -4.763  -5.894  1.00 18.43 ? 146 THR A N     1 
ATOM   1156 C CA    . THR A 1 146 ? -12.735 -4.989  -6.155  1.00 17.75 ? 146 THR A CA    1 
ATOM   1157 C C     . THR A 1 146 ? -12.115 -5.761  -4.967  1.00 17.83 ? 146 THR A C     1 
ATOM   1158 O O     . THR A 1 146 ? -12.448 -5.515  -3.786  1.00 17.05 ? 146 THR A O     1 
ATOM   1159 C CB    . THR A 1 146 ? -12.058 -3.573  -6.397  1.00 17.25 ? 146 THR A CB    1 
ATOM   1160 O OG1   . THR A 1 146 ? -10.636 -3.850  -6.607  1.00 18.35 ? 146 THR A OG1   1 
ATOM   1161 C CG2   . THR A 1 146 ? -12.302 -2.499  -5.413  1.00 15.74 ? 146 THR A CG2   1 
ATOM   1162 N N     . PHE A 1 147 ? -11.248 -6.716  -5.219  1.00 18.15 ? 147 PHE A N     1 
ATOM   1163 C CA    . PHE A 1 147 ? -10.552 -7.601  -4.299  1.00 18.69 ? 147 PHE A CA    1 
ATOM   1164 C C     . PHE A 1 147 ? -9.043  -7.714  -4.280  1.00 18.62 ? 147 PHE A C     1 
ATOM   1165 O O     . PHE A 1 147 ? -8.354  -7.541  -5.286  1.00 19.74 ? 147 PHE A O     1 
ATOM   1166 C CB    . PHE A 1 147 ? -11.077 -9.025  -4.692  1.00 19.53 ? 147 PHE A CB    1 
ATOM   1167 C CG    . PHE A 1 147 ? -12.573 -9.031  -4.537  1.00 19.17 ? 147 PHE A CG    1 
ATOM   1168 C CD1   . PHE A 1 147 ? -13.366 -8.719  -5.635  1.00 20.17 ? 147 PHE A CD1   1 
ATOM   1169 C CD2   . PHE A 1 147 ? -13.166 -9.307  -3.340  1.00 19.84 ? 147 PHE A CD2   1 
ATOM   1170 C CE1   . PHE A 1 147 ? -14.747 -8.671  -5.521  1.00 20.36 ? 147 PHE A CE1   1 
ATOM   1171 C CE2   . PHE A 1 147 ? -14.550 -9.295  -3.149  1.00 19.61 ? 147 PHE A CE2   1 
ATOM   1172 C CZ    . PHE A 1 147 ? -15.304 -8.957  -4.259  1.00 20.10 ? 147 PHE A CZ    1 
ATOM   1173 N N     . PHE A 1 148 ? -8.459  -8.105  -3.153  1.00 18.09 ? 148 PHE A N     1 
ATOM   1174 C CA    . PHE A 1 148 ? -7.002  -8.310  -3.054  1.00 18.03 ? 148 PHE A CA    1 
ATOM   1175 C C     . PHE A 1 148 ? -6.765  -9.707  -3.678  1.00 18.09 ? 148 PHE A C     1 
ATOM   1176 O O     . PHE A 1 148 ? -7.705  -10.479 -3.438  1.00 18.52 ? 148 PHE A O     1 
ATOM   1177 C CB    . PHE A 1 148 ? -6.665  -8.326  -1.549  1.00 17.57 ? 148 PHE A CB    1 
ATOM   1178 C CG    . PHE A 1 148 ? -5.189  -8.185  -1.373  1.00 16.69 ? 148 PHE A CG    1 
ATOM   1179 C CD1   . PHE A 1 148 ? -4.574  -7.016  -1.750  1.00 16.91 ? 148 PHE A CD1   1 
ATOM   1180 C CD2   . PHE A 1 148 ? -4.414  -9.175  -0.833  1.00 17.78 ? 148 PHE A CD2   1 
ATOM   1181 C CE1   . PHE A 1 148 ? -3.209  -6.835  -1.638  1.00 16.94 ? 148 PHE A CE1   1 
ATOM   1182 C CE2   . PHE A 1 148 ? -3.012  -9.071  -0.723  1.00 17.03 ? 148 PHE A CE2   1 
ATOM   1183 C CZ    . PHE A 1 148 ? -2.446  -7.850  -1.113  1.00 16.77 ? 148 PHE A CZ    1 
ATOM   1184 N N     . PRO A 1 149 ? -5.680  -9.994  -4.305  1.00 17.67 ? 149 PRO A N     1 
ATOM   1185 C CA    . PRO A 1 149 ? -5.457  -11.305 -4.887  1.00 19.75 ? 149 PRO A CA    1 
ATOM   1186 C C     . PRO A 1 149 ? -5.168  -12.236 -3.709  1.00 21.59 ? 149 PRO A C     1 
ATOM   1187 O O     . PRO A 1 149 ? -4.972  -11.828 -2.532  1.00 20.96 ? 149 PRO A O     1 
ATOM   1188 C CB    . PRO A 1 149 ? -4.446  -11.080 -6.008  1.00 19.10 ? 149 PRO A CB    1 
ATOM   1189 C CG    . PRO A 1 149 ? -3.700  -9.800  -5.646  1.00 18.25 ? 149 PRO A CG    1 
ATOM   1190 C CD    . PRO A 1 149 ? -4.552  -9.128  -4.597  1.00 18.49 ? 149 PRO A CD    1 
ATOM   1191 N N     . GLU A 1 150 ? -5.249  -13.514 -4.020  1.00 23.32 ? 150 GLU A N     1 
ATOM   1192 C CA    . GLU A 1 150 ? -5.060  -14.673 -3.124  1.00 24.74 ? 150 GLU A CA    1 
ATOM   1193 C C     . GLU A 1 150 ? -3.596  -14.702 -2.719  1.00 24.64 ? 150 GLU A C     1 
ATOM   1194 O O     . GLU A 1 150 ? -2.702  -14.615 -3.658  1.00 24.07 ? 150 GLU A O     1 
ATOM   1195 C CB    . GLU A 1 150 ? -5.433  -15.937 -3.931  1.00 27.54 ? 150 GLU A CB    1 
ATOM   1196 C CG    . GLU A 1 150 ? -4.875  -17.313 -3.667  1.00 30.85 ? 150 GLU A CG    1 
ATOM   1197 C CD    . GLU A 1 150 ? -4.869  -18.451 -4.650  1.00 33.69 ? 150 GLU A CD    1 
ATOM   1198 O OE1   . GLU A 1 150 ? -4.798  -19.688 -4.300  1.00 35.59 ? 150 GLU A OE1   1 
ATOM   1199 O OE2   . GLU A 1 150 ? -4.912  -18.147 -5.887  1.00 33.50 ? 150 GLU A OE2   1 
ATOM   1200 N N     . ILE A 1 151 ? -3.397  -14.797 -1.390  1.00 23.11 ? 151 ILE A N     1 
ATOM   1201 C CA    . ILE A 1 151 ? -2.001  -14.856 -0.866  1.00 21.93 ? 151 ILE A CA    1 
ATOM   1202 C C     . ILE A 1 151 ? -1.553  -16.296 -0.920  1.00 22.33 ? 151 ILE A C     1 
ATOM   1203 O O     . ILE A 1 151 ? -2.296  -17.171 -0.422  1.00 22.82 ? 151 ILE A O     1 
ATOM   1204 C CB    . ILE A 1 151 ? -1.877  -14.272 0.567   1.00 21.46 ? 151 ILE A CB    1 
ATOM   1205 C CG1   . ILE A 1 151 ? -2.379  -12.791 0.569   1.00 20.77 ? 151 ILE A CG1   1 
ATOM   1206 C CG2   . ILE A 1 151 ? -0.447  -14.323 1.180   1.00 20.94 ? 151 ILE A CG2   1 
ATOM   1207 C CD1   . ILE A 1 151 ? -2.476  -12.188 2.001   1.00 20.49 ? 151 ILE A CD1   1 
ATOM   1208 N N     . ASP A 1 152 ? -0.416  -16.603 -1.473  1.00 23.03 ? 152 ASP A N     1 
ATOM   1209 C CA    . ASP A 1 152 ? 0.119   -17.996 -1.573  1.00 23.39 ? 152 ASP A CA    1 
ATOM   1210 C C     . ASP A 1 152 ? 1.010   -18.303 -0.391  1.00 21.48 ? 152 ASP A C     1 
ATOM   1211 O O     . ASP A 1 152 ? 2.138   -17.814 -0.244  1.00 21.60 ? 152 ASP A O     1 
ATOM   1212 C CB    . ASP A 1 152 ? 0.693   -18.117 -2.997  1.00 24.37 ? 152 ASP A CB    1 
ATOM   1213 C CG    . ASP A 1 152 ? 1.297   -19.444 -3.292  1.00 25.23 ? 152 ASP A CG    1 
ATOM   1214 O OD1   . ASP A 1 152 ? 2.002   -19.680 -4.282  1.00 26.92 ? 152 ASP A OD1   1 
ATOM   1215 O OD2   . ASP A 1 152 ? 1.155   -20.386 -2.511  1.00 25.70 ? 152 ASP A OD2   1 
ATOM   1216 N N     . LEU A 1 153 ? 0.465   -19.091 0.528   1.00 21.53 ? 153 LEU A N     1 
ATOM   1217 C CA    . LEU A 1 153 ? 1.173   -19.485 1.800   1.00 20.90 ? 153 LEU A CA    1 
ATOM   1218 C C     . LEU A 1 153 ? 2.368   -20.384 1.604   1.00 20.28 ? 153 LEU A C     1 
ATOM   1219 O O     . LEU A 1 153 ? 3.229   -20.540 2.491   1.00 20.12 ? 153 LEU A O     1 
ATOM   1220 C CB    . LEU A 1 153 ? 0.097   -19.927 2.785   1.00 20.73 ? 153 LEU A CB    1 
ATOM   1221 C CG    . LEU A 1 153 ? -0.948  -18.876 3.137   1.00 21.19 ? 153 LEU A CG    1 
ATOM   1222 C CD1   . LEU A 1 153 ? -1.842  -19.442 4.225   1.00 20.94 ? 153 LEU A CD1   1 
ATOM   1223 C CD2   . LEU A 1 153 ? -0.254  -17.581 3.518   1.00 19.92 ? 153 LEU A CD2   1 
ATOM   1224 N N     . GLU A 1 154 ? 2.501   -20.926 0.430   1.00 21.03 ? 154 GLU A N     1 
ATOM   1225 C CA    . GLU A 1 154 ? 3.633   -21.783 0.032   1.00 22.04 ? 154 GLU A CA    1 
ATOM   1226 C C     . GLU A 1 154 ? 4.736   -20.800 -0.339  1.00 22.15 ? 154 GLU A C     1 
ATOM   1227 O O     . GLU A 1 154 ? 5.895   -21.140 -0.371  1.00 22.84 ? 154 GLU A O     1 
ATOM   1228 C CB    . GLU A 1 154 ? 3.482   -22.635 -1.198  1.00 23.50 ? 154 GLU A CB    1 
ATOM   1229 C CG    . GLU A 1 154 ? 2.303   -23.555 -1.339  1.00 25.62 ? 154 GLU A CG    1 
ATOM   1230 C CD    . GLU A 1 154 ? 2.453   -24.975 -0.843  1.00 27.46 ? 154 GLU A CD    1 
ATOM   1231 O OE1   . GLU A 1 154 ? 1.702   -25.860 -1.267  1.00 28.66 ? 154 GLU A OE1   1 
ATOM   1232 O OE2   . GLU A 1 154 ? 3.415   -25.120 -0.042  1.00 27.51 ? 154 GLU A OE2   1 
ATOM   1233 N N     . LYS A 1 155 ? 4.374   -19.561 -0.563  1.00 21.85 ? 155 LYS A N     1 
ATOM   1234 C CA    . LYS A 1 155 ? 5.359   -18.541 -0.867  1.00 22.28 ? 155 LYS A CA    1 
ATOM   1235 C C     . LYS A 1 155 ? 5.584   -17.499 0.222   1.00 21.20 ? 155 LYS A C     1 
ATOM   1236 O O     . LYS A 1 155 ? 6.706   -17.042 0.419   1.00 20.06 ? 155 LYS A O     1 
ATOM   1237 C CB    . LYS A 1 155 ? 4.907   -17.811 -2.124  1.00 23.49 ? 155 LYS A CB    1 
ATOM   1238 C CG    . LYS A 1 155 ? 5.937   -17.973 -3.221  1.00 25.31 ? 155 LYS A CG    1 
ATOM   1239 C CD    . LYS A 1 155 ? 5.283   -17.149 -4.373  1.00 27.25 ? 155 LYS A CD    1 
ATOM   1240 C CE    . LYS A 1 155 ? 4.039   -17.986 -4.721  1.00 28.12 ? 155 LYS A CE    1 
ATOM   1241 N NZ    . LYS A 1 155 ? 3.501   -17.627 -6.100  1.00 29.90 ? 155 LYS A NZ    1 
ATOM   1242 N N     . TYR A 1 156 ? 4.522   -17.001 0.842   1.00 20.98 ? 156 TYR A N     1 
ATOM   1243 C CA    . TYR A 1 156 ? 4.655   -15.985 1.885   1.00 19.81 ? 156 TYR A CA    1 
ATOM   1244 C C     . TYR A 1 156 ? 4.402   -16.623 3.247   1.00 20.27 ? 156 TYR A C     1 
ATOM   1245 O O     . TYR A 1 156 ? 3.401   -17.361 3.485   1.00 20.19 ? 156 TYR A O     1 
ATOM   1246 C CB    . TYR A 1 156 ? 3.560   -14.984 1.631   1.00 20.32 ? 156 TYR A CB    1 
ATOM   1247 C CG    . TYR A 1 156 ? 3.729   -14.090 0.406   1.00 21.11 ? 156 TYR A CG    1 
ATOM   1248 C CD1   . TYR A 1 156 ? 3.236   -14.514 -0.817  1.00 21.31 ? 156 TYR A CD1   1 
ATOM   1249 C CD2   . TYR A 1 156 ? 4.283   -12.819 0.513   1.00 20.93 ? 156 TYR A CD2   1 
ATOM   1250 C CE1   . TYR A 1 156 ? 3.399   -13.713 -1.952  1.00 21.58 ? 156 TYR A CE1   1 
ATOM   1251 C CE2   . TYR A 1 156 ? 4.430   -12.009 -0.612  1.00 21.41 ? 156 TYR A CE2   1 
ATOM   1252 C CZ    . TYR A 1 156 ? 3.963   -12.482 -1.816  1.00 21.41 ? 156 TYR A CZ    1 
ATOM   1253 O OH    . TYR A 1 156 ? 4.100   -11.713 -2.929  1.00 23.49 ? 156 TYR A OH    1 
ATOM   1254 N N     . LYS A 1 157 ? 5.219   -16.263 4.190   1.00 20.71 ? 157 LYS A N     1 
ATOM   1255 C CA    . LYS A 1 157 ? 5.077   -16.711 5.580   1.00 21.36 ? 157 LYS A CA    1 
ATOM   1256 C C     . LYS A 1 157 ? 4.493   -15.579 6.403   1.00 19.65 ? 157 LYS A C     1 
ATOM   1257 O O     . LYS A 1 157 ? 4.987   -14.448 6.288   1.00 20.45 ? 157 LYS A O     1 
ATOM   1258 C CB    . LYS A 1 157 ? 6.427   -17.165 6.172   1.00 23.70 ? 157 LYS A CB    1 
ATOM   1259 C CG    . LYS A 1 157 ? 6.862   -18.295 5.169   1.00 27.75 ? 157 LYS A CG    1 
ATOM   1260 C CD    . LYS A 1 157 ? 7.226   -19.561 5.983   1.00 30.70 ? 157 LYS A CD    1 
ATOM   1261 C CE    . LYS A 1 157 ? 7.260   -20.880 5.238   1.00 32.00 ? 157 LYS A CE    1 
ATOM   1262 N NZ    . LYS A 1 157 ? 6.853   -22.029 6.152   1.00 33.85 ? 157 LYS A NZ    1 
ATOM   1263 N N     . LEU A 1 158 ? 3.512   -15.891 7.172   1.00 18.01 ? 158 LEU A N     1 
ATOM   1264 C CA    . LEU A 1 158 ? 2.861   -14.993 8.112   1.00 17.72 ? 158 LEU A CA    1 
ATOM   1265 C C     . LEU A 1 158 ? 3.905   -14.828 9.220   1.00 17.62 ? 158 LEU A C     1 
ATOM   1266 O O     . LEU A 1 158 ? 4.268   -15.937 9.659   1.00 18.10 ? 158 LEU A O     1 
ATOM   1267 C CB    . LEU A 1 158 ? 1.611   -15.773 8.575   1.00 16.22 ? 158 LEU A CB    1 
ATOM   1268 C CG    . LEU A 1 158 ? 0.821   -15.011 9.652   1.00 16.36 ? 158 LEU A CG    1 
ATOM   1269 C CD1   . LEU A 1 158 ? 0.614   -13.553 9.338   1.00 14.85 ? 158 LEU A CD1   1 
ATOM   1270 C CD2   . LEU A 1 158 ? -0.541  -15.681 9.778   1.00 15.91 ? 158 LEU A CD2   1 
ATOM   1271 N N     . LEU A 1 159 ? 4.384   -13.668 9.634   1.00 18.11 ? 159 LEU A N     1 
ATOM   1272 C CA    . LEU A 1 159 ? 5.422   -13.604 10.719  1.00 17.82 ? 159 LEU A CA    1 
ATOM   1273 C C     . LEU A 1 159 ? 4.734   -13.764 12.042  1.00 17.73 ? 159 LEU A C     1 
ATOM   1274 O O     . LEU A 1 159 ? 3.636   -13.203 12.173  1.00 15.98 ? 159 LEU A O     1 
ATOM   1275 C CB    . LEU A 1 159 ? 6.142   -12.237 10.532  1.00 18.07 ? 159 LEU A CB    1 
ATOM   1276 C CG    . LEU A 1 159 ? 6.950   -11.972 9.279   1.00 17.97 ? 159 LEU A CG    1 
ATOM   1277 C CD1   . LEU A 1 159 ? 7.705   -10.648 9.264   1.00 17.63 ? 159 LEU A CD1   1 
ATOM   1278 C CD2   . LEU A 1 159 ? 7.941   -13.132 9.025   1.00 18.17 ? 159 LEU A CD2   1 
ATOM   1279 N N     . PRO A 1 160 ? 5.329   -14.420 13.043  1.00 18.96 ? 160 PRO A N     1 
ATOM   1280 C CA    . PRO A 1 160 ? 4.683   -14.561 14.406  1.00 18.68 ? 160 PRO A CA    1 
ATOM   1281 C C     . PRO A 1 160 ? 4.426   -13.231 15.078  1.00 18.67 ? 160 PRO A C     1 
ATOM   1282 O O     . PRO A 1 160 ? 3.555   -12.941 15.945  1.00 19.15 ? 160 PRO A O     1 
ATOM   1283 C CB    . PRO A 1 160 ? 5.584   -15.556 15.098  1.00 19.26 ? 160 PRO A CB    1 
ATOM   1284 C CG    . PRO A 1 160 ? 6.971   -15.162 14.511  1.00 19.66 ? 160 PRO A CG    1 
ATOM   1285 C CD    . PRO A 1 160 ? 6.661   -15.034 12.997  1.00 19.16 ? 160 PRO A CD    1 
ATOM   1286 N N     . GLU A 1 161 ? 5.205   -12.248 14.662  1.00 18.29 ? 161 GLU A N     1 
ATOM   1287 C CA    . GLU A 1 161 ? 5.114   -10.870 15.089  1.00 19.09 ? 161 GLU A CA    1 
ATOM   1288 C C     . GLU A 1 161 ? 6.135   -10.022 14.324  1.00 17.76 ? 161 GLU A C     1 
ATOM   1289 O O     . GLU A 1 161 ? 7.084   -10.476 13.685  1.00 16.42 ? 161 GLU A O     1 
ATOM   1290 C CB    . GLU A 1 161 ? 5.395   -10.638 16.567  1.00 22.04 ? 161 GLU A CB    1 
ATOM   1291 C CG    . GLU A 1 161 ? 6.877   -10.814 16.888  1.00 25.75 ? 161 GLU A CG    1 
ATOM   1292 C CD    . GLU A 1 161 ? 7.196   -11.216 18.310  1.00 28.93 ? 161 GLU A CD    1 
ATOM   1293 O OE1   . GLU A 1 161 ? 6.735   -10.658 19.315  1.00 29.76 ? 161 GLU A OE1   1 
ATOM   1294 O OE2   . GLU A 1 161 ? 8.067   -12.172 18.218  1.00 30.81 ? 161 GLU A OE2   1 
ATOM   1295 N N     . TYR A 1 162 ? 5.857   -8.747  14.470  1.00 16.97 ? 162 TYR A N     1 
ATOM   1296 C CA    . TYR A 1 162 ? 6.609   -7.674  13.857  1.00 17.13 ? 162 TYR A CA    1 
ATOM   1297 C C     . TYR A 1 162 ? 6.672   -6.401  14.708  1.00 17.26 ? 162 TYR A C     1 
ATOM   1298 O O     . TYR A 1 162 ? 5.594   -6.031  15.082  1.00 17.14 ? 162 TYR A O     1 
ATOM   1299 C CB    . TYR A 1 162 ? 5.828   -7.321  12.494  1.00 15.50 ? 162 TYR A CB    1 
ATOM   1300 C CG    . TYR A 1 162 ? 6.933   -6.789  11.554  1.00 14.85 ? 162 TYR A CG    1 
ATOM   1301 C CD1   . TYR A 1 162 ? 7.866   -7.610  10.908  1.00 14.75 ? 162 TYR A CD1   1 
ATOM   1302 C CD2   . TYR A 1 162 ? 7.019   -5.416  11.422  1.00 14.33 ? 162 TYR A CD2   1 
ATOM   1303 C CE1   . TYR A 1 162 ? 8.867   -7.036  10.090  1.00 14.80 ? 162 TYR A CE1   1 
ATOM   1304 C CE2   . TYR A 1 162 ? 8.003   -4.851  10.661  1.00 14.68 ? 162 TYR A CE2   1 
ATOM   1305 C CZ    . TYR A 1 162 ? 8.918   -5.666  10.024  1.00 14.92 ? 162 TYR A CZ    1 
ATOM   1306 O OH    . TYR A 1 162 ? 9.817   -4.933  9.262   1.00 17.78 ? 162 TYR A OH    1 
ATOM   1307 N N     . PRO A 1 163 ? 7.820   -5.839  14.974  1.00 18.22 ? 163 PRO A N     1 
ATOM   1308 C CA    . PRO A 1 163 ? 7.959   -4.623  15.764  1.00 19.46 ? 163 PRO A CA    1 
ATOM   1309 C C     . PRO A 1 163 ? 7.205   -3.389  15.311  1.00 20.80 ? 163 PRO A C     1 
ATOM   1310 O O     . PRO A 1 163 ? 7.292   -2.977  14.146  1.00 21.36 ? 163 PRO A O     1 
ATOM   1311 C CB    . PRO A 1 163 ? 9.473   -4.374  15.761  1.00 19.15 ? 163 PRO A CB    1 
ATOM   1312 C CG    . PRO A 1 163 ? 10.046  -5.185  14.629  1.00 18.31 ? 163 PRO A CG    1 
ATOM   1313 C CD    . PRO A 1 163 ? 9.143   -6.412  14.547  1.00 17.92 ? 163 PRO A CD    1 
ATOM   1314 N N     . GLY A 1 164 ? 6.381   -2.786  16.169  1.00 21.66 ? 164 GLY A N     1 
ATOM   1315 C CA    . GLY A 1 164 ? 5.588   -1.580  15.800  1.00 21.95 ? 164 GLY A CA    1 
ATOM   1316 C C     . GLY A 1 164 ? 4.202   -1.886  15.252  1.00 22.44 ? 164 GLY A C     1 
ATOM   1317 O O     . GLY A 1 164 ? 3.397   -1.028  14.735  1.00 24.12 ? 164 GLY A O     1 
ATOM   1318 N N     . VAL A 1 165 ? 3.862   -3.162  15.284  1.00 21.41 ? 165 VAL A N     1 
ATOM   1319 C CA    . VAL A 1 165 ? 2.538   -3.613  14.791  1.00 19.57 ? 165 VAL A CA    1 
ATOM   1320 C C     . VAL A 1 165 ? 1.805   -4.342  15.905  1.00 20.12 ? 165 VAL A C     1 
ATOM   1321 O O     . VAL A 1 165 ? 2.350   -5.416  16.222  1.00 19.71 ? 165 VAL A O     1 
ATOM   1322 C CB    . VAL A 1 165 ? 2.749   -4.565  13.575  1.00 17.96 ? 165 VAL A CB    1 
ATOM   1323 C CG1   . VAL A 1 165 ? 1.456   -5.292  13.150  1.00 16.37 ? 165 VAL A CG1   1 
ATOM   1324 C CG2   . VAL A 1 165 ? 3.486   -3.900  12.434  1.00 15.30 ? 165 VAL A CG2   1 
ATOM   1325 N N     . LEU A 1 166 ? 0.713   -3.809  16.402  1.00 21.37 ? 166 LEU A N     1 
ATOM   1326 C CA    . LEU A 1 166 ? -0.022  -4.560  17.442  1.00 22.74 ? 166 LEU A CA    1 
ATOM   1327 C C     . LEU A 1 166 ? -0.423  -5.944  16.890  1.00 22.32 ? 166 LEU A C     1 
ATOM   1328 O O     . LEU A 1 166 ? -0.858  -6.077  15.755  1.00 20.61 ? 166 LEU A O     1 
ATOM   1329 C CB    . LEU A 1 166 ? -1.301  -3.793  17.747  1.00 24.11 ? 166 LEU A CB    1 
ATOM   1330 C CG    . LEU A 1 166 ? -1.290  -2.514  18.586  1.00 25.56 ? 166 LEU A CG    1 
ATOM   1331 C CD1   . LEU A 1 166 ? -0.113  -2.403  19.572  1.00 24.94 ? 166 LEU A CD1   1 
ATOM   1332 C CD2   . LEU A 1 166 ? -1.340  -1.326  17.679  1.00 25.29 ? 166 LEU A CD2   1 
ATOM   1333 N N     . SER A 1 167 ? -0.326  -6.963  17.745  1.00 22.55 ? 167 SER A N     1 
ATOM   1334 C CA    . SER A 1 167 ? -0.628  -8.354  17.513  1.00 22.83 ? 167 SER A CA    1 
ATOM   1335 C C     . SER A 1 167 ? -2.048  -8.830  17.875  1.00 23.06 ? 167 SER A C     1 
ATOM   1336 O O     . SER A 1 167 ? -2.471  -9.931  17.466  1.00 21.76 ? 167 SER A O     1 
ATOM   1337 C CB    . SER A 1 167 ? 0.340   -9.234  18.322  1.00 22.89 ? 167 SER A CB    1 
ATOM   1338 O OG    . SER A 1 167 ? 1.607   -9.412  17.694  1.00 23.92 ? 167 SER A OG    1 
ATOM   1339 N N     . ASP A 1 168 ? -2.762  -7.975  18.580  1.00 24.24 ? 168 ASP A N     1 
ATOM   1340 C CA    . ASP A 1 168 ? -4.111  -8.384  19.059  1.00 25.71 ? 168 ASP A CA    1 
ATOM   1341 C C     . ASP A 1 168 ? -5.217  -7.746  18.278  1.00 25.66 ? 168 ASP A C     1 
ATOM   1342 O O     . ASP A 1 168 ? -4.917  -6.880  17.443  1.00 26.82 ? 168 ASP A O     1 
ATOM   1343 C CB    . ASP A 1 168 ? -3.994  -8.127  20.566  1.00 27.17 ? 168 ASP A CB    1 
ATOM   1344 C CG    . ASP A 1 168 ? -4.088  -6.693  20.970  1.00 28.56 ? 168 ASP A CG    1 
ATOM   1345 O OD1   . ASP A 1 168 ? -4.829  -6.406  21.938  1.00 29.75 ? 168 ASP A OD1   1 
ATOM   1346 O OD2   . ASP A 1 168 ? -3.494  -5.803  20.342  1.00 29.51 ? 168 ASP A OD2   1 
ATOM   1347 N N     . VAL A 1 169 ? -6.438  -8.190  18.481  1.00 25.29 ? 169 VAL A N     1 
ATOM   1348 C CA    . VAL A 1 169 ? -7.649  -7.736  17.789  1.00 24.03 ? 169 VAL A CA    1 
ATOM   1349 C C     . VAL A 1 169 ? -7.954  -6.301  18.144  1.00 24.84 ? 169 VAL A C     1 
ATOM   1350 O O     . VAL A 1 169 ? -7.783  -5.933  19.287  1.00 24.43 ? 169 VAL A O     1 
ATOM   1351 C CB    . VAL A 1 169 ? -8.744  -8.777  17.900  1.00 22.71 ? 169 VAL A CB    1 
ATOM   1352 C CG1   . VAL A 1 169 ? -10.054 -8.422  17.195  1.00 21.82 ? 169 VAL A CG1   1 
ATOM   1353 C CG2   . VAL A 1 169 ? -8.132  -10.014 17.331  1.00 22.37 ? 169 VAL A CG2   1 
ATOM   1354 N N     . GLN A 1 170 ? -8.299  -5.502  17.125  1.00 25.35 ? 170 GLN A N     1 
ATOM   1355 C CA    . GLN A 1 170 ? -8.532  -4.074  17.387  1.00 25.34 ? 170 GLN A CA    1 
ATOM   1356 C C     . GLN A 1 170 ? -10.036 -3.924  17.184  1.00 25.95 ? 170 GLN A C     1 
ATOM   1357 O O     . GLN A 1 170 ? -10.608 -4.842  16.633  1.00 26.06 ? 170 GLN A O     1 
ATOM   1358 C CB    . GLN A 1 170 ? -7.828  -3.040  16.558  1.00 24.91 ? 170 GLN A CB    1 
ATOM   1359 C CG    . GLN A 1 170 ? -6.372  -3.202  16.342  1.00 25.23 ? 170 GLN A CG    1 
ATOM   1360 C CD    . GLN A 1 170 ? -5.637  -3.202  17.651  1.00 25.65 ? 170 GLN A CD    1 
ATOM   1361 O OE1   . GLN A 1 170 ? -5.661  -2.198  18.345  1.00 25.88 ? 170 GLN A OE1   1 
ATOM   1362 N NE2   . GLN A 1 170 ? -4.952  -4.302  17.957  1.00 26.09 ? 170 GLN A NE2   1 
ATOM   1363 N N     . GLU A 1 171 ? -10.469 -2.758  17.663  1.00 27.17 ? 171 GLU A N     1 
ATOM   1364 C CA    . GLU A 1 171 ? -11.919 -2.599  17.514  1.00 28.01 ? 171 GLU A CA    1 
ATOM   1365 C C     . GLU A 1 171 ? -12.300 -1.152  17.425  1.00 27.79 ? 171 GLU A C     1 
ATOM   1366 O O     . GLU A 1 171 ? -11.888 -0.441  18.327  1.00 27.09 ? 171 GLU A O     1 
ATOM   1367 C CB    . GLU A 1 171 ? -12.542 -3.130  18.787  1.00 29.55 ? 171 GLU A CB    1 
ATOM   1368 C CG    . GLU A 1 171 ? -14.055 -3.267  18.710  1.00 31.36 ? 171 GLU A CG    1 
ATOM   1369 C CD    . GLU A 1 171 ? -14.505 -4.260  19.722  1.00 32.64 ? 171 GLU A CD    1 
ATOM   1370 O OE1   . GLU A 1 171 ? -15.510 -4.844  19.338  1.00 34.30 ? 171 GLU A OE1   1 
ATOM   1371 O OE2   . GLU A 1 171 ? -13.749 -4.371  20.733  1.00 33.06 ? 171 GLU A OE2   1 
ATOM   1372 N N     . GLU A 1 172 ? -13.021 -0.930  16.343  1.00 28.20 ? 172 GLU A N     1 
ATOM   1373 C CA    . GLU A 1 172 ? -13.506 0.427   16.060  1.00 28.92 ? 172 GLU A CA    1 
ATOM   1374 C C     . GLU A 1 172 ? -14.867 0.232   15.408  1.00 29.10 ? 172 GLU A C     1 
ATOM   1375 O O     . GLU A 1 172 ? -15.165 -0.653  14.579  1.00 28.72 ? 172 GLU A O     1 
ATOM   1376 C CB    . GLU A 1 172 ? -12.538 1.110   15.151  1.00 30.53 ? 172 GLU A CB    1 
ATOM   1377 C CG    . GLU A 1 172 ? -11.908 2.454   15.422  1.00 32.29 ? 172 GLU A CG    1 
ATOM   1378 C CD    . GLU A 1 172 ? -10.634 2.794   14.714  1.00 33.74 ? 172 GLU A CD    1 
ATOM   1379 O OE1   . GLU A 1 172 ? -9.755  2.165   14.141  1.00 33.97 ? 172 GLU A OE1   1 
ATOM   1380 O OE2   . GLU A 1 172 ? -10.469 4.039   14.829  1.00 35.41 ? 172 GLU A OE2   1 
ATOM   1381 N N     . LYS A 1 173 ? -15.753 1.073   15.884  1.00 29.12 ? 173 LYS A N     1 
ATOM   1382 C CA    . LYS A 1 173 ? -17.139 1.185   15.453  1.00 29.22 ? 173 LYS A CA    1 
ATOM   1383 C C     . LYS A 1 173 ? -17.850 -0.152  15.444  1.00 28.40 ? 173 LYS A C     1 
ATOM   1384 O O     . LYS A 1 173 ? -18.689 -0.227  14.542  1.00 29.03 ? 173 LYS A O     1 
ATOM   1385 C CB    . LYS A 1 173 ? -17.263 1.691   14.011  1.00 30.11 ? 173 LYS A CB    1 
ATOM   1386 C CG    . LYS A 1 173 ? -16.752 3.141   13.877  1.00 30.83 ? 173 LYS A CG    1 
ATOM   1387 C CD    . LYS A 1 173 ? -16.250 3.290   12.443  1.00 31.91 ? 173 LYS A CD    1 
ATOM   1388 C CE    . LYS A 1 173 ? -16.014 4.709   12.039  1.00 32.63 ? 173 LYS A CE    1 
ATOM   1389 N NZ    . LYS A 1 173 ? -16.741 5.803   12.735  1.00 33.31 ? 173 LYS A NZ    1 
ATOM   1390 N N     . GLY A 1 174 ? -17.511 -1.074  16.306  1.00 27.16 ? 174 GLY A N     1 
ATOM   1391 C CA    . GLY A 1 174 ? -18.170 -2.378  16.371  1.00 25.59 ? 174 GLY A CA    1 
ATOM   1392 C C     . GLY A 1 174 ? -17.682 -3.388  15.365  1.00 24.69 ? 174 GLY A C     1 
ATOM   1393 O O     . GLY A 1 174 ? -18.195 -4.514  15.292  1.00 25.77 ? 174 GLY A O     1 
ATOM   1394 N N     . ILE A 1 175 ? -16.694 -3.139  14.590  1.00 23.57 ? 175 ILE A N     1 
ATOM   1395 C CA    . ILE A 1 175 ? -15.922 -3.806  13.588  1.00 22.47 ? 175 ILE A CA    1 
ATOM   1396 C C     . ILE A 1 175 ? -14.536 -4.119  14.182  1.00 22.48 ? 175 ILE A C     1 
ATOM   1397 O O     . ILE A 1 175 ? -13.832 -3.169  14.516  1.00 24.09 ? 175 ILE A O     1 
ATOM   1398 C CB    . ILE A 1 175 ? -15.657 -2.886  12.334  1.00 21.57 ? 175 ILE A CB    1 
ATOM   1399 C CG1   . ILE A 1 175 ? -16.981 -2.339  11.734  1.00 20.90 ? 175 ILE A CG1   1 
ATOM   1400 C CG2   . ILE A 1 175 ? -14.896 -3.620  11.197  1.00 21.79 ? 175 ILE A CG2   1 
ATOM   1401 C CD1   . ILE A 1 175 ? -16.688 -1.083  10.831  1.00 21.29 ? 175 ILE A CD1   1 
ATOM   1402 N N     . LYS A 1 176 ? -14.152 -5.330  14.295  1.00 22.06 ? 176 LYS A N     1 
ATOM   1403 C CA    . LYS A 1 176 ? -12.904 -5.915  14.779  1.00 21.59 ? 176 LYS A CA    1 
ATOM   1404 C C     . LYS A 1 176 ? -11.992 -6.179  13.545  1.00 20.16 ? 176 LYS A C     1 
ATOM   1405 O O     . LYS A 1 176 ? -12.487 -6.557  12.465  1.00 19.86 ? 176 LYS A O     1 
ATOM   1406 C CB    . LYS A 1 176 ? -13.219 -7.286  15.423  1.00 22.70 ? 176 LYS A CB    1 
ATOM   1407 C CG    . LYS A 1 176 ? -13.874 -7.094  16.845  1.00 23.70 ? 176 LYS A CG    1 
ATOM   1408 C CD    . LYS A 1 176 ? -13.529 -8.397  17.585  1.00 25.58 ? 176 LYS A CD    1 
ATOM   1409 C CE    . LYS A 1 176 ? -14.007 -8.469  19.030  1.00 26.20 ? 176 LYS A CE    1 
ATOM   1410 N NZ    . LYS A 1 176 ? -14.144 -7.083  19.597  1.00 27.91 ? 176 LYS A NZ    1 
ATOM   1411 N N     . TYR A 1 177 ? -10.722 -5.982  13.727  1.00 18.19 ? 177 TYR A N     1 
ATOM   1412 C CA    . TYR A 1 177 ? -9.670  -6.150  12.699  1.00 17.15 ? 177 TYR A CA    1 
ATOM   1413 C C     . TYR A 1 177 ? -8.376  -6.551  13.420  1.00 15.43 ? 177 TYR A C     1 
ATOM   1414 O O     . TYR A 1 177 ? -8.296  -6.344  14.604  1.00 14.69 ? 177 TYR A O     1 
ATOM   1415 C CB    . TYR A 1 177 ? -9.411  -4.908  11.815  1.00 16.10 ? 177 TYR A CB    1 
ATOM   1416 C CG    . TYR A 1 177 ? -9.238  -3.571  12.472  1.00 15.32 ? 177 TYR A CG    1 
ATOM   1417 C CD1   . TYR A 1 177 ? -7.954  -3.119  12.681  1.00 14.85 ? 177 TYR A CD1   1 
ATOM   1418 C CD2   . TYR A 1 177 ? -10.268 -2.684  12.840  1.00 15.01 ? 177 TYR A CD2   1 
ATOM   1419 C CE1   . TYR A 1 177 ? -7.706  -1.869  13.257  1.00 14.35 ? 177 TYR A CE1   1 
ATOM   1420 C CE2   . TYR A 1 177 ? -10.028 -1.478  13.439  1.00 14.04 ? 177 TYR A CE2   1 
ATOM   1421 C CZ    . TYR A 1 177 ? -8.738  -1.061  13.674  1.00 14.41 ? 177 TYR A CZ    1 
ATOM   1422 O OH    . TYR A 1 177 ? -8.389  0.139   14.308  1.00 13.87 ? 177 TYR A OH    1 
ATOM   1423 N N     . LYS A 1 178 ? -7.465  -7.083  12.680  1.00 15.89 ? 178 LYS A N     1 
ATOM   1424 C CA    . LYS A 1 178 ? -6.137  -7.530  13.202  1.00 16.26 ? 178 LYS A CA    1 
ATOM   1425 C C     . LYS A 1 178 ? -5.076  -7.239  12.147  1.00 15.50 ? 178 LYS A C     1 
ATOM   1426 O O     . LYS A 1 178 ? -5.425  -7.148  10.946  1.00 15.27 ? 178 LYS A O     1 
ATOM   1427 C CB    . LYS A 1 178 ? -6.383  -8.967  13.617  1.00 16.74 ? 178 LYS A CB    1 
ATOM   1428 C CG    . LYS A 1 178 ? -6.003  -10.131 12.695  1.00 19.12 ? 178 LYS A CG    1 
ATOM   1429 C CD    . LYS A 1 178 ? -6.770  -11.374 13.245  1.00 19.62 ? 178 LYS A CD    1 
ATOM   1430 C CE    . LYS A 1 178 ? -6.930  -12.405 12.147  1.00 21.62 ? 178 LYS A CE    1 
ATOM   1431 N NZ    . LYS A 1 178 ? -7.485  -13.646 12.874  1.00 21.82 ? 178 LYS A NZ    1 
ATOM   1432 N N     . PHE A 1 179 ? -3.844  -7.054  12.428  1.00 14.30 ? 179 PHE A N     1 
ATOM   1433 C CA    . PHE A 1 179 ? -2.696  -6.730  11.607  1.00 13.93 ? 179 PHE A CA    1 
ATOM   1434 C C     . PHE A 1 179 ? -1.836  -7.986  11.391  1.00 14.80 ? 179 PHE A C     1 
ATOM   1435 O O     . PHE A 1 179 ? -1.549  -8.659  12.387  1.00 14.77 ? 179 PHE A O     1 
ATOM   1436 C CB    . PHE A 1 179 ? -1.890  -5.583  12.198  1.00 13.41 ? 179 PHE A CB    1 
ATOM   1437 C CG    . PHE A 1 179 ? -2.583  -4.268  12.428  1.00 14.42 ? 179 PHE A CG    1 
ATOM   1438 C CD1   . PHE A 1 179 ? -2.861  -3.838  13.726  1.00 14.64 ? 179 PHE A CD1   1 
ATOM   1439 C CD2   . PHE A 1 179 ? -3.020  -3.480  11.352  1.00 14.39 ? 179 PHE A CD2   1 
ATOM   1440 C CE1   . PHE A 1 179 ? -3.498  -2.607  13.952  1.00 15.11 ? 179 PHE A CE1   1 
ATOM   1441 C CE2   . PHE A 1 179 ? -3.748  -2.307  11.543  1.00 14.01 ? 179 PHE A CE2   1 
ATOM   1442 C CZ    . PHE A 1 179 ? -3.950  -1.836  12.862  1.00 13.79 ? 179 PHE A CZ    1 
ATOM   1443 N N     . GLU A 1 180 ? -1.401  -8.201  10.154  1.00 14.45 ? 180 GLU A N     1 
ATOM   1444 C CA    . GLU A 1 180 ? -0.555  -9.358  9.806   1.00 14.77 ? 180 GLU A CA    1 
ATOM   1445 C C     . GLU A 1 180 ? 0.589   -8.902  8.874   1.00 14.88 ? 180 GLU A C     1 
ATOM   1446 O O     . GLU A 1 180 ? 0.378   -7.976  8.011   1.00 14.52 ? 180 GLU A O     1 
ATOM   1447 C CB    . GLU A 1 180 ? -1.375  -10.481 9.224   1.00 16.13 ? 180 GLU A CB    1 
ATOM   1448 C CG    . GLU A 1 180 ? -2.703  -10.922 9.875   1.00 17.23 ? 180 GLU A CG    1 
ATOM   1449 C CD    . GLU A 1 180 ? -3.383  -12.117 9.379   1.00 18.42 ? 180 GLU A CD    1 
ATOM   1450 O OE1   . GLU A 1 180 ? -3.908  -13.057 9.959   1.00 19.16 ? 180 GLU A OE1   1 
ATOM   1451 O OE2   . GLU A 1 180 ? -3.365  -12.241 8.086   1.00 20.13 ? 180 GLU A OE2   1 
ATOM   1452 N N     . VAL A 1 181 ? 1.763   -9.492  9.021   1.00 13.33 ? 181 VAL A N     1 
ATOM   1453 C CA    . VAL A 1 181 ? 2.913   -9.118  8.181   1.00 13.14 ? 181 VAL A CA    1 
ATOM   1454 C C     . VAL A 1 181 ? 3.278   -10.431 7.475   1.00 14.09 ? 181 VAL A C     1 
ATOM   1455 O O     . VAL A 1 181 ? 3.400   -11.417 8.205   1.00 15.64 ? 181 VAL A O     1 
ATOM   1456 C CB    . VAL A 1 181 ? 4.060   -8.413  8.930   1.00 11.76 ? 181 VAL A CB    1 
ATOM   1457 C CG1   . VAL A 1 181 ? 5.186   -7.966  8.019   1.00 8.32  ? 181 VAL A CG1   1 
ATOM   1458 C CG2   . VAL A 1 181 ? 3.614   -7.151  9.721   1.00 10.40 ? 181 VAL A CG2   1 
ATOM   1459 N N     . TYR A 1 182 ? 3.329   -10.462 6.182   1.00 13.73 ? 182 TYR A N     1 
ATOM   1460 C CA    . TYR A 1 182 ? 3.719   -11.621 5.416   1.00 12.95 ? 182 TYR A CA    1 
ATOM   1461 C C     . TYR A 1 182 ? 5.049   -11.210 4.746   1.00 13.71 ? 182 TYR A C     1 
ATOM   1462 O O     . TYR A 1 182 ? 5.208   -10.032 4.402   1.00 13.73 ? 182 TYR A O     1 
ATOM   1463 C CB    . TYR A 1 182 ? 2.788   -12.016 4.287   1.00 11.79 ? 182 TYR A CB    1 
ATOM   1464 C CG    . TYR A 1 182 ? 1.478   -12.547 4.792   1.00 11.28 ? 182 TYR A CG    1 
ATOM   1465 C CD1   . TYR A 1 182 ? 0.580   -11.656 5.373   1.00 10.97 ? 182 TYR A CD1   1 
ATOM   1466 C CD2   . TYR A 1 182 ? 1.207   -13.897 4.809   1.00 11.53 ? 182 TYR A CD2   1 
ATOM   1467 C CE1   . TYR A 1 182 ? -0.655  -12.078 5.746   1.00 11.01 ? 182 TYR A CE1   1 
ATOM   1468 C CE2   . TYR A 1 182 ? -0.018  -14.384 5.241   1.00 11.59 ? 182 TYR A CE2   1 
ATOM   1469 C CZ    . TYR A 1 182 ? -0.905  -13.468 5.708   1.00 11.73 ? 182 TYR A CZ    1 
ATOM   1470 O OH    . TYR A 1 182 ? -2.148  -13.902 6.150   1.00 12.51 ? 182 TYR A OH    1 
ATOM   1471 N N     . GLU A 1 183 ? 5.844   -12.196 4.621   1.00 15.00 ? 183 GLU A N     1 
ATOM   1472 C CA    . GLU A 1 183 ? 7.146   -12.063 3.996   1.00 16.91 ? 183 GLU A CA    1 
ATOM   1473 C C     . GLU A 1 183 ? 7.380   -13.140 2.936   1.00 18.26 ? 183 GLU A C     1 
ATOM   1474 O O     . GLU A 1 183 ? 7.079   -14.302 3.160   1.00 17.12 ? 183 GLU A O     1 
ATOM   1475 C CB    . GLU A 1 183 ? 8.259   -12.170 5.013   1.00 16.29 ? 183 GLU A CB    1 
ATOM   1476 C CG    . GLU A 1 183 ? 9.675   -11.927 4.468   1.00 19.08 ? 183 GLU A CG    1 
ATOM   1477 C CD    . GLU A 1 183 ? 10.626  -11.461 5.541   1.00 20.20 ? 183 GLU A CD    1 
ATOM   1478 O OE1   . GLU A 1 183 ? 11.466  -10.648 5.395   1.00 21.35 ? 183 GLU A OE1   1 
ATOM   1479 O OE2   . GLU A 1 183 ? 10.511  -11.983 6.679   1.00 22.02 ? 183 GLU A OE2   1 
ATOM   1480 N N     . LYS A 1 184 ? 7.992   -12.657 1.885   1.00 20.40 ? 184 LYS A N     1 
ATOM   1481 C CA    . LYS A 1 184 ? 8.373   -13.489 0.768   1.00 23.59 ? 184 LYS A CA    1 
ATOM   1482 C C     . LYS A 1 184 ? 9.802   -13.100 0.375   1.00 26.48 ? 184 LYS A C     1 
ATOM   1483 O O     . LYS A 1 184 ? 10.268  -11.980 0.740   1.00 27.33 ? 184 LYS A O     1 
ATOM   1484 C CB    . LYS A 1 184 ? 7.503   -13.180 -0.436  1.00 23.45 ? 184 LYS A CB    1 
ATOM   1485 C CG    . LYS A 1 184 ? 7.895   -14.045 -1.608  1.00 24.05 ? 184 LYS A CG    1 
ATOM   1486 C CD    . LYS A 1 184 ? 7.190   -13.464 -2.822  1.00 25.19 ? 184 LYS A CD    1 
ATOM   1487 C CE    . LYS A 1 184 ? 8.258   -13.259 -3.933  1.00 24.41 ? 184 LYS A CE    1 
ATOM   1488 N NZ    . LYS A 1 184 ? 7.646   -12.129 -4.653  1.00 25.93 ? 184 LYS A NZ    1 
ATOM   1489 N N     . ASN A 1 185 ? 10.451  -13.958 -0.361  1.00 29.58 ? 185 ASN A N     1 
ATOM   1490 C CA    . ASN A 1 185 ? 11.786  -13.872 -0.932  1.00 32.83 ? 185 ASN A CA    1 
ATOM   1491 C C     . ASN A 1 185 ? 11.934  -14.965 -2.002  1.00 34.76 ? 185 ASN A C     1 
ATOM   1492 O O     . ASN A 1 185 ? 12.029  -16.124 -1.568  1.00 34.99 ? 185 ASN A O     1 
ATOM   1493 C CB    . ASN A 1 185 ? 12.916  -14.035 0.051   1.00 34.25 ? 185 ASN A CB    1 
ATOM   1494 C CG    . ASN A 1 185 ? 14.165  -13.271 -0.340  1.00 35.70 ? 185 ASN A CG    1 
ATOM   1495 O OD1   . ASN A 1 185 ? 15.084  -13.037 0.477   1.00 36.55 ? 185 ASN A OD1   1 
ATOM   1496 N ND2   . ASN A 1 185 ? 14.167  -12.825 -1.595  1.00 36.42 ? 185 ASN A ND2   1 
ATOM   1497 N N     . ASP A 1 186 ? 11.965  -14.615 -3.293  1.00 36.86 ? 186 ASP A N     1 
ATOM   1498 C CA    . ASP A 1 186 ? 12.131  -15.689 -4.300  1.00 38.54 ? 186 ASP A CA    1 
ATOM   1499 C C     . ASP A 1 186 ? 12.455  -15.070 -5.657  1.00 39.84 ? 186 ASP A C     1 
ATOM   1500 O O     . ASP A 1 186 ? 12.316  -15.897 -6.614  1.00 40.69 ? 186 ASP A O     1 
ATOM   1501 C CB    . ASP A 1 186 ? 10.885  -16.578 -4.279  1.00 39.07 ? 186 ASP A CB    1 
ATOM   1502 C CG    . ASP A 1 186 ? 9.800   -15.809 -5.038  1.00 39.89 ? 186 ASP A CG    1 
ATOM   1503 O OD1   . ASP A 1 186 ? 9.983   -14.610 -5.363  1.00 40.52 ? 186 ASP A OD1   1 
ATOM   1504 O OD2   . ASP A 1 186 ? 8.770   -16.453 -5.295  1.00 40.56 ? 186 ASP A OD2   1 
ATOM   1505 O OXT   . ASP A 1 186 ? 12.792  -13.857 -5.715  1.00 40.14 ? 186 ASP A OXT   1 
HETATM 1506 S S     . SO4 B 2 .   ? -5.968  1.224   -9.173  1.00 20.87 ? 188 SO4 A S     1 
HETATM 1507 O O1    . SO4 B 2 .   ? -7.171  0.379   -9.039  1.00 20.49 ? 188 SO4 A O1    1 
HETATM 1508 O O2    . SO4 B 2 .   ? -4.738  0.354   -9.247  1.00 21.12 ? 188 SO4 A O2    1 
HETATM 1509 O O3    . SO4 B 2 .   ? -6.033  1.933   -10.462 1.00 20.80 ? 188 SO4 A O3    1 
HETATM 1510 O O4    . SO4 B 2 .   ? -5.999  2.153   -8.011  1.00 20.37 ? 188 SO4 A O4    1 
HETATM 1511 S S     . SO4 C 2 .   ? -4.419  2.936   -16.557 1.00 45.04 ? 189 SO4 A S     1 
HETATM 1512 O O1    . SO4 C 2 .   ? -3.437  2.872   -17.673 1.00 45.40 ? 189 SO4 A O1    1 
HETATM 1513 O O2    . SO4 C 2 .   ? -4.425  1.552   -16.024 1.00 45.51 ? 189 SO4 A O2    1 
HETATM 1514 O O3    . SO4 C 2 .   ? -5.739  3.403   -17.089 1.00 45.61 ? 189 SO4 A O3    1 
HETATM 1515 O O4    . SO4 C 2 .   ? -4.071  3.936   -15.514 1.00 45.15 ? 189 SO4 A O4    1 
HETATM 1516 N N1    . MXA D 3 .   ? -5.406  1.312   4.958   0.50 2.21  ? 187 MXA A N1    1 
HETATM 1517 C C2    . MXA D 3 .   ? -4.577  0.349   4.661   0.50 2.00  ? 187 MXA A C2    1 
HETATM 1518 N N2    . MXA D 3 .   ? -4.286  -0.537  5.632   0.50 2.00  ? 187 MXA A N2    1 
HETATM 1519 N N3    . MXA D 3 .   ? -4.042  0.140   3.427   0.50 2.00  ? 187 MXA A N3    1 
HETATM 1520 C C4    . MXA D 3 .   ? -4.319  0.935   2.455   0.50 2.38  ? 187 MXA A C4    1 
HETATM 1521 N N4    . MXA D 3 .   ? -3.682  0.594   1.324   0.50 2.06  ? 187 MXA A N4    1 
HETATM 1522 C C4A   . MXA D 3 .   ? -5.167  2.087   2.654   0.50 3.60  ? 187 MXA A C4A   1 
HETATM 1523 C C5    . MXA D 3 .   ? -5.539  3.077   1.735   0.50 5.54  ? 187 MXA A C5    1 
HETATM 1524 C C5M   . MXA D 3 .   ? -5.078  3.119   0.287   0.50 5.83  ? 187 MXA A C5M   1 
HETATM 1525 C C6    . MXA D 3 .   ? -6.387  4.088   2.167   0.50 7.15  ? 187 MXA A C6    1 
HETATM 1526 C C7    . MXA D 3 .   ? -6.807  4.082   3.507   0.50 5.90  ? 187 MXA A C7    1 
HETATM 1527 N N8    . MXA D 3 .   ? -6.494  3.186   4.403   0.50 3.72  ? 187 MXA A N8    1 
HETATM 1528 C C8A   . MXA D 3 .   ? -5.689  2.193   3.987   0.50 3.31  ? 187 MXA A C8A   1 
HETATM 1529 C C9    . MXA D 3 .   ? -6.811  5.237   1.305   0.50 10.20 ? 187 MXA A C9    1 
HETATM 1530 C "C1'" . MXA D 3 .   ? -8.254  5.664   1.208   0.50 12.53 ? 187 MXA A "C1'" 1 
HETATM 1531 C "C2'" . MXA D 3 .   ? -8.714  6.848   1.771   0.50 13.42 ? 187 MXA A "C2'" 1 
HETATM 1532 O "O2'" . MXA D 3 .   ? -7.742  7.588   2.416   0.50 13.85 ? 187 MXA A "O2'" 1 
HETATM 1533 C C21   . MXA D 3 .   ? -8.164  8.728   3.164   0.50 13.61 ? 187 MXA A C21   1 
HETATM 1534 C "C3'" . MXA D 3 .   ? -10.034 7.202   1.613   0.50 14.29 ? 187 MXA A "C3'" 1 
HETATM 1535 C "C4'" . MXA D 3 .   ? -10.912 6.387   0.888   0.50 14.41 ? 187 MXA A "C4'" 1 
HETATM 1536 C "C5'" . MXA D 3 .   ? -10.470 5.240   0.366   0.50 13.91 ? 187 MXA A "C5'" 1 
HETATM 1537 O "O5'" . MXA D 3 .   ? -11.117 4.242   -0.363  0.50 16.10 ? 187 MXA A "O5'" 1 
HETATM 1538 C C51   . MXA D 3 .   ? -10.178 3.255   -0.793  0.50 15.86 ? 187 MXA A C51   1 
HETATM 1539 C "C6'" . MXA D 3 .   ? -9.134  4.897   0.499   0.50 13.52 ? 187 MXA A "C6'" 1 
HETATM 1540 O O     . HOH E 4 .   ? -6.092  -0.449  -0.762  1.00 29.79 ? 190 HOH A O     1 
HETATM 1541 O O     . HOH E 4 .   ? -9.193  -11.444 4.481   1.00 27.09 ? 191 HOH A O     1 
HETATM 1542 O O     . HOH E 4 .   ? -20.371 -9.383  0.388   1.00 41.79 ? 192 HOH A O     1 
HETATM 1543 O O     . HOH E 4 .   ? -18.544 -8.713  -2.210  1.00 33.82 ? 193 HOH A O     1 
HETATM 1544 O O     . HOH E 4 .   ? -19.394 -8.014  -5.239  1.00 22.20 ? 194 HOH A O     1 
HETATM 1545 O O     . HOH E 4 .   ? -22.456 -7.782  3.615   1.00 45.59 ? 195 HOH A O     1 
HETATM 1546 O O     . HOH E 4 .   ? -20.234 -10.823 8.300   1.00 44.84 ? 196 HOH A O     1 
HETATM 1547 O O     . HOH E 4 .   ? -13.991 0.032   -6.367  1.00 25.54 ? 197 HOH A O     1 
HETATM 1548 O O     . HOH E 4 .   ? -15.639 0.407   -9.280  1.00 19.41 ? 198 HOH A O     1 
HETATM 1549 O O     . HOH E 4 .   ? -20.045 -1.007  -8.419  1.00 19.02 ? 199 HOH A O     1 
HETATM 1550 O O     . HOH E 4 .   ? -16.260 6.865   -4.946  1.00 21.78 ? 200 HOH A O     1 
HETATM 1551 O O     . HOH E 4 .   ? -0.466  -2.162  14.564  1.00 28.62 ? 201 HOH A O     1 
HETATM 1552 O O     . HOH E 4 .   ? 2.415   11.590  7.551   1.00 34.59 ? 202 HOH A O     1 
HETATM 1553 O O     . HOH E 4 .   ? 8.419   9.321   3.863   1.00 15.14 ? 203 HOH A O     1 
HETATM 1554 O O     . HOH E 4 .   ? -6.173  18.433  -3.318  1.00 40.49 ? 204 HOH A O     1 
HETATM 1555 O O     . HOH E 4 .   ? 6.744   11.812  -13.806 1.00 26.28 ? 205 HOH A O     1 
HETATM 1556 O O     . HOH E 4 .   ? 7.569   -1.904  -17.867 1.00 57.29 ? 206 HOH A O     1 
HETATM 1557 O O     . HOH E 4 .   ? 18.528  11.341  -12.560 1.00 47.87 ? 207 HOH A O     1 
HETATM 1558 O O     . HOH E 4 .   ? 18.817  14.765  -8.002  1.00 55.39 ? 208 HOH A O     1 
HETATM 1559 O O     . HOH E 4 .   ? 20.029  3.828   -3.070  1.00 40.52 ? 209 HOH A O     1 
HETATM 1560 O O     . HOH E 4 .   ? -10.638 -7.026  -8.515  1.00 18.83 ? 210 HOH A O     1 
HETATM 1561 O O     . HOH E 4 .   ? -0.226  -4.922  9.174   1.00 31.39 ? 211 HOH A O     1 
HETATM 1562 O O     . HOH E 4 .   ? -2.170  -2.776  6.966   1.00 22.55 ? 212 HOH A O     1 
HETATM 1563 O O     . HOH E 4 .   ? -16.494 -7.395  13.305  1.00 52.69 ? 213 HOH A O     1 
HETATM 1564 O O     . HOH E 4 .   ? -26.205 -4.334  -4.373  1.00 31.82 ? 214 HOH A O     1 
HETATM 1565 O O     . HOH E 4 .   ? -6.154  -14.300 -7.511  1.00 44.27 ? 215 HOH A O     1 
HETATM 1566 O O     . HOH E 4 .   ? 0.234   -14.876 -3.711  1.00 18.67 ? 216 HOH A O     1 
HETATM 1567 O O     . HOH E 4 .   ? -5.491  -15.464 -0.002  1.00 33.14 ? 217 HOH A O     1 
HETATM 1568 O O     . HOH E 4 .   ? 2.037   -14.766 -5.579  1.00 32.08 ? 218 HOH A O     1 
HETATM 1569 O O     . HOH E 4 .   ? -2.459  -20.483 0.283   1.00 41.94 ? 219 HOH A O     1 
HETATM 1570 O O     . HOH E 4 .   ? 3.044   -19.699 4.803   1.00 29.65 ? 220 HOH A O     1 
HETATM 1571 O O     . HOH E 4 .   ? 0.409   -18.679 7.131   1.00 33.89 ? 221 HOH A O     1 
HETATM 1572 O O     . HOH E 4 .   ? 5.279   -24.555 0.804   1.00 31.85 ? 222 HOH A O     1 
HETATM 1573 O O     . HOH E 4 .   ? 7.370   -22.764 -2.929  1.00 52.79 ? 223 HOH A O     1 
HETATM 1574 O O     . HOH E 4 .   ? 9.469   -16.829 0.092   1.00 36.63 ? 224 HOH A O     1 
HETATM 1575 O O     . HOH E 4 .   ? 2.621   -11.065 11.762  1.00 21.90 ? 225 HOH A O     1 
HETATM 1576 O O     . HOH E 4 .   ? 2.911   -7.667  15.395  1.00 22.64 ? 226 HOH A O     1 
HETATM 1577 O O     . HOH E 4 .   ? 0.823   -8.845  13.779  1.00 23.15 ? 227 HOH A O     1 
HETATM 1578 O O     . HOH E 4 .   ? 9.082   -11.003 13.031  1.00 24.19 ? 228 HOH A O     1 
HETATM 1579 O O     . HOH E 4 .   ? 9.733   -13.469 15.524  1.00 26.17 ? 229 HOH A O     1 
HETATM 1580 O O     . HOH E 4 .   ? -16.435 9.651   14.427  1.00 44.38 ? 230 HOH A O     1 
HETATM 1581 O O     . HOH E 4 .   ? 16.424  -10.429 1.142   1.00 35.59 ? 231 HOH A O     1 
HETATM 1582 O O     . HOH E 4 .   ? -0.791  2.089   14.727  1.00 52.56 ? 232 HOH A O     1 
HETATM 1583 O O     . HOH E 4 .   ? -4.021  1.425   15.232  1.00 50.14 ? 233 HOH A O     1 
HETATM 1584 O O     . HOH E 4 .   ? 7.759   2.406   8.291   1.00 24.25 ? 234 HOH A O     1 
HETATM 1585 O O     . HOH E 4 .   ? 12.780  12.967  0.361   1.00 48.84 ? 235 HOH A O     1 
HETATM 1586 O O     . HOH E 4 .   ? -5.945  15.160  -8.343  1.00 26.40 ? 236 HOH A O     1 
HETATM 1587 O O     . HOH E 4 .   ? 0.893   17.112  -10.898 1.00 23.28 ? 237 HOH A O     1 
HETATM 1588 O O     . HOH E 4 .   ? -9.685  -3.220  -10.308 1.00 29.83 ? 238 HOH A O     1 
HETATM 1589 O O     . HOH E 4 .   ? -7.127  2.035   -12.915 1.00 26.30 ? 239 HOH A O     1 
HETATM 1590 O O     . HOH E 4 .   ? -8.300  3.397   -14.322 1.00 28.87 ? 240 HOH A O     1 
HETATM 1591 O O     . HOH E 4 .   ? -4.136  -14.461 -14.880 1.00 48.98 ? 241 HOH A O     1 
HETATM 1592 O O     . HOH E 4 .   ? 1.335   -10.452 -12.139 1.00 52.93 ? 242 HOH A O     1 
HETATM 1593 O O     . HOH E 4 .   ? -15.841 -9.950  14.060  1.00 39.38 ? 243 HOH A O     1 
HETATM 1594 O O     . HOH E 4 .   ? -21.978 -5.185  6.007   1.00 40.49 ? 244 HOH A O     1 
HETATM 1595 O O     . HOH E 4 .   ? -1.684  -13.737 -6.724  1.00 32.06 ? 245 HOH A O     1 
HETATM 1596 O O     . HOH E 4 .   ? 9.712   -10.334 18.062  1.00 39.02 ? 246 HOH A O     1 
HETATM 1597 O O     . HOH E 4 .   ? -3.038  -7.448  15.339  1.00 17.75 ? 247 HOH A O     1 
HETATM 1598 O O     . HOH E 4 .   ? 10.704  -9.893  8.401   1.00 28.65 ? 248 HOH A O     1 
HETATM 1599 O O     . HOH E 4 .   ? 14.236  -17.500 -8.384  1.00 47.06 ? 249 HOH A O     1 
HETATM 1600 O O     . HOH E 4 .   ? -8.328  -2.530  -6.635  1.00 35.24 ? 250 HOH A O     1 
HETATM 1601 O O     . HOH E 4 .   ? 2.716   -19.031 7.053   1.00 23.46 ? 251 HOH A O     1 
HETATM 1602 O O     . HOH E 4 .   ? -4.070  -17.043 2.001   1.00 31.78 ? 252 HOH A O     1 
HETATM 1603 O O     . HOH E 4 .   ? -13.118 -13.089 -2.961  1.00 38.90 ? 253 HOH A O     1 
HETATM 1604 O O     . HOH E 4 .   ? -9.718  -2.114  20.141  1.00 34.97 ? 254 HOH A O     1 
HETATM 1605 O O     . HOH E 4 .   ? 11.300  -5.793  0.726   1.00 30.14 ? 255 HOH A O     1 
HETATM 1606 O O     . HOH E 4 .   ? 10.340  -16.129 14.695  1.00 40.70 ? 256 HOH A O     1 
HETATM 1607 O O     . HOH E 4 .   ? 6.384   -7.121  -10.862 1.00 38.36 ? 257 HOH A O     1 
# 
